data_6XLH
#
_entry.id   6XLH
#
_cell.length_a   1.00
_cell.length_b   1.00
_cell.length_c   1.00
_cell.angle_alpha   90.00
_cell.angle_beta   90.00
_cell.angle_gamma   90.00
#
_symmetry.space_group_name_H-M   'P 1'
#
loop_
_entity.id
_entity.type
_entity.pdbx_description
1 polymer 'ATP-dependent molecular chaperone HSC82'
2 polymer 'Hsp90 co-chaperone AHA1'
3 non-polymer 'PHOSPHOTHIOPHOSPHORIC ACID-ADENYLATE ESTER'
4 non-polymer 'MAGNESIUM ION'
5 non-polymer 'POTASSIUM ION'
6 non-polymer "ADENOSINE-5'-DIPHOSPHATE"
#
loop_
_entity_poly.entity_id
_entity_poly.type
_entity_poly.pdbx_seq_one_letter_code
_entity_poly.pdbx_strand_id
1 'polypeptide(L)'
;MAGETFEFQAEITQLMSLIINTVYSNKEIFLRELISNASDALDKIRYQALSDPKQLETEPDLFIRITPKPEEKVLEIRDS
GIGMTKAELINNLGTIAKSGTKAFMEALSAGADVSMIGQFGVGFYSLFLVADRVQVISKNNEDEQYIWESNAGGSFTVTL
DEVNERIGRGTVLRLFLKDDQLEYLEEKRIKEVIKRHSEFVAYPIQLLVTKEVEKEVPIPEEEKKDEEKKDEDDKKPKLE
EVDEEEEEKKPKTKKVKEEVQELEELNKTKPLWTRNPSDITQEEYNAFYKSISNDWEDPLYVKHFSVEGQLEFRAILFIP
KRAPFDLFESKKKKNNIKLYVRRVFITDEAEDLIPEWLSFVKGVVDSEDLPLNLSREMLQQNKIMKVIRKNIVKKLIEAF
NEIAEDSEQFDKFYSAFAKNIKLGVHEDTQNRAALAKLLRYNSTKSVDELTSLTDYVTRMPEHQKNIYYITGESLKAVEK
SPFLDALKAKNFEVLFLTDPIDEYAFTQLKEFEGKTLVDITKDFELEETDEEKAEREKEIKEYEPLTKALKDILGDQVEK
VVVSYKLLDAPAAIRTGQFGWSANMERIMKAQALRDSSMSSYMSSKKTFEISPKSPIIKELKKRVDEGGAQDKTVKDLTN
LLFETALLTSGFSLEEPTSFASRINRLISLGLNIDEDEETETAPEASTEAPVEEVPADTEMEEVD
;
A,B
2 'polypeptide(L)'
;MVVNNPNNWHWVDKNCIGWAKEYFKQKLVGVEAGSVKDKKYAKIKSVSSIEGDCEVNQRKGKVISLFDLKITVLIEGHVD
SKDGSALPFEGSINVPEVAFDSEASSYQFDISIFKETSELSEAKPLIRSELLPKLRQIFQQFGKDLLATHGNDIQVPESQ
VKSNYTRGNQKSSFTEIKDSASKPKKNALPSSTSTSAPVSSTNKVPQNGSGNSTSIYLEPTFNVPSSELYETFLDKQRIL
AWTRSAQFFNSGPKLETKEKFELFGGNVISELVSCEKDKKLVFHWKLKDWSAPFNSTIEMTFHESQEFHETKLQVKWTGI
PVGEEDRVRANFEEYYVRSIKLTFGFGAVL
;
C,D
#
# COMPACT_ATOMS: atom_id res chain seq x y z
N GLY A 3 -5.14 58.47 -5.17
CA GLY A 3 -5.40 57.19 -5.79
C GLY A 3 -6.84 56.74 -5.67
N GLU A 4 -7.42 56.33 -6.79
CA GLU A 4 -8.80 55.88 -6.79
C GLU A 4 -8.91 54.51 -6.12
N THR A 5 -10.01 54.30 -5.40
CA THR A 5 -10.28 53.06 -4.68
C THR A 5 -11.41 52.32 -5.39
N PHE A 6 -11.07 51.26 -6.11
CA PHE A 6 -12.06 50.46 -6.82
C PHE A 6 -12.54 49.32 -5.93
N GLU A 7 -13.34 48.42 -6.50
CA GLU A 7 -13.85 47.26 -5.78
C GLU A 7 -13.58 46.01 -6.60
N PHE A 8 -13.58 44.86 -5.90
CA PHE A 8 -13.34 43.60 -6.57
C PHE A 8 -14.55 43.17 -7.37
N GLN A 9 -14.32 42.72 -8.59
CA GLN A 9 -15.36 42.25 -9.49
C GLN A 9 -15.30 40.72 -9.61
N ALA A 10 -16.16 40.18 -10.46
CA ALA A 10 -16.21 38.73 -10.68
C ALA A 10 -16.62 38.47 -12.11
N GLU A 11 -15.84 37.64 -12.80
CA GLU A 11 -16.13 37.26 -14.18
C GLU A 11 -17.10 36.09 -14.15
N ILE A 12 -18.39 36.38 -14.35
CA ILE A 12 -19.42 35.37 -14.21
C ILE A 12 -19.26 34.29 -15.28
N THR A 13 -18.91 34.68 -16.51
CA THR A 13 -18.74 33.71 -17.59
C THR A 13 -17.57 32.76 -17.33
N GLN A 14 -16.61 33.15 -16.51
CA GLN A 14 -15.48 32.29 -16.17
C GLN A 14 -15.55 31.70 -14.78
N LEU A 15 -16.16 32.43 -13.81
CA LEU A 15 -16.29 31.89 -12.46
C LEU A 15 -17.21 30.68 -12.44
N MET A 16 -18.31 30.74 -13.19
CA MET A 16 -19.22 29.59 -13.27
C MET A 16 -18.50 28.34 -13.77
N SER A 17 -17.61 28.50 -14.75
CA SER A 17 -16.85 27.36 -15.26
C SER A 17 -15.94 26.79 -14.18
N LEU A 18 -15.45 27.63 -13.27
CA LEU A 18 -14.59 27.12 -12.20
C LEU A 18 -15.38 26.33 -11.18
N ILE A 19 -16.67 26.62 -11.02
CA ILE A 19 -17.53 25.90 -10.09
C ILE A 19 -18.36 24.82 -10.78
N ILE A 20 -18.21 24.67 -12.09
CA ILE A 20 -18.90 23.63 -12.84
C ILE A 20 -17.93 22.57 -13.36
N ASN A 21 -16.77 23.00 -13.87
CA ASN A 21 -15.85 22.05 -14.49
C ASN A 21 -14.87 21.44 -13.49
N THR A 22 -14.02 22.26 -12.90
CA THR A 22 -13.01 21.80 -11.96
C THR A 22 -13.25 22.46 -10.61
N VAL A 23 -14.22 21.93 -9.86
CA VAL A 23 -14.40 22.31 -8.47
C VAL A 23 -14.55 21.04 -7.63
N TYR A 24 -14.82 19.92 -8.30
CA TYR A 24 -15.08 18.64 -7.63
C TYR A 24 -14.35 17.53 -8.39
N SER A 25 -13.30 16.98 -7.80
CA SER A 25 -12.61 15.80 -8.32
C SER A 25 -13.58 14.73 -8.79
N ASN A 26 -14.45 14.27 -7.89
CA ASN A 26 -15.46 13.27 -8.22
C ASN A 26 -16.78 13.94 -8.58
N LYS A 27 -17.57 13.23 -9.38
CA LYS A 27 -18.87 13.71 -9.86
C LYS A 27 -20.03 13.23 -9.01
N GLU A 28 -19.83 12.24 -8.14
CA GLU A 28 -20.91 11.79 -7.27
C GLU A 28 -21.19 12.75 -6.12
N ILE A 29 -20.42 13.84 -6.01
CA ILE A 29 -20.60 14.80 -4.94
C ILE A 29 -21.89 15.58 -5.09
N PHE A 30 -22.47 15.62 -6.30
CA PHE A 30 -23.68 16.40 -6.53
C PHE A 30 -24.84 15.89 -5.69
N LEU A 31 -24.91 14.57 -5.49
CA LEU A 31 -26.02 14.01 -4.72
C LEU A 31 -25.89 14.34 -3.23
N ARG A 32 -24.66 14.33 -2.72
CA ARG A 32 -24.45 14.63 -1.31
C ARG A 32 -24.80 16.09 -0.99
N GLU A 33 -24.35 17.01 -1.83
CA GLU A 33 -24.60 18.43 -1.58
C GLU A 33 -26.05 18.83 -1.86
N LEU A 34 -26.83 18.00 -2.55
CA LEU A 34 -28.24 18.27 -2.72
C LEU A 34 -29.08 17.69 -1.57
N ILE A 35 -28.70 16.51 -1.08
CA ILE A 35 -29.35 15.96 0.10
C ILE A 35 -29.06 16.83 1.31
N SER A 36 -27.82 17.32 1.42
CA SER A 36 -27.45 18.20 2.52
C SER A 36 -28.20 19.53 2.45
N ASN A 37 -28.48 20.02 1.23
CA ASN A 37 -29.29 21.23 1.09
C ASN A 37 -30.74 20.96 1.45
N ALA A 38 -31.21 19.73 1.26
CA ALA A 38 -32.58 19.39 1.64
C ALA A 38 -32.73 19.25 3.15
N SER A 39 -31.70 18.73 3.82
CA SER A 39 -31.74 18.63 5.27
C SER A 39 -31.70 20.00 5.93
N ASP A 40 -30.99 20.96 5.33
CA ASP A 40 -30.95 22.31 5.88
C ASP A 40 -32.30 22.99 5.80
N ALA A 41 -33.01 22.81 4.68
CA ALA A 41 -34.34 23.38 4.54
C ALA A 41 -35.32 22.74 5.52
N LEU A 42 -35.15 21.44 5.79
CA LEU A 42 -35.99 20.78 6.79
C LEU A 42 -35.71 21.29 8.19
N ASP A 43 -34.46 21.68 8.47
CA ASP A 43 -34.14 22.26 9.77
C ASP A 43 -34.74 23.65 9.93
N LYS A 44 -34.85 24.41 8.84
CA LYS A 44 -35.44 25.74 8.92
C LYS A 44 -36.92 25.68 9.24
N ILE A 45 -37.66 24.79 8.57
CA ILE A 45 -39.09 24.69 8.83
C ILE A 45 -39.35 24.02 10.18
N ARG A 46 -38.43 23.18 10.64
CA ARG A 46 -38.59 22.58 11.96
C ARG A 46 -38.37 23.59 13.06
N TYR A 47 -37.42 24.50 12.87
CA TYR A 47 -37.18 25.56 13.85
C TYR A 47 -38.35 26.53 13.93
N GLN A 48 -39.01 26.77 12.80
CA GLN A 48 -40.18 27.65 12.80
C GLN A 48 -41.44 26.94 13.30
N ALA A 49 -41.48 25.61 13.22
CA ALA A 49 -42.63 24.88 13.73
C ALA A 49 -42.73 24.95 15.26
N LEU A 50 -41.58 25.12 15.92
CA LEU A 50 -41.60 25.23 17.38
C LEU A 50 -42.22 26.54 17.83
N SER A 51 -42.14 27.59 17.00
CA SER A 51 -42.74 28.87 17.32
C SER A 51 -44.06 29.11 16.61
N ASP A 52 -44.32 28.44 15.50
CA ASP A 52 -45.56 28.59 14.74
C ASP A 52 -45.94 27.23 14.18
N PRO A 53 -46.89 26.53 14.81
CA PRO A 53 -47.30 25.21 14.29
C PRO A 53 -47.99 25.27 12.93
N LYS A 54 -48.51 26.44 12.53
CA LYS A 54 -49.18 26.54 11.24
C LYS A 54 -48.21 26.44 10.07
N GLN A 55 -46.91 26.69 10.30
CA GLN A 55 -45.93 26.56 9.23
C GLN A 55 -45.73 25.11 8.83
N LEU A 56 -45.86 24.18 9.78
CA LEU A 56 -45.73 22.75 9.51
C LEU A 56 -47.08 22.08 9.31
N GLU A 57 -48.12 22.86 9.00
CA GLU A 57 -49.46 22.31 8.81
C GLU A 57 -49.73 21.91 7.38
N THR A 58 -49.12 22.57 6.40
CA THR A 58 -49.32 22.22 5.01
C THR A 58 -48.78 20.82 4.71
N GLU A 59 -47.49 20.60 4.94
CA GLU A 59 -46.84 19.31 4.76
C GLU A 59 -46.23 18.90 6.09
N PRO A 60 -46.96 18.21 6.95
CA PRO A 60 -46.41 17.86 8.27
C PRO A 60 -45.36 16.75 8.20
N ASP A 61 -45.43 15.88 7.20
CA ASP A 61 -44.47 14.78 7.08
C ASP A 61 -43.17 15.30 6.48
N LEU A 62 -42.09 15.20 7.23
CA LEU A 62 -40.77 15.63 6.78
C LEU A 62 -40.03 14.45 6.18
N PHE A 63 -39.60 14.58 4.92
CA PHE A 63 -38.94 13.50 4.23
C PHE A 63 -38.11 14.07 3.08
N ILE A 64 -37.27 13.22 2.51
CA ILE A 64 -36.46 13.54 1.35
C ILE A 64 -36.66 12.42 0.34
N ARG A 65 -37.36 12.72 -0.75
CA ARG A 65 -37.74 11.71 -1.75
C ARG A 65 -36.89 11.87 -3.00
N ILE A 66 -36.39 10.75 -3.51
CA ILE A 66 -35.61 10.71 -4.75
C ILE A 66 -36.34 9.78 -5.72
N THR A 67 -36.64 10.29 -6.90
CA THR A 67 -37.39 9.55 -7.91
C THR A 67 -36.62 9.55 -9.22
N PRO A 68 -35.94 8.46 -9.56
CA PRO A 68 -35.27 8.38 -10.85
C PRO A 68 -36.24 8.03 -11.98
N LYS A 69 -36.04 8.67 -13.13
CA LYS A 69 -36.89 8.47 -14.30
C LYS A 69 -35.99 8.15 -15.50
N PRO A 70 -35.82 6.86 -15.83
CA PRO A 70 -34.95 6.52 -16.98
C PRO A 70 -35.60 6.76 -18.33
N GLU A 71 -36.91 6.93 -18.40
CA GLU A 71 -37.57 7.12 -19.69
C GLU A 71 -37.26 8.50 -20.27
N GLU A 72 -37.23 9.53 -19.42
CA GLU A 72 -36.94 10.89 -19.87
C GLU A 72 -35.64 11.44 -19.29
N LYS A 73 -34.86 10.60 -18.60
CA LYS A 73 -33.56 10.97 -18.06
C LYS A 73 -33.67 12.17 -17.11
N VAL A 74 -34.50 12.01 -16.09
CA VAL A 74 -34.74 13.04 -15.10
C VAL A 74 -34.55 12.43 -13.71
N LEU A 75 -33.69 13.04 -12.92
CA LEU A 75 -33.46 12.63 -11.53
C LEU A 75 -34.15 13.64 -10.63
N GLU A 76 -35.30 13.25 -10.08
CA GLU A 76 -36.11 14.14 -9.25
C GLU A 76 -35.73 13.96 -7.79
N ILE A 77 -35.49 15.08 -7.10
CA ILE A 77 -35.18 15.10 -5.68
C ILE A 77 -36.14 16.07 -5.02
N ARG A 78 -37.12 15.53 -4.29
CA ARG A 78 -38.15 16.32 -3.64
C ARG A 78 -37.92 16.35 -2.13
N ASP A 79 -38.05 17.54 -1.54
CA ASP A 79 -37.94 17.73 -0.11
C ASP A 79 -39.12 18.56 0.38
N SER A 80 -39.45 18.39 1.66
CA SER A 80 -40.55 19.10 2.29
C SER A 80 -40.04 20.19 3.24
N GLY A 81 -38.96 20.85 2.86
CA GLY A 81 -38.36 21.87 3.71
C GLY A 81 -39.15 23.16 3.78
N ILE A 82 -38.47 24.26 4.14
CA ILE A 82 -39.15 25.54 4.25
C ILE A 82 -39.51 26.08 2.88
N GLY A 83 -38.75 25.74 1.85
CA GLY A 83 -38.99 26.25 0.51
C GLY A 83 -38.36 27.61 0.29
N MET A 84 -38.42 28.06 -0.96
CA MET A 84 -37.84 29.33 -1.36
C MET A 84 -38.89 30.17 -2.09
N THR A 85 -38.94 31.45 -1.76
CA THR A 85 -39.85 32.38 -2.41
C THR A 85 -39.29 32.81 -3.77
N LYS A 86 -39.99 33.75 -4.42
CA LYS A 86 -39.50 34.25 -5.69
C LYS A 86 -38.22 35.05 -5.52
N ALA A 87 -38.10 35.78 -4.40
CA ALA A 87 -36.88 36.55 -4.15
C ALA A 87 -35.72 35.64 -3.75
N GLU A 88 -35.99 34.54 -3.06
CA GLU A 88 -34.92 33.64 -2.65
C GLU A 88 -34.33 32.89 -3.84
N LEU A 89 -35.12 32.62 -4.87
CA LEU A 89 -34.59 31.99 -6.07
C LEU A 89 -33.64 32.89 -6.84
N ILE A 90 -33.74 34.20 -6.64
CA ILE A 90 -32.86 35.15 -7.33
C ILE A 90 -31.62 35.46 -6.51
N ASN A 91 -31.78 35.61 -5.19
CA ASN A 91 -30.66 35.95 -4.31
C ASN A 91 -29.95 34.71 -3.78
N ASN A 92 -30.69 33.84 -3.10
CA ASN A 92 -30.07 32.66 -2.49
C ASN A 92 -29.73 31.59 -3.51
N LEU A 93 -30.46 31.51 -4.63
CA LEU A 93 -30.24 30.49 -5.64
C LEU A 93 -29.82 31.10 -6.98
N GLY A 94 -29.37 32.35 -6.98
CA GLY A 94 -28.96 33.00 -8.22
C GLY A 94 -27.72 33.84 -8.07
N THR A 95 -27.13 33.85 -6.88
CA THR A 95 -25.91 34.60 -6.61
C THR A 95 -24.82 33.66 -6.13
N ILE A 96 -23.65 33.76 -6.75
CA ILE A 96 -22.53 32.90 -6.39
C ILE A 96 -22.02 33.29 -5.01
N ALA A 97 -21.65 32.27 -4.22
CA ALA A 97 -21.13 32.40 -2.86
C ALA A 97 -22.13 33.00 -1.88
N LYS A 98 -23.41 33.11 -2.27
CA LYS A 98 -24.45 33.59 -1.37
C LYS A 98 -25.10 32.40 -0.69
N SER A 99 -24.98 32.33 0.63
CA SER A 99 -25.50 31.22 1.42
C SER A 99 -26.65 31.75 2.29
N GLY A 100 -27.88 31.43 1.90
CA GLY A 100 -29.02 31.80 2.70
C GLY A 100 -29.11 31.00 3.99
N THR A 101 -28.54 29.80 4.00
CA THR A 101 -28.53 29.00 5.23
C THR A 101 -27.62 29.64 6.29
N LYS A 102 -26.44 30.09 5.89
CA LYS A 102 -25.56 30.77 6.83
C LYS A 102 -26.16 32.10 7.29
N ALA A 103 -26.87 32.79 6.40
CA ALA A 103 -27.57 34.00 6.80
C ALA A 103 -28.70 33.71 7.77
N PHE A 104 -29.26 32.49 7.71
CA PHE A 104 -30.30 32.10 8.66
C PHE A 104 -29.70 31.68 10.00
N MET A 105 -28.48 31.12 9.99
CA MET A 105 -27.84 30.72 11.24
C MET A 105 -27.42 31.93 12.07
N GLU A 106 -26.90 32.97 11.41
CA GLU A 106 -26.47 34.16 12.13
C GLU A 106 -27.62 34.98 12.67
N ALA A 107 -28.86 34.68 12.28
CA ALA A 107 -30.03 35.38 12.77
C ALA A 107 -30.80 34.60 13.83
N LEU A 108 -30.21 33.51 14.34
CA LEU A 108 -30.85 32.71 15.36
C LEU A 108 -30.60 33.33 16.74
N SER A 109 -31.00 32.62 17.80
CA SER A 109 -30.79 33.07 19.16
C SER A 109 -29.57 32.40 19.76
N ALA A 110 -29.25 32.78 21.00
CA ALA A 110 -28.10 32.22 21.69
C ALA A 110 -28.41 30.81 22.18
N GLY A 111 -27.47 29.89 21.96
CA GLY A 111 -27.63 28.53 22.39
C GLY A 111 -28.68 27.77 21.60
N ALA A 112 -28.46 27.60 20.31
CA ALA A 112 -29.39 26.89 19.44
C ALA A 112 -29.02 25.42 19.35
N ASP A 113 -30.04 24.59 19.17
CA ASP A 113 -29.85 23.14 19.06
C ASP A 113 -29.86 22.65 17.62
N VAL A 114 -29.92 23.55 16.64
CA VAL A 114 -29.93 23.19 15.23
C VAL A 114 -28.54 23.40 14.66
N SER A 115 -28.04 22.42 13.91
CA SER A 115 -26.72 22.46 13.30
C SER A 115 -26.88 22.24 11.79
N MET A 116 -26.99 23.34 11.05
CA MET A 116 -27.17 23.27 9.61
C MET A 116 -25.83 23.08 8.90
N ILE A 117 -25.91 22.74 7.62
CA ILE A 117 -24.73 22.37 6.84
C ILE A 117 -24.28 23.50 5.92
N GLY A 118 -25.22 24.15 5.25
CA GLY A 118 -24.88 25.18 4.28
C GLY A 118 -24.18 26.38 4.87
N GLN A 119 -22.89 26.55 4.55
CA GLN A 119 -22.12 27.66 5.07
C GLN A 119 -21.39 28.42 3.96
N PHE A 120 -21.06 27.73 2.87
CA PHE A 120 -20.28 28.36 1.81
C PHE A 120 -21.15 29.15 0.84
N GLY A 121 -22.04 28.47 0.13
CA GLY A 121 -22.91 29.12 -0.83
C GLY A 121 -22.68 28.75 -2.29
N VAL A 122 -21.87 27.72 -2.57
CA VAL A 122 -21.59 27.30 -3.94
C VAL A 122 -21.89 25.81 -4.06
N GLY A 123 -22.60 25.26 -3.07
CA GLY A 123 -22.91 23.84 -3.07
C GLY A 123 -24.01 23.44 -4.02
N PHE A 124 -24.83 24.39 -4.47
CA PHE A 124 -25.92 24.07 -5.38
C PHE A 124 -25.43 23.80 -6.80
N TYR A 125 -24.30 24.38 -7.19
CA TYR A 125 -23.79 24.24 -8.55
C TYR A 125 -23.13 22.89 -8.82
N SER A 126 -23.22 21.95 -7.87
CA SER A 126 -22.62 20.64 -8.07
C SER A 126 -23.41 19.79 -9.04
N LEU A 127 -24.72 20.01 -9.13
CA LEU A 127 -25.58 19.17 -9.97
C LEU A 127 -25.27 19.32 -11.45
N PHE A 128 -24.60 20.40 -11.85
CA PHE A 128 -24.26 20.59 -13.26
C PHE A 128 -23.15 19.66 -13.73
N LEU A 129 -22.47 18.96 -12.81
CA LEU A 129 -21.47 17.98 -13.21
C LEU A 129 -22.10 16.80 -13.95
N VAL A 130 -23.34 16.47 -13.61
CA VAL A 130 -24.03 15.35 -14.23
C VAL A 130 -25.26 15.75 -15.03
N ALA A 131 -25.76 16.97 -14.87
CA ALA A 131 -26.93 17.44 -15.58
C ALA A 131 -26.57 18.63 -16.47
N ASP A 132 -27.29 18.75 -17.59
CA ASP A 132 -27.10 19.87 -18.49
C ASP A 132 -28.03 21.03 -18.20
N ARG A 133 -29.20 20.76 -17.62
CA ARG A 133 -30.13 21.80 -17.21
C ARG A 133 -30.97 21.27 -16.06
N VAL A 134 -31.26 22.13 -15.09
CA VAL A 134 -31.99 21.78 -13.89
C VAL A 134 -33.27 22.61 -13.83
N GLN A 135 -34.37 21.97 -13.43
CA GLN A 135 -35.67 22.62 -13.28
C GLN A 135 -36.06 22.54 -11.80
N VAL A 136 -35.73 23.58 -11.05
CA VAL A 136 -36.00 23.62 -9.62
C VAL A 136 -37.43 24.12 -9.40
N ILE A 137 -38.23 23.33 -8.71
CA ILE A 137 -39.61 23.67 -8.38
C ILE A 137 -39.68 23.89 -6.88
N SER A 138 -39.85 25.15 -6.48
CA SER A 138 -39.91 25.52 -5.07
C SER A 138 -41.30 26.01 -4.70
N LYS A 139 -41.60 25.94 -3.40
CA LYS A 139 -42.89 26.38 -2.88
C LYS A 139 -42.72 26.77 -1.43
N ASN A 140 -43.03 28.03 -1.11
CA ASN A 140 -42.93 28.55 0.24
C ASN A 140 -44.32 28.85 0.78
N ASN A 141 -44.40 29.00 2.10
CA ASN A 141 -45.69 29.28 2.73
C ASN A 141 -46.16 30.70 2.44
N GLU A 142 -45.24 31.66 2.42
CA GLU A 142 -45.57 33.07 2.21
C GLU A 142 -45.38 33.50 0.75
N ASP A 143 -45.49 32.56 -0.19
CA ASP A 143 -45.34 32.86 -1.60
C ASP A 143 -45.97 31.74 -2.41
N GLU A 144 -46.02 31.94 -3.72
CA GLU A 144 -46.58 30.96 -4.63
C GLU A 144 -45.52 29.94 -5.04
N GLN A 145 -45.89 29.04 -5.94
CA GLN A 145 -45.00 28.01 -6.44
C GLN A 145 -44.35 28.50 -7.73
N TYR A 146 -43.02 28.54 -7.76
CA TYR A 146 -42.26 29.05 -8.90
C TYR A 146 -41.36 27.96 -9.45
N ILE A 147 -40.77 28.24 -10.61
CA ILE A 147 -39.87 27.33 -11.30
C ILE A 147 -38.56 28.05 -11.57
N TRP A 148 -37.45 27.41 -11.19
CA TRP A 148 -36.11 27.95 -11.41
C TRP A 148 -35.40 27.08 -12.43
N GLU A 149 -35.24 27.61 -13.65
CA GLU A 149 -34.60 26.89 -14.74
C GLU A 149 -33.28 27.56 -15.11
N SER A 150 -32.26 26.73 -15.39
CA SER A 150 -30.96 27.21 -15.82
C SER A 150 -30.27 26.12 -16.61
N ASN A 151 -29.36 26.52 -17.47
CA ASN A 151 -28.61 25.61 -18.34
C ASN A 151 -27.11 25.74 -18.11
N ALA A 152 -26.72 25.93 -16.86
CA ALA A 152 -25.32 26.01 -16.42
C ALA A 152 -24.55 27.15 -17.08
N GLY A 153 -25.23 28.05 -17.78
CA GLY A 153 -24.54 29.13 -18.45
C GLY A 153 -24.34 30.34 -17.57
N GLY A 154 -24.69 31.51 -18.08
CA GLY A 154 -24.59 32.75 -17.33
C GLY A 154 -25.90 33.42 -16.99
N SER A 155 -27.03 32.80 -17.30
CA SER A 155 -28.34 33.38 -17.00
C SER A 155 -29.31 32.27 -16.64
N PHE A 156 -30.36 32.65 -15.91
CA PHE A 156 -31.39 31.72 -15.49
C PHE A 156 -32.76 32.37 -15.64
N THR A 157 -33.79 31.54 -15.65
CA THR A 157 -35.16 31.99 -15.83
C THR A 157 -36.00 31.57 -14.64
N VAL A 158 -36.81 32.49 -14.12
CA VAL A 158 -37.71 32.22 -13.00
C VAL A 158 -39.13 32.44 -13.50
N THR A 159 -39.88 31.36 -13.65
CA THR A 159 -41.24 31.40 -14.18
C THR A 159 -42.20 30.82 -13.16
N LEU A 160 -43.40 31.41 -13.08
CA LEU A 160 -44.42 30.94 -12.17
C LEU A 160 -44.90 29.55 -12.58
N ASP A 161 -44.99 28.64 -11.61
CA ASP A 161 -45.38 27.26 -11.90
C ASP A 161 -46.87 27.19 -12.15
N GLU A 162 -47.25 26.80 -13.37
CA GLU A 162 -48.66 26.63 -13.72
C GLU A 162 -48.91 25.37 -14.53
N VAL A 163 -47.90 24.52 -14.72
CA VAL A 163 -48.06 23.30 -15.51
C VAL A 163 -47.65 22.04 -14.76
N ASN A 164 -46.90 22.16 -13.66
CA ASN A 164 -46.47 20.99 -12.91
C ASN A 164 -47.45 20.70 -11.76
N GLU A 165 -47.21 19.59 -11.06
CA GLU A 165 -48.07 19.22 -9.96
C GLU A 165 -47.90 20.17 -8.78
N ARG A 166 -49.02 20.52 -8.15
CA ARG A 166 -48.99 21.43 -7.01
C ARG A 166 -48.50 20.71 -5.76
N ILE A 167 -47.51 21.28 -5.09
CA ILE A 167 -46.95 20.71 -3.88
C ILE A 167 -47.31 21.60 -2.69
N GLY A 168 -47.37 20.99 -1.52
CA GLY A 168 -47.72 21.72 -0.31
C GLY A 168 -46.63 22.69 0.14
N ARG A 169 -45.44 22.17 0.41
CA ARG A 169 -44.33 22.99 0.86
C ARG A 169 -43.04 22.23 0.63
N GLY A 170 -42.00 22.96 0.21
CA GLY A 170 -40.70 22.34 -0.02
C GLY A 170 -40.05 22.78 -1.32
N THR A 171 -39.18 21.93 -1.86
CA THR A 171 -38.47 22.24 -3.09
C THR A 171 -38.26 20.95 -3.87
N VAL A 172 -38.56 21.00 -5.17
CA VAL A 172 -38.41 19.85 -6.07
C VAL A 172 -37.36 20.21 -7.10
N LEU A 173 -36.36 19.35 -7.25
CA LEU A 173 -35.26 19.55 -8.17
C LEU A 173 -35.32 18.49 -9.27
N ARG A 174 -35.52 18.93 -10.51
CA ARG A 174 -35.55 18.03 -11.66
C ARG A 174 -34.21 18.12 -12.38
N LEU A 175 -33.41 17.07 -12.27
CA LEU A 175 -32.06 17.04 -12.83
C LEU A 175 -32.10 16.26 -14.14
N PHE A 176 -32.05 16.98 -15.26
CA PHE A 176 -31.95 16.36 -16.58
C PHE A 176 -30.52 15.89 -16.78
N LEU A 177 -30.26 14.62 -16.49
CA LEU A 177 -28.89 14.11 -16.55
C LEU A 177 -28.39 14.08 -17.98
N LYS A 178 -27.06 14.12 -18.12
CA LYS A 178 -26.42 14.12 -19.42
C LYS A 178 -26.46 12.72 -20.03
N ASP A 179 -25.87 12.59 -21.23
CA ASP A 179 -25.86 11.30 -21.90
C ASP A 179 -24.86 10.35 -21.27
N ASP A 180 -23.73 10.86 -20.78
CA ASP A 180 -22.71 10.02 -20.17
C ASP A 180 -22.92 9.80 -18.68
N GLN A 181 -23.78 10.61 -18.04
CA GLN A 181 -24.03 10.51 -16.61
C GLN A 181 -25.36 9.84 -16.29
N LEU A 182 -25.77 8.88 -17.11
CA LEU A 182 -27.02 8.16 -16.89
C LEU A 182 -26.90 7.07 -15.84
N GLU A 183 -25.71 6.88 -15.26
CA GLU A 183 -25.54 5.85 -14.24
C GLU A 183 -26.29 6.18 -12.95
N TYR A 184 -26.58 7.45 -12.71
CA TYR A 184 -27.28 7.87 -11.49
C TYR A 184 -28.79 7.67 -11.57
N LEU A 185 -29.29 7.03 -12.63
CA LEU A 185 -30.69 6.69 -12.74
C LEU A 185 -30.98 5.26 -12.28
N GLU A 186 -29.97 4.53 -11.85
CA GLU A 186 -30.12 3.15 -11.41
C GLU A 186 -30.20 3.09 -9.88
N GLU A 187 -30.70 1.95 -9.38
CA GLU A 187 -30.84 1.78 -7.94
C GLU A 187 -29.48 1.59 -7.26
N LYS A 188 -28.49 1.07 -8.00
CA LYS A 188 -27.19 0.80 -7.38
C LYS A 188 -26.44 2.08 -7.08
N ARG A 189 -26.28 2.95 -8.09
CA ARG A 189 -25.48 4.16 -7.90
C ARG A 189 -26.14 5.13 -6.92
N ILE A 190 -27.47 5.14 -6.85
CA ILE A 190 -28.16 6.02 -5.92
C ILE A 190 -27.89 5.58 -4.48
N LYS A 191 -28.05 4.28 -4.20
CA LYS A 191 -27.79 3.78 -2.86
C LYS A 191 -26.31 3.82 -2.51
N GLU A 192 -25.44 3.76 -3.52
CA GLU A 192 -24.00 3.77 -3.26
C GLU A 192 -23.54 5.14 -2.76
N VAL A 193 -24.02 6.21 -3.39
CA VAL A 193 -23.60 7.55 -2.99
C VAL A 193 -24.19 7.92 -1.64
N ILE A 194 -25.45 7.53 -1.39
CA ILE A 194 -26.09 7.83 -0.11
C ILE A 194 -25.41 7.08 1.02
N LYS A 195 -25.12 5.79 0.80
CA LYS A 195 -24.43 5.01 1.83
C LYS A 195 -23.02 5.54 2.08
N ARG A 196 -22.41 6.16 1.07
CA ARG A 196 -21.05 6.66 1.22
C ARG A 196 -21.01 8.05 1.85
N HIS A 197 -21.95 8.92 1.49
CA HIS A 197 -21.91 10.32 1.88
C HIS A 197 -23.02 10.72 2.84
N SER A 198 -24.28 10.45 2.49
CA SER A 198 -25.44 10.94 3.24
C SER A 198 -26.19 9.80 3.92
N GLU A 199 -25.46 8.85 4.50
CA GLU A 199 -26.09 7.73 5.18
C GLU A 199 -26.58 8.07 6.58
N PHE A 200 -26.10 9.17 7.17
CA PHE A 200 -26.44 9.55 8.53
C PHE A 200 -27.22 10.86 8.56
N VAL A 201 -28.15 11.03 7.63
CA VAL A 201 -29.04 12.19 7.65
C VAL A 201 -30.12 11.98 8.69
N ALA A 202 -30.40 13.02 9.48
CA ALA A 202 -31.39 12.91 10.54
C ALA A 202 -32.78 12.62 9.99
N TYR A 203 -33.08 13.13 8.79
CA TYR A 203 -34.38 12.91 8.19
C TYR A 203 -34.35 11.69 7.26
N PRO A 204 -35.46 10.97 7.14
CA PRO A 204 -35.48 9.77 6.29
C PRO A 204 -35.35 10.13 4.81
N ILE A 205 -34.52 9.39 4.11
CA ILE A 205 -34.29 9.57 2.68
C ILE A 205 -35.07 8.50 1.95
N GLN A 206 -36.11 8.91 1.23
CA GLN A 206 -36.95 7.97 0.49
C GLN A 206 -36.48 7.85 -0.95
N LEU A 207 -36.48 6.63 -1.46
CA LEU A 207 -36.07 6.34 -2.83
C LEU A 207 -37.18 5.58 -3.54
N LEU A 208 -37.59 6.08 -4.70
CA LEU A 208 -38.63 5.44 -5.50
C LEU A 208 -37.97 4.36 -6.36
N VAL A 209 -38.12 3.11 -5.95
CA VAL A 209 -37.54 1.97 -6.64
C VAL A 209 -38.63 1.26 -7.42
N THR A 210 -38.32 0.89 -8.67
CA THR A 210 -39.26 0.18 -9.53
C THR A 210 -39.10 -1.32 -9.30
N LYS A 211 -40.17 -1.97 -8.83
CA LYS A 211 -40.14 -3.40 -8.57
C LYS A 211 -40.47 -4.19 -9.82
N VAL A 260 -44.94 -1.80 -10.89
CA VAL A 260 -45.12 -1.53 -9.46
C VAL A 260 -43.90 -0.82 -8.90
N GLN A 261 -44.13 0.28 -8.19
CA GLN A 261 -43.08 1.08 -7.60
C GLN A 261 -43.34 1.24 -6.10
N GLU A 262 -42.25 1.30 -5.32
CA GLU A 262 -42.32 1.43 -3.88
C GLU A 262 -41.33 2.49 -3.40
N LEU A 263 -41.42 2.81 -2.13
CA LEU A 263 -40.54 3.78 -1.49
C LEU A 263 -39.77 3.11 -0.38
N GLU A 264 -38.44 3.20 -0.43
CA GLU A 264 -37.56 2.58 0.55
C GLU A 264 -36.73 3.66 1.25
N GLU A 265 -36.61 3.53 2.57
CA GLU A 265 -35.82 4.47 3.36
C GLU A 265 -34.35 4.06 3.29
N LEU A 266 -33.51 4.93 2.74
CA LEU A 266 -32.10 4.60 2.59
C LEU A 266 -31.35 4.69 3.91
N ASN A 267 -31.63 5.71 4.72
CA ASN A 267 -30.97 5.89 6.01
C ASN A 267 -31.81 5.20 7.08
N LYS A 268 -31.51 3.93 7.30
CA LYS A 268 -32.24 3.13 8.29
C LYS A 268 -31.62 3.20 9.67
N THR A 269 -30.32 3.46 9.77
CA THR A 269 -29.62 3.53 11.05
C THR A 269 -29.40 5.00 11.40
N LYS A 270 -30.09 5.45 12.45
CA LYS A 270 -29.95 6.83 12.88
C LYS A 270 -28.60 7.03 13.59
N PRO A 271 -28.03 8.23 13.49
CA PRO A 271 -26.75 8.49 14.15
C PRO A 271 -26.89 8.42 15.67
N LEU A 272 -25.88 7.84 16.32
CA LEU A 272 -25.87 7.69 17.76
C LEU A 272 -24.97 8.68 18.47
N TRP A 273 -24.14 9.44 17.74
CA TRP A 273 -23.25 10.39 18.38
C TRP A 273 -23.98 11.61 18.92
N THR A 274 -25.22 11.84 18.50
CA THR A 274 -26.04 12.91 19.03
C THR A 274 -26.86 12.49 20.23
N ARG A 275 -26.64 11.28 20.74
CA ARG A 275 -27.36 10.75 21.89
C ARG A 275 -26.38 10.46 23.02
N ASN A 276 -26.92 10.39 24.24
CA ASN A 276 -26.09 10.09 25.40
C ASN A 276 -25.66 8.62 25.36
N PRO A 277 -24.41 8.32 25.74
CA PRO A 277 -23.96 6.92 25.70
C PRO A 277 -24.62 6.04 26.74
N SER A 278 -25.27 6.61 27.76
CA SER A 278 -25.92 5.81 28.77
C SER A 278 -27.27 5.28 28.30
N ASP A 279 -27.98 6.04 27.48
CA ASP A 279 -29.29 5.63 26.98
C ASP A 279 -29.22 4.66 25.82
N ILE A 280 -28.04 4.50 25.20
CA ILE A 280 -27.89 3.60 24.07
C ILE A 280 -27.66 2.19 24.60
N THR A 281 -28.41 1.23 24.06
CA THR A 281 -28.30 -0.16 24.47
C THR A 281 -27.21 -0.86 23.67
N GLN A 282 -27.05 -2.16 23.91
CA GLN A 282 -26.04 -2.94 23.19
C GLN A 282 -26.46 -3.25 21.77
N GLU A 283 -27.76 -3.49 21.54
CA GLU A 283 -28.22 -3.80 20.19
C GLU A 283 -28.08 -2.61 19.25
N GLU A 284 -28.23 -1.39 19.77
CA GLU A 284 -28.07 -0.21 18.92
C GLU A 284 -26.63 -0.03 18.50
N TYR A 285 -25.68 -0.36 19.37
CA TYR A 285 -24.27 -0.27 19.01
C TYR A 285 -23.89 -1.32 17.97
N ASN A 286 -24.51 -2.51 18.03
CA ASN A 286 -24.22 -3.54 17.05
C ASN A 286 -24.73 -3.15 15.67
N ALA A 287 -25.96 -2.61 15.59
CA ALA A 287 -26.49 -2.17 14.32
C ALA A 287 -25.74 -0.97 13.78
N PHE A 288 -25.27 -0.08 14.65
CA PHE A 288 -24.50 1.08 14.21
C PHE A 288 -23.15 0.67 13.66
N TYR A 289 -22.52 -0.36 14.25
CA TYR A 289 -21.23 -0.83 13.76
C TYR A 289 -21.37 -1.48 12.39
N LYS A 290 -22.45 -2.24 12.17
CA LYS A 290 -22.68 -2.87 10.88
C LYS A 290 -23.04 -1.88 9.79
N SER A 291 -23.29 -0.62 10.14
CA SER A 291 -23.58 0.42 9.16
C SER A 291 -22.35 1.24 8.80
N ILE A 292 -21.50 1.56 9.77
CA ILE A 292 -20.29 2.31 9.49
C ILE A 292 -19.27 1.44 8.77
N SER A 293 -19.28 0.14 9.02
CA SER A 293 -18.36 -0.81 8.40
C SER A 293 -19.14 -1.97 7.82
N ASN A 294 -18.56 -2.60 6.81
CA ASN A 294 -19.17 -3.74 6.14
C ASN A 294 -19.00 -5.05 6.89
N ASP A 295 -18.54 -4.99 8.15
CA ASP A 295 -18.34 -6.21 8.92
C ASP A 295 -19.67 -6.87 9.25
N TRP A 296 -19.67 -8.21 9.26
CA TRP A 296 -20.86 -8.98 9.58
C TRP A 296 -21.00 -9.27 11.06
N GLU A 297 -19.89 -9.35 11.79
CA GLU A 297 -19.93 -9.69 13.21
C GLU A 297 -20.21 -8.45 14.05
N ASP A 298 -20.59 -8.70 15.30
CA ASP A 298 -20.87 -7.63 16.24
C ASP A 298 -19.56 -7.06 16.82
N PRO A 299 -19.56 -5.78 17.19
CA PRO A 299 -18.33 -5.20 17.77
C PRO A 299 -18.05 -5.78 19.14
N LEU A 300 -16.76 -5.97 19.43
CA LEU A 300 -16.37 -6.54 20.71
C LEU A 300 -16.55 -5.52 21.83
N TYR A 301 -16.10 -4.29 21.62
CA TYR A 301 -16.22 -3.23 22.62
C TYR A 301 -16.54 -1.93 21.92
N VAL A 302 -17.32 -1.09 22.60
CA VAL A 302 -17.75 0.21 22.10
C VAL A 302 -17.24 1.29 23.04
N LYS A 303 -16.52 2.27 22.48
CA LYS A 303 -15.98 3.39 23.24
C LYS A 303 -16.60 4.66 22.70
N HIS A 304 -17.68 5.12 23.34
CA HIS A 304 -18.37 6.35 22.95
C HIS A 304 -18.09 7.41 24.00
N PHE A 305 -17.39 8.47 23.60
CA PHE A 305 -17.05 9.57 24.48
C PHE A 305 -17.38 10.90 23.79
N SER A 306 -17.26 11.98 24.55
CA SER A 306 -17.56 13.31 24.04
C SER A 306 -16.66 14.32 24.74
N VAL A 307 -15.89 15.07 23.95
CA VAL A 307 -15.00 16.10 24.47
C VAL A 307 -15.63 17.46 24.21
N GLU A 308 -15.66 18.31 25.23
CA GLU A 308 -16.26 19.64 25.15
C GLU A 308 -15.20 20.70 25.35
N GLY A 309 -15.60 21.95 25.12
CA GLY A 309 -14.70 23.08 25.26
C GLY A 309 -14.54 23.87 23.98
N GLN A 310 -13.30 23.99 23.51
CA GLN A 310 -13.00 24.67 22.26
C GLN A 310 -12.88 23.72 21.07
N LEU A 311 -12.98 22.41 21.32
CA LEU A 311 -12.89 21.39 20.27
C LEU A 311 -14.00 20.36 20.46
N GLU A 312 -15.23 20.85 20.60
CA GLU A 312 -16.39 19.99 20.76
C GLU A 312 -16.55 19.05 19.58
N PHE A 313 -16.39 17.75 19.80
CA PHE A 313 -16.52 16.76 18.74
C PHE A 313 -17.00 15.45 19.34
N ARG A 314 -17.77 14.71 18.55
CA ARG A 314 -18.25 13.39 18.93
C ARG A 314 -17.43 12.30 18.26
N ALA A 315 -17.33 11.15 18.92
CA ALA A 315 -16.56 10.04 18.38
C ALA A 315 -17.06 8.75 19.02
N ILE A 316 -17.48 7.79 18.18
CA ILE A 316 -17.91 6.48 18.63
C ILE A 316 -16.93 5.48 18.02
N LEU A 317 -16.04 4.95 18.86
CA LEU A 317 -14.99 4.05 18.41
C LEU A 317 -15.36 2.61 18.74
N PHE A 318 -15.32 1.74 17.73
CA PHE A 318 -15.68 0.34 17.87
C PHE A 318 -14.43 -0.53 17.75
N ILE A 319 -14.31 -1.50 18.65
CA ILE A 319 -13.24 -2.50 18.60
C ILE A 319 -13.85 -3.80 18.08
N PRO A 320 -13.47 -4.29 16.90
CA PRO A 320 -14.08 -5.50 16.37
C PRO A 320 -13.58 -6.74 17.10
N LYS A 321 -14.21 -7.88 16.76
CA LYS A 321 -13.80 -9.16 17.31
C LYS A 321 -12.71 -9.83 16.51
N ARG A 322 -12.56 -9.48 15.23
CA ARG A 322 -11.54 -10.05 14.36
C ARG A 322 -10.76 -8.93 13.69
N ALA A 323 -9.48 -9.19 13.45
CA ALA A 323 -8.63 -8.19 12.83
C ALA A 323 -9.03 -7.99 11.36
N PRO A 324 -9.13 -6.74 10.91
CA PRO A 324 -9.50 -6.50 9.51
C PRO A 324 -8.40 -6.83 8.50
N PHE A 325 -7.21 -7.18 8.96
CA PHE A 325 -6.11 -7.51 8.06
C PHE A 325 -6.32 -8.89 7.45
N ASN A 335 -9.53 5.01 5.28
CA ASN A 335 -9.09 4.07 6.31
C ASN A 335 -10.28 3.44 7.02
N ASN A 336 -10.13 3.21 8.33
CA ASN A 336 -11.18 2.61 9.14
C ASN A 336 -11.98 3.63 9.94
N ILE A 337 -11.36 4.75 10.32
CA ILE A 337 -12.02 5.79 11.10
C ILE A 337 -12.50 6.86 10.13
N LYS A 338 -13.82 6.99 9.98
CA LYS A 338 -14.40 7.99 9.10
C LYS A 338 -14.55 9.32 9.83
N LEU A 339 -14.56 10.40 9.05
CA LEU A 339 -14.70 11.75 9.58
C LEU A 339 -16.02 12.34 9.09
N TYR A 340 -16.77 12.95 10.00
CA TYR A 340 -18.06 13.54 9.69
C TYR A 340 -18.11 14.97 10.19
N VAL A 341 -18.70 15.85 9.38
CA VAL A 341 -18.90 17.25 9.72
C VAL A 341 -20.31 17.64 9.32
N ARG A 342 -21.11 18.12 10.27
CA ARG A 342 -22.49 18.54 10.03
C ARG A 342 -23.32 17.38 9.49
N ARG A 343 -23.16 16.20 10.10
CA ARG A 343 -23.86 14.98 9.70
C ARG A 343 -23.58 14.61 8.25
N VAL A 344 -22.40 14.95 7.75
CA VAL A 344 -22.00 14.70 6.36
C VAL A 344 -20.63 14.06 6.36
N PHE A 345 -20.49 12.96 5.62
CA PHE A 345 -19.20 12.29 5.49
C PHE A 345 -18.27 13.14 4.65
N ILE A 346 -17.11 13.49 5.21
CA ILE A 346 -16.14 14.31 4.50
C ILE A 346 -15.12 13.41 3.79
N THR A 347 -14.39 12.63 4.57
CA THR A 347 -13.36 11.74 4.03
C THR A 347 -12.95 10.76 5.12
N ASP A 348 -12.21 9.73 4.71
CA ASP A 348 -11.68 8.74 5.64
C ASP A 348 -10.20 8.48 5.39
N GLU A 349 -9.52 9.38 4.67
CA GLU A 349 -8.12 9.22 4.33
C GLU A 349 -7.18 9.95 5.30
N ALA A 350 -7.70 10.39 6.44
CA ALA A 350 -6.86 11.07 7.42
C ALA A 350 -5.85 10.11 8.01
N GLU A 351 -4.56 10.43 7.85
CA GLU A 351 -3.49 9.57 8.34
C GLU A 351 -2.96 10.00 9.71
N ASP A 352 -3.20 11.24 10.11
CA ASP A 352 -2.76 11.73 11.42
C ASP A 352 -3.85 11.60 12.49
N LEU A 353 -5.04 11.15 12.12
CA LEU A 353 -6.12 11.00 13.09
C LEU A 353 -5.95 9.76 13.96
N ILE A 354 -5.43 8.68 13.39
CA ILE A 354 -5.25 7.42 14.12
C ILE A 354 -3.85 6.90 13.87
N PRO A 355 -3.14 6.43 14.90
CA PRO A 355 -1.80 5.86 14.69
C PRO A 355 -1.85 4.60 13.83
N GLU A 356 -0.67 4.22 13.34
CA GLU A 356 -0.58 3.05 12.48
C GLU A 356 -0.82 1.76 13.24
N TRP A 357 -0.28 1.66 14.46
CA TRP A 357 -0.49 0.46 15.27
C TRP A 357 -1.91 0.38 15.80
N LEU A 358 -2.66 1.48 15.79
CA LEU A 358 -4.02 1.54 16.30
C LEU A 358 -5.05 1.62 15.16
N SER A 359 -4.66 1.27 13.94
CA SER A 359 -5.53 1.38 12.78
C SER A 359 -6.58 0.28 12.72
N PHE A 360 -6.62 -0.62 13.70
CA PHE A 360 -7.63 -1.68 13.71
C PHE A 360 -8.96 -1.24 14.31
N VAL A 361 -8.97 -0.14 15.05
CA VAL A 361 -10.21 0.32 15.69
C VAL A 361 -11.14 0.90 14.64
N LYS A 362 -12.39 0.46 14.66
CA LYS A 362 -13.42 0.96 13.76
C LYS A 362 -14.23 2.07 14.45
N GLY A 363 -15.03 2.76 13.65
CA GLY A 363 -15.91 3.81 14.14
C GLY A 363 -15.78 5.06 13.31
N VAL A 364 -16.45 6.12 13.77
CA VAL A 364 -16.46 7.40 13.08
C VAL A 364 -16.17 8.51 14.10
N VAL A 365 -15.81 9.68 13.57
CA VAL A 365 -15.54 10.86 14.38
C VAL A 365 -16.33 12.01 13.76
N ASP A 366 -17.30 12.53 14.50
CA ASP A 366 -18.17 13.62 14.04
C ASP A 366 -17.74 14.90 14.75
N SER A 367 -16.90 15.67 14.07
CA SER A 367 -16.45 16.97 14.58
C SER A 367 -17.24 18.09 13.90
N GLU A 368 -17.06 19.30 14.43
CA GLU A 368 -17.79 20.45 13.93
C GLU A 368 -16.88 21.60 13.53
N ASP A 369 -15.79 21.83 14.26
CA ASP A 369 -14.86 22.92 13.98
C ASP A 369 -13.68 22.37 13.19
N LEU A 370 -13.91 22.15 11.91
CA LEU A 370 -12.87 21.66 10.99
C LEU A 370 -12.88 22.51 9.75
N PRO A 371 -11.75 23.11 9.35
CA PRO A 371 -11.74 23.92 8.12
C PRO A 371 -11.79 23.06 6.87
N LEU A 372 -12.94 23.10 6.18
CA LEU A 372 -13.13 22.34 4.96
C LEU A 372 -12.81 23.20 3.75
N ASN A 373 -12.40 22.54 2.66
CA ASN A 373 -12.10 23.23 1.41
C ASN A 373 -13.39 23.50 0.65
N LEU A 374 -13.27 23.97 -0.59
CA LEU A 374 -14.45 24.27 -1.38
C LEU A 374 -15.19 23.02 -1.83
N SER A 375 -14.53 21.86 -1.81
CA SER A 375 -15.17 20.61 -2.20
C SER A 375 -15.75 19.85 -1.02
N ARG A 376 -15.39 20.21 0.21
CA ARG A 376 -15.90 19.56 1.42
C ARG A 376 -15.64 18.05 1.40
N GLU A 377 -14.45 17.67 0.94
CA GLU A 377 -14.06 16.27 0.92
C GLU A 377 -12.65 16.05 1.44
N MET A 378 -12.02 17.07 2.02
CA MET A 378 -10.69 16.95 2.59
C MET A 378 -10.48 18.07 3.59
N LEU A 379 -9.50 17.89 4.46
CA LEU A 379 -9.22 18.85 5.52
C LEU A 379 -7.89 19.55 5.25
N GLN A 380 -7.83 20.82 5.62
CA GLN A 380 -6.62 21.62 5.48
C GLN A 380 -5.75 21.49 6.73
N GLN A 381 -4.47 21.80 6.57
CA GLN A 381 -3.55 21.75 7.70
C GLN A 381 -3.90 22.83 8.72
N ASN A 382 -4.24 22.42 9.94
CA ASN A 382 -4.65 23.37 10.96
C ASN A 382 -4.04 23.10 12.33
N LYS A 383 -3.20 22.07 12.47
CA LYS A 383 -2.57 21.73 13.76
C LYS A 383 -3.61 21.45 14.84
N ILE A 384 -4.73 20.87 14.45
CA ILE A 384 -5.80 20.52 15.40
C ILE A 384 -6.01 19.02 15.37
N MET A 385 -5.66 18.38 14.26
CA MET A 385 -5.81 16.94 14.13
C MET A 385 -4.94 16.20 15.16
N LYS A 386 -3.82 16.80 15.57
CA LYS A 386 -2.99 16.18 16.60
C LYS A 386 -3.69 16.20 17.96
N VAL A 387 -4.55 17.19 18.20
CA VAL A 387 -5.29 17.23 19.45
C VAL A 387 -6.34 16.13 19.48
N ILE A 388 -7.04 15.91 18.36
CA ILE A 388 -7.99 14.82 18.30
C ILE A 388 -7.27 13.48 18.30
N ARG A 389 -6.02 13.45 17.81
CA ARG A 389 -5.26 12.21 17.79
C ARG A 389 -4.95 11.72 19.21
N LYS A 390 -4.46 12.62 20.06
CA LYS A 390 -4.12 12.21 21.43
C LYS A 390 -5.36 11.92 22.25
N ASN A 391 -6.49 12.55 21.94
CA ASN A 391 -7.72 12.24 22.67
C ASN A 391 -8.27 10.87 22.30
N ILE A 392 -8.12 10.46 21.05
CA ILE A 392 -8.56 9.13 20.64
C ILE A 392 -7.71 8.06 21.31
N VAL A 393 -6.40 8.26 21.35
CA VAL A 393 -5.51 7.29 21.98
C VAL A 393 -5.76 7.24 23.49
N LYS A 394 -6.01 8.40 24.10
CA LYS A 394 -6.25 8.43 25.55
C LYS A 394 -7.54 7.69 25.91
N LYS A 395 -8.59 7.85 25.09
CA LYS A 395 -9.85 7.18 25.38
C LYS A 395 -9.77 5.69 25.07
N LEU A 396 -9.03 5.31 24.03
CA LEU A 396 -8.91 3.89 23.69
C LEU A 396 -8.05 3.15 24.69
N ILE A 397 -6.99 3.78 25.19
CA ILE A 397 -6.19 3.16 26.24
C ILE A 397 -7.02 3.01 27.51
N GLU A 398 -7.82 4.03 27.84
CA GLU A 398 -8.76 3.90 28.95
C GLU A 398 -9.80 2.82 28.67
N ALA A 399 -10.22 2.71 27.41
CA ALA A 399 -11.16 1.65 27.04
C ALA A 399 -10.52 0.28 27.14
N PHE A 400 -9.24 0.17 26.75
CA PHE A 400 -8.54 -1.10 26.86
C PHE A 400 -8.38 -1.52 28.32
N ASN A 401 -8.19 -0.55 29.22
CA ASN A 401 -8.11 -0.88 30.64
C ASN A 401 -9.44 -1.39 31.16
N GLU A 402 -10.55 -0.85 30.65
CA GLU A 402 -11.86 -1.34 31.04
C GLU A 402 -12.11 -2.75 30.53
N ILE A 403 -11.56 -3.09 29.36
CA ILE A 403 -11.67 -4.46 28.86
C ILE A 403 -10.86 -5.41 29.73
N ALA A 404 -9.70 -4.95 30.22
CA ALA A 404 -8.87 -5.79 31.09
C ALA A 404 -9.53 -6.07 32.43
N GLU A 405 -10.52 -5.27 32.83
CA GLU A 405 -11.21 -5.54 34.08
C GLU A 405 -12.00 -6.84 34.01
N ASP A 406 -12.43 -7.25 32.82
CA ASP A 406 -13.14 -8.50 32.63
C ASP A 406 -12.20 -9.55 32.04
N SER A 407 -12.45 -10.81 32.39
CA SER A 407 -11.59 -11.90 31.93
C SER A 407 -12.00 -12.41 30.56
N GLU A 408 -13.30 -12.58 30.32
CA GLU A 408 -13.77 -13.11 29.04
C GLU A 408 -13.60 -12.10 27.92
N GLN A 409 -13.82 -10.82 28.22
CA GLN A 409 -13.71 -9.79 27.18
C GLN A 409 -12.27 -9.57 26.77
N PHE A 410 -11.35 -9.51 27.74
CA PHE A 410 -9.95 -9.26 27.41
C PHE A 410 -9.29 -10.48 26.77
N ASP A 411 -9.82 -11.68 27.04
CA ASP A 411 -9.27 -12.89 26.42
C ASP A 411 -9.50 -12.87 24.91
N LYS A 412 -10.69 -12.45 24.48
CA LYS A 412 -10.97 -12.36 23.05
C LYS A 412 -10.25 -11.17 22.42
N PHE A 413 -10.08 -10.08 23.18
CA PHE A 413 -9.41 -8.90 22.64
C PHE A 413 -7.92 -9.13 22.46
N TYR A 414 -7.28 -9.77 23.45
CA TYR A 414 -5.83 -9.98 23.37
C TYR A 414 -5.49 -11.03 22.33
N SER A 415 -6.30 -12.09 22.23
CA SER A 415 -6.03 -13.15 21.27
C SER A 415 -6.26 -12.70 19.83
N ALA A 416 -7.04 -11.64 19.62
CA ALA A 416 -7.33 -11.14 18.28
C ALA A 416 -6.45 -9.99 17.84
N PHE A 417 -5.95 -9.20 18.78
CA PHE A 417 -5.12 -8.03 18.48
C PHE A 417 -3.83 -8.07 19.29
N ALA A 418 -3.20 -9.23 19.36
CA ALA A 418 -1.92 -9.34 20.06
C ALA A 418 -0.83 -8.58 19.33
N LYS A 419 -0.83 -8.63 17.99
CA LYS A 419 0.20 -7.93 17.23
C LYS A 419 0.04 -6.41 17.30
N ASN A 420 -1.20 -5.92 17.39
CA ASN A 420 -1.42 -4.48 17.39
C ASN A 420 -0.98 -3.84 18.71
N ILE A 421 -1.28 -4.51 19.83
CA ILE A 421 -0.90 -3.95 21.13
C ILE A 421 0.61 -3.93 21.29
N LYS A 422 1.29 -5.02 20.92
CA LYS A 422 2.74 -5.09 21.03
C LYS A 422 3.43 -4.17 20.02
N LEU A 423 2.78 -3.85 18.90
CA LEU A 423 3.37 -2.93 17.94
C LEU A 423 3.45 -1.51 18.49
N GLY A 424 2.48 -1.13 19.34
CA GLY A 424 2.51 0.20 19.92
C GLY A 424 3.67 0.40 20.88
N VAL A 425 4.08 -0.66 21.58
CA VAL A 425 5.24 -0.57 22.45
C VAL A 425 6.50 -0.31 21.64
N HIS A 426 6.58 -0.89 20.43
CA HIS A 426 7.74 -0.69 19.57
C HIS A 426 7.70 0.68 18.89
N GLU A 427 6.51 1.14 18.50
CA GLU A 427 6.38 2.39 17.75
C GLU A 427 6.14 3.58 18.67
N ASP A 428 5.06 3.54 19.45
CA ASP A 428 4.72 4.66 20.30
C ASP A 428 5.64 4.71 21.52
N THR A 429 5.98 5.92 21.94
CA THR A 429 6.87 6.15 23.07
C THR A 429 6.21 6.88 24.23
N GLN A 430 5.29 7.80 23.95
CA GLN A 430 4.66 8.57 25.03
C GLN A 430 3.81 7.68 25.93
N ASN A 431 3.08 6.74 25.34
CA ASN A 431 2.23 5.81 26.09
C ASN A 431 2.79 4.39 26.03
N ARG A 432 4.12 4.26 26.07
CA ARG A 432 4.74 2.94 26.03
C ARG A 432 4.53 2.19 27.34
N ALA A 433 4.56 2.91 28.47
CA ALA A 433 4.35 2.27 29.75
C ALA A 433 2.90 1.82 29.93
N ALA A 434 1.96 2.57 29.36
CA ALA A 434 0.55 2.19 29.48
C ALA A 434 0.23 0.95 28.65
N LEU A 435 0.89 0.78 27.50
CA LEU A 435 0.64 -0.39 26.67
C LEU A 435 1.31 -1.64 27.24
N ALA A 436 2.41 -1.47 27.97
CA ALA A 436 3.06 -2.61 28.60
C ALA A 436 2.20 -3.24 29.70
N LYS A 437 1.26 -2.48 30.26
CA LYS A 437 0.35 -3.04 31.26
C LYS A 437 -0.57 -4.09 30.66
N LEU A 438 -0.86 -3.99 29.36
CA LEU A 438 -1.77 -4.90 28.69
C LEU A 438 -1.07 -6.13 28.13
N LEU A 439 0.26 -6.19 28.18
CA LEU A 439 0.98 -7.33 27.63
C LEU A 439 0.74 -8.57 28.47
N ARG A 440 0.37 -9.66 27.80
CA ARG A 440 0.09 -10.94 28.46
C ARG A 440 0.91 -12.03 27.79
N TYR A 441 1.59 -12.84 28.60
CA TYR A 441 2.41 -13.93 28.09
C TYR A 441 2.34 -15.11 29.04
N ASN A 442 2.74 -16.27 28.55
CA ASN A 442 2.84 -17.47 29.36
C ASN A 442 4.19 -17.54 30.06
N SER A 443 4.26 -18.36 31.09
CA SER A 443 5.48 -18.51 31.87
C SER A 443 5.50 -19.91 32.49
N THR A 444 6.56 -20.17 33.28
CA THR A 444 6.69 -21.47 33.93
C THR A 444 5.64 -21.65 35.03
N LYS A 445 5.18 -20.55 35.62
CA LYS A 445 4.14 -20.58 36.65
C LYS A 445 2.76 -20.26 36.11
N SER A 446 2.66 -19.97 34.81
CA SER A 446 1.39 -19.63 34.16
C SER A 446 1.26 -20.40 32.85
N VAL A 447 1.52 -21.71 32.90
CA VAL A 447 1.43 -22.53 31.70
C VAL A 447 -0.01 -22.68 31.23
N ASP A 448 -0.98 -22.52 32.13
CA ASP A 448 -2.38 -22.72 31.78
C ASP A 448 -3.01 -21.47 31.18
N GLU A 449 -2.91 -20.34 31.87
CA GLU A 449 -3.53 -19.10 31.44
C GLU A 449 -2.46 -18.04 31.19
N LEU A 450 -2.90 -16.82 30.90
CA LEU A 450 -2.01 -15.70 30.63
C LEU A 450 -1.87 -14.82 31.86
N THR A 451 -0.68 -14.24 32.01
CA THR A 451 -0.39 -13.35 33.13
C THR A 451 0.20 -12.05 32.60
N SER A 452 0.00 -10.97 33.34
CA SER A 452 0.49 -9.66 32.97
C SER A 452 1.87 -9.41 33.56
N LEU A 453 2.47 -8.29 33.16
CA LEU A 453 3.78 -7.93 33.70
C LEU A 453 3.69 -7.49 35.16
N THR A 454 2.56 -6.90 35.56
CA THR A 454 2.39 -6.50 36.95
C THR A 454 2.27 -7.72 37.86
N ASP A 455 1.49 -8.73 37.44
CA ASP A 455 1.41 -9.96 38.21
C ASP A 455 2.73 -10.71 38.26
N TYR A 456 3.61 -10.48 37.27
CA TYR A 456 4.94 -11.08 37.30
C TYR A 456 5.77 -10.52 38.44
N VAL A 457 5.79 -9.19 38.58
CA VAL A 457 6.56 -8.55 39.64
C VAL A 457 6.01 -8.91 41.01
N THR A 458 4.70 -9.14 41.10
CA THR A 458 4.09 -9.50 42.38
C THR A 458 4.62 -10.85 42.87
N ARG A 459 4.83 -11.79 41.95
CA ARG A 459 5.34 -13.11 42.29
C ARG A 459 6.86 -13.18 42.30
N MET A 460 7.55 -12.07 42.06
CA MET A 460 9.00 -12.08 42.06
C MET A 460 9.52 -12.15 43.50
N PRO A 461 10.49 -13.03 43.79
CA PRO A 461 11.05 -13.07 45.14
C PRO A 461 11.80 -11.79 45.47
N GLU A 462 12.27 -11.72 46.73
CA GLU A 462 12.95 -10.53 47.20
C GLU A 462 14.35 -10.40 46.60
N HIS A 463 14.99 -11.52 46.25
CA HIS A 463 16.35 -11.52 45.74
C HIS A 463 16.42 -11.49 44.21
N GLN A 464 15.29 -11.29 43.53
CA GLN A 464 15.28 -11.16 42.08
C GLN A 464 15.19 -9.68 41.71
N LYS A 465 15.99 -9.26 40.74
CA LYS A 465 16.06 -7.87 40.34
C LYS A 465 15.81 -7.64 38.85
N ASN A 466 15.53 -8.69 38.08
CA ASN A 466 15.34 -8.55 36.64
C ASN A 466 14.21 -9.45 36.19
N ILE A 467 13.52 -9.02 35.14
CA ILE A 467 12.44 -9.79 34.53
C ILE A 467 13.06 -10.69 33.46
N TYR A 468 13.04 -12.00 33.71
CA TYR A 468 13.62 -12.97 32.80
C TYR A 468 12.57 -13.49 31.83
N TYR A 469 12.93 -13.56 30.54
CA TYR A 469 12.04 -14.04 29.51
C TYR A 469 12.85 -14.83 28.48
N ILE A 470 12.15 -15.48 27.57
CA ILE A 470 12.78 -16.25 26.51
C ILE A 470 11.87 -16.21 25.28
N THR A 471 12.49 -16.04 24.11
CA THR A 471 11.78 -15.98 22.84
C THR A 471 12.04 -17.24 22.03
N GLY A 472 11.14 -17.52 21.10
CA GLY A 472 11.28 -18.70 20.28
C GLY A 472 10.24 -18.73 19.18
N GLU A 473 10.10 -19.90 18.57
CA GLU A 473 9.15 -20.07 17.48
C GLU A 473 7.75 -20.40 18.00
N SER A 474 7.64 -21.40 18.87
CA SER A 474 6.37 -21.85 19.41
C SER A 474 6.48 -21.98 20.92
N LEU A 475 5.36 -22.32 21.55
CA LEU A 475 5.34 -22.48 23.00
C LEU A 475 6.04 -23.75 23.44
N LYS A 476 5.90 -24.83 22.66
CA LYS A 476 6.53 -26.10 23.03
C LYS A 476 8.04 -26.03 22.93
N ALA A 477 8.57 -25.15 22.08
CA ALA A 477 10.02 -25.05 21.94
C ALA A 477 10.64 -24.35 23.14
N VAL A 478 10.01 -23.27 23.62
CA VAL A 478 10.56 -22.53 24.74
C VAL A 478 10.22 -23.17 26.08
N GLU A 479 9.19 -24.01 26.14
CA GLU A 479 8.83 -24.64 27.42
C GLU A 479 9.82 -25.74 27.78
N LYS A 480 10.33 -26.46 26.80
CA LYS A 480 11.33 -27.50 27.01
C LYS A 480 12.75 -27.00 26.80
N SER A 481 12.95 -25.69 26.76
CA SER A 481 14.27 -25.13 26.53
C SER A 481 15.18 -25.41 27.73
N PRO A 482 16.47 -25.72 27.49
CA PRO A 482 17.37 -25.99 28.61
C PRO A 482 17.78 -24.77 29.41
N PHE A 483 17.35 -23.57 28.99
CA PHE A 483 17.68 -22.35 29.72
C PHE A 483 16.79 -22.12 30.93
N LEU A 484 15.70 -22.89 31.06
CA LEU A 484 14.79 -22.72 32.19
C LEU A 484 15.27 -23.45 33.45
N ASP A 485 16.17 -24.43 33.30
CA ASP A 485 16.62 -25.21 34.45
C ASP A 485 17.37 -24.35 35.46
N ALA A 486 18.06 -23.31 35.00
CA ALA A 486 18.80 -22.45 35.93
C ALA A 486 17.87 -21.57 36.75
N LEU A 487 16.88 -20.96 36.10
CA LEU A 487 15.97 -20.06 36.81
C LEU A 487 14.96 -20.82 37.67
N LYS A 488 14.58 -22.02 37.26
CA LYS A 488 13.66 -22.81 38.09
C LYS A 488 14.31 -23.26 39.37
N ALA A 489 15.63 -23.49 39.36
CA ALA A 489 16.32 -23.85 40.59
C ALA A 489 16.34 -22.70 41.58
N LYS A 490 16.47 -21.47 41.09
CA LYS A 490 16.44 -20.28 41.91
C LYS A 490 15.02 -19.75 42.13
N ASN A 491 14.01 -20.50 41.71
CA ASN A 491 12.60 -20.10 41.85
C ASN A 491 12.33 -18.78 41.14
N PHE A 492 12.83 -18.66 39.91
CA PHE A 492 12.64 -17.47 39.09
C PHE A 492 11.69 -17.78 37.96
N GLU A 493 10.64 -16.96 37.84
CA GLU A 493 9.66 -17.11 36.77
C GLU A 493 10.21 -16.53 35.47
N VAL A 494 9.99 -17.25 34.37
CA VAL A 494 10.50 -16.84 33.06
C VAL A 494 9.32 -16.77 32.10
N LEU A 495 9.12 -15.62 31.48
CA LEU A 495 8.05 -15.45 30.51
C LEU A 495 8.39 -16.16 29.20
N PHE A 496 7.35 -16.49 28.44
CA PHE A 496 7.48 -17.18 27.17
C PHE A 496 7.01 -16.27 26.05
N LEU A 497 7.87 -16.07 25.05
CA LEU A 497 7.58 -15.25 23.89
C LEU A 497 7.46 -16.16 22.66
N THR A 498 6.24 -16.25 22.12
CA THR A 498 5.98 -17.09 20.96
C THR A 498 5.75 -16.31 19.67
N ASP A 499 5.33 -15.04 19.76
CA ASP A 499 5.08 -14.26 18.56
C ASP A 499 6.36 -13.58 18.09
N PRO A 500 6.51 -13.41 16.77
CA PRO A 500 7.72 -12.74 16.26
C PRO A 500 7.82 -11.28 16.70
N ILE A 501 6.69 -10.61 16.94
CA ILE A 501 6.71 -9.21 17.36
C ILE A 501 7.04 -9.04 18.83
N ASP A 502 7.15 -10.14 19.59
CA ASP A 502 7.44 -10.03 21.01
C ASP A 502 8.81 -9.41 21.25
N GLU A 503 9.83 -9.87 20.51
CA GLU A 503 11.17 -9.34 20.71
C GLU A 503 11.27 -7.87 20.34
N TYR A 504 10.50 -7.43 19.34
CA TYR A 504 10.53 -6.02 18.95
C TYR A 504 9.96 -5.12 20.04
N ALA A 505 9.07 -5.65 20.88
CA ALA A 505 8.50 -4.86 21.96
C ALA A 505 9.42 -4.83 23.18
N PHE A 506 10.05 -5.97 23.50
CA PHE A 506 10.95 -6.03 24.65
C PHE A 506 12.25 -5.27 24.41
N THR A 507 12.65 -5.08 23.15
CA THR A 507 13.85 -4.32 22.85
C THR A 507 13.63 -2.82 22.90
N GLN A 508 12.39 -2.36 23.09
CA GLN A 508 12.10 -0.94 23.22
C GLN A 508 11.63 -0.55 24.62
N LEU A 509 11.00 -1.45 25.35
CA LEU A 509 10.56 -1.15 26.70
C LEU A 509 11.75 -1.05 27.65
N LYS A 510 12.53 -2.13 27.75
CA LYS A 510 13.82 -2.17 28.44
C LYS A 510 13.70 -2.07 29.94
N GLU A 511 12.49 -1.85 30.46
CA GLU A 511 12.28 -1.67 31.88
C GLU A 511 10.80 -1.67 32.18
N PHE A 512 10.42 -2.31 33.28
CA PHE A 512 9.03 -2.31 33.76
C PHE A 512 9.05 -2.21 35.27
N GLU A 513 8.61 -1.05 35.79
CA GLU A 513 8.55 -0.80 37.23
C GLU A 513 9.93 -0.98 37.88
N GLY A 514 10.96 -0.47 37.21
CA GLY A 514 12.33 -0.56 37.71
C GLY A 514 13.03 -1.86 37.43
N LYS A 515 12.33 -2.89 36.93
CA LYS A 515 12.94 -4.18 36.65
C LYS A 515 13.40 -4.23 35.20
N THR A 516 14.68 -4.53 35.00
CA THR A 516 15.25 -4.57 33.66
C THR A 516 14.89 -5.88 32.97
N LEU A 517 14.42 -5.78 31.73
CA LEU A 517 14.06 -6.95 30.94
C LEU A 517 15.34 -7.63 30.45
N VAL A 518 15.54 -8.88 30.87
CA VAL A 518 16.73 -9.65 30.53
C VAL A 518 16.29 -10.94 29.84
N ASP A 519 16.85 -11.19 28.65
CA ASP A 519 16.56 -12.41 27.91
C ASP A 519 17.53 -13.50 28.36
N ILE A 520 16.98 -14.65 28.77
CA ILE A 520 17.82 -15.74 29.23
C ILE A 520 18.55 -16.43 28.07
N THR A 521 18.10 -16.21 26.84
CA THR A 521 18.80 -16.78 25.70
C THR A 521 20.17 -16.16 25.53
N LYS A 522 20.28 -14.85 25.77
CA LYS A 522 21.55 -14.15 25.71
C LYS A 522 22.40 -14.47 26.94
N ASP A 523 23.65 -13.99 26.91
CA ASP A 523 24.54 -14.18 28.04
C ASP A 523 24.15 -13.25 29.18
N PHE A 524 24.05 -13.81 30.39
CA PHE A 524 23.68 -13.04 31.57
C PHE A 524 24.35 -13.65 32.78
N GLU A 525 24.25 -12.94 33.90
CA GLU A 525 24.88 -13.36 35.16
C GLU A 525 23.84 -13.38 36.27
N LEU A 526 23.88 -14.43 37.08
CA LEU A 526 22.99 -14.60 38.22
C LEU A 526 23.77 -14.47 39.52
N GLU A 527 23.03 -14.48 40.62
CA GLU A 527 23.63 -14.42 41.94
C GLU A 527 24.12 -15.81 42.37
N GLU A 528 25.15 -15.82 43.22
CA GLU A 528 25.74 -17.06 43.67
C GLU A 528 26.35 -16.85 45.05
N THR A 529 26.35 -17.92 45.85
CA THR A 529 26.91 -17.86 47.19
C THR A 529 28.44 -17.82 47.13
N ASP A 530 29.05 -17.48 48.26
CA ASP A 530 30.50 -17.42 48.33
C ASP A 530 31.13 -18.79 48.20
N GLU A 531 30.45 -19.83 48.69
CA GLU A 531 30.99 -21.19 48.58
C GLU A 531 30.99 -21.66 47.13
N GLU A 532 29.98 -21.28 46.36
CA GLU A 532 29.91 -21.69 44.96
C GLU A 532 30.75 -20.78 44.06
N LYS A 533 30.93 -19.52 44.45
CA LYS A 533 31.72 -18.60 43.64
C LYS A 533 33.17 -19.05 43.53
N ALA A 534 33.74 -19.54 44.65
CA ALA A 534 35.11 -20.02 44.62
C ALA A 534 35.21 -21.41 43.99
N GLU A 535 34.18 -22.25 44.15
CA GLU A 535 34.21 -23.58 43.55
C GLU A 535 34.13 -23.52 42.03
N ARG A 536 33.34 -22.59 41.50
CA ARG A 536 33.20 -22.48 40.06
C ARG A 536 34.50 -22.00 39.40
N GLU A 537 35.19 -21.05 40.04
CA GLU A 537 36.44 -20.57 39.48
C GLU A 537 37.49 -21.67 39.42
N LYS A 538 37.53 -22.53 40.43
CA LYS A 538 38.48 -23.64 40.41
C LYS A 538 38.15 -24.64 39.31
N GLU A 539 36.86 -24.94 39.12
CA GLU A 539 36.48 -25.92 38.11
C GLU A 539 36.65 -25.37 36.69
N ILE A 540 36.45 -24.07 36.51
CA ILE A 540 36.65 -23.47 35.19
C ILE A 540 38.13 -23.52 34.81
N LYS A 541 39.02 -23.28 35.77
CA LYS A 541 40.45 -23.35 35.49
C LYS A 541 40.87 -24.78 35.14
N GLU A 542 40.22 -25.78 35.73
CA GLU A 542 40.54 -27.17 35.42
C GLU A 542 40.06 -27.55 34.03
N TYR A 543 38.89 -27.05 33.62
CA TYR A 543 38.33 -27.30 32.30
C TYR A 543 38.83 -26.31 31.26
N GLU A 544 39.93 -25.60 31.55
CA GLU A 544 40.47 -24.67 30.56
C GLU A 544 40.98 -25.36 29.30
N PRO A 545 41.77 -26.44 29.38
CA PRO A 545 42.20 -27.10 28.13
C PRO A 545 41.06 -27.70 27.34
N LEU A 546 39.96 -28.06 27.99
CA LEU A 546 38.80 -28.56 27.25
C LEU A 546 38.15 -27.46 26.42
N THR A 547 38.03 -26.26 27.00
CA THR A 547 37.46 -25.15 26.25
C THR A 547 38.35 -24.73 25.09
N LYS A 548 39.67 -24.78 25.29
CA LYS A 548 40.60 -24.45 24.20
C LYS A 548 40.54 -25.49 23.09
N ALA A 549 40.26 -26.75 23.44
CA ALA A 549 40.16 -27.79 22.41
C ALA A 549 38.90 -27.62 21.57
N LEU A 550 37.77 -27.32 22.21
CA LEU A 550 36.53 -27.11 21.46
C LEU A 550 36.59 -25.87 20.59
N LYS A 551 37.34 -24.85 21.02
CA LYS A 551 37.47 -23.63 20.23
C LYS A 551 38.24 -23.89 18.94
N ASP A 552 39.31 -24.70 19.01
CA ASP A 552 40.12 -24.95 17.83
C ASP A 552 39.39 -25.84 16.83
N ILE A 553 38.50 -26.72 17.30
CA ILE A 553 37.77 -27.60 16.40
C ILE A 553 36.72 -26.83 15.62
N LEU A 554 35.92 -26.03 16.33
CA LEU A 554 34.88 -25.26 15.66
C LEU A 554 35.46 -24.09 14.87
N GLY A 555 36.53 -23.48 15.36
CA GLY A 555 37.12 -22.37 14.64
C GLY A 555 36.29 -21.11 14.81
N ASP A 556 35.92 -20.50 13.69
CA ASP A 556 35.15 -19.26 13.69
C ASP A 556 33.65 -19.48 13.85
N GLN A 557 33.22 -20.72 14.13
CA GLN A 557 31.80 -20.97 14.30
C GLN A 557 31.27 -20.37 15.60
N VAL A 558 32.13 -20.25 16.62
CA VAL A 558 31.76 -19.67 17.89
C VAL A 558 32.72 -18.55 18.23
N GLU A 559 32.26 -17.61 19.07
CA GLU A 559 33.12 -16.51 19.49
C GLU A 559 34.06 -16.95 20.60
N LYS A 560 33.56 -17.70 21.58
CA LYS A 560 34.39 -18.17 22.68
C LYS A 560 33.72 -19.40 23.29
N VAL A 561 34.54 -20.26 23.90
CA VAL A 561 34.07 -21.46 24.57
C VAL A 561 34.35 -21.28 26.06
N VAL A 562 33.29 -21.19 26.86
CA VAL A 562 33.39 -20.99 28.30
C VAL A 562 32.55 -22.04 29.00
N VAL A 563 32.92 -22.32 30.25
CA VAL A 563 32.18 -23.26 31.10
C VAL A 563 31.07 -22.50 31.80
N SER A 564 29.83 -22.93 31.57
CA SER A 564 28.67 -22.30 32.17
C SER A 564 28.02 -23.25 33.18
N TYR A 565 27.47 -22.66 34.24
CA TYR A 565 26.81 -23.42 35.30
C TYR A 565 25.30 -23.23 35.28
N LYS A 566 24.76 -22.56 34.28
CA LYS A 566 23.32 -22.37 34.13
C LYS A 566 22.65 -23.51 33.39
N LEU A 567 23.35 -24.63 33.19
CA LEU A 567 22.80 -25.82 32.54
C LEU A 567 22.82 -26.98 33.52
N LEU A 568 21.74 -27.75 33.53
CA LEU A 568 21.60 -28.89 34.42
C LEU A 568 21.55 -30.22 33.68
N ASP A 569 20.64 -30.35 32.71
CA ASP A 569 20.47 -31.59 31.95
C ASP A 569 21.18 -31.57 30.61
N ALA A 570 21.06 -30.47 29.86
CA ALA A 570 21.69 -30.39 28.56
C ALA A 570 23.20 -30.31 28.71
N PRO A 571 23.98 -31.09 27.95
CA PRO A 571 25.44 -31.02 28.08
C PRO A 571 26.05 -29.78 27.44
N ALA A 572 25.34 -29.11 26.55
CA ALA A 572 25.89 -27.93 25.88
C ALA A 572 24.74 -27.04 25.42
N ALA A 573 25.05 -25.77 25.23
CA ALA A 573 24.06 -24.79 24.76
C ALA A 573 24.80 -23.61 24.13
N ILE A 574 24.06 -22.83 23.37
CA ILE A 574 24.60 -21.69 22.64
C ILE A 574 23.84 -20.44 23.09
N ARG A 575 24.57 -19.36 23.35
CA ARG A 575 23.99 -18.08 23.73
C ARG A 575 24.39 -17.00 22.75
N THR A 576 23.60 -15.92 22.74
CA THR A 576 23.81 -14.84 21.79
C THR A 576 25.07 -14.04 22.11
N GLY A 577 25.11 -13.42 23.29
CA GLY A 577 26.21 -12.55 23.65
C GLY A 577 25.73 -11.21 24.18
N GLN A 578 24.44 -11.13 24.49
CA GLN A 578 23.77 -10.01 25.15
C GLN A 578 23.91 -8.69 24.39
N PHE A 579 24.46 -8.71 23.18
CA PHE A 579 24.58 -7.48 22.40
C PHE A 579 24.08 -7.68 20.97
N GLY A 580 24.11 -8.91 20.48
CA GLY A 580 23.70 -9.21 19.13
C GLY A 580 22.27 -9.72 19.04
N TRP A 581 21.87 -10.04 17.81
CA TRP A 581 20.54 -10.58 17.58
C TRP A 581 20.45 -12.00 18.11
N SER A 582 19.31 -12.31 18.75
CA SER A 582 19.10 -13.63 19.33
C SER A 582 18.91 -14.67 18.23
N ALA A 583 18.82 -15.93 18.64
CA ALA A 583 18.59 -17.01 17.68
C ALA A 583 17.23 -16.90 17.03
N ASN A 584 16.22 -16.43 17.76
CA ASN A 584 14.90 -16.24 17.17
C ASN A 584 14.87 -15.02 16.27
N MET A 585 15.49 -13.91 16.71
CA MET A 585 15.49 -12.71 15.91
C MET A 585 16.24 -12.90 14.59
N GLU A 586 17.34 -13.64 14.62
CA GLU A 586 18.08 -13.93 13.39
C GLU A 586 17.25 -14.82 12.46
N ARG A 587 16.50 -15.76 13.03
CA ARG A 587 15.62 -16.60 12.22
C ARG A 587 14.45 -15.80 11.65
N ILE A 588 13.97 -14.79 12.38
CA ILE A 588 12.85 -13.99 11.91
C ILE A 588 13.26 -13.15 10.71
N MET A 589 14.41 -12.48 10.80
CA MET A 589 14.86 -11.61 9.72
C MET A 589 15.17 -12.40 8.45
N LYS A 590 15.64 -13.64 8.59
CA LYS A 590 15.95 -14.47 7.44
C LYS A 590 14.74 -15.20 6.87
N ALA A 591 13.53 -14.87 7.33
CA ALA A 591 12.31 -15.50 6.84
C ALA A 591 11.23 -14.51 6.45
N GLN A 592 11.54 -13.21 6.45
CA GLN A 592 10.55 -12.20 6.08
C GLN A 592 10.44 -12.09 4.57
N ALA A 593 9.21 -12.09 4.07
CA ALA A 593 9.00 -12.03 2.62
C ALA A 593 9.24 -10.62 2.08
N LEU A 594 8.74 -9.60 2.78
CA LEU A 594 8.87 -8.22 2.34
C LEU A 594 10.16 -7.56 2.80
N ARG A 595 11.17 -8.35 3.18
CA ARG A 595 12.45 -7.82 3.61
C ARG A 595 13.59 -8.41 2.80
N SER A 605 25.01 -13.10 13.74
CA SER A 605 25.50 -12.78 15.07
C SER A 605 26.47 -13.84 15.57
N LYS A 606 27.37 -13.44 16.46
CA LYS A 606 28.35 -14.37 17.01
C LYS A 606 27.69 -15.32 18.00
N LYS A 607 28.29 -16.50 18.15
CA LYS A 607 27.77 -17.55 19.01
C LYS A 607 28.76 -17.84 20.13
N THR A 608 28.23 -18.24 21.28
CA THR A 608 29.03 -18.60 22.45
C THR A 608 28.76 -20.05 22.81
N PHE A 609 29.82 -20.86 22.84
CA PHE A 609 29.71 -22.28 23.15
C PHE A 609 29.86 -22.47 24.65
N GLU A 610 28.75 -22.81 25.32
CA GLU A 610 28.75 -23.05 26.76
C GLU A 610 28.43 -24.53 27.02
N ILE A 611 29.26 -25.17 27.84
CA ILE A 611 29.09 -26.57 28.18
C ILE A 611 28.81 -26.68 29.67
N SER A 612 28.19 -27.80 30.05
CA SER A 612 27.86 -28.05 31.45
C SER A 612 28.92 -28.96 32.06
N PRO A 613 29.61 -28.54 33.10
CA PRO A 613 30.66 -29.41 33.69
C PRO A 613 30.11 -30.57 34.50
N LYS A 614 28.80 -30.64 34.73
CA LYS A 614 28.20 -31.71 35.49
C LYS A 614 27.59 -32.80 34.61
N SER A 615 27.62 -32.62 33.29
CA SER A 615 27.05 -33.62 32.39
C SER A 615 28.04 -34.77 32.21
N PRO A 616 27.55 -36.01 32.13
CA PRO A 616 28.47 -37.14 31.93
C PRO A 616 29.16 -37.14 30.58
N ILE A 617 28.52 -36.58 29.55
CA ILE A 617 29.14 -36.53 28.24
C ILE A 617 30.34 -35.58 28.23
N ILE A 618 30.20 -34.43 28.91
CA ILE A 618 31.29 -33.47 28.97
C ILE A 618 32.46 -34.03 29.77
N LYS A 619 32.18 -34.80 30.82
CA LYS A 619 33.25 -35.39 31.61
C LYS A 619 34.03 -36.43 30.82
N GLU A 620 33.36 -37.17 29.93
CA GLU A 620 34.07 -38.12 29.08
C GLU A 620 34.96 -37.41 28.07
N LEU A 621 34.49 -36.27 27.54
CA LEU A 621 35.32 -35.49 26.63
C LEU A 621 36.50 -34.86 27.36
N LYS A 622 36.35 -34.55 28.65
CA LYS A 622 37.45 -34.00 29.42
C LYS A 622 38.56 -35.03 29.60
N LYS A 623 38.19 -36.30 29.78
CA LYS A 623 39.19 -37.35 29.95
C LYS A 623 39.99 -37.57 28.67
N ARG A 624 39.38 -37.35 27.51
CA ARG A 624 40.09 -37.54 26.25
C ARG A 624 41.14 -36.46 26.02
N VAL A 625 40.88 -35.24 26.50
CA VAL A 625 41.84 -34.16 26.30
C VAL A 625 43.12 -34.40 27.10
N ASP A 626 42.97 -34.88 28.34
CA ASP A 626 44.15 -35.15 29.16
C ASP A 626 44.95 -36.34 28.65
N GLU A 627 44.35 -37.21 27.85
CA GLU A 627 45.05 -38.35 27.27
C GLU A 627 45.59 -38.08 25.88
N GLY A 628 45.65 -36.82 25.47
CA GLY A 628 46.16 -36.48 24.15
C GLY A 628 45.18 -36.67 23.02
N GLY A 629 43.88 -36.50 23.28
CA GLY A 629 42.88 -36.65 22.24
C GLY A 629 42.34 -35.33 21.74
N ALA A 630 43.17 -34.30 21.74
CA ALA A 630 42.73 -33.00 21.25
C ALA A 630 42.58 -32.98 19.73
N GLN A 631 43.32 -33.84 19.03
CA GLN A 631 43.24 -33.93 17.57
C GLN A 631 42.72 -35.30 17.11
N ASP A 632 42.02 -36.02 17.98
CA ASP A 632 41.50 -37.32 17.62
C ASP A 632 40.32 -37.18 16.66
N LYS A 633 40.16 -38.18 15.79
CA LYS A 633 39.07 -38.14 14.82
C LYS A 633 37.71 -38.29 15.49
N THR A 634 37.62 -39.19 16.47
CA THR A 634 36.34 -39.40 17.16
C THR A 634 35.94 -38.20 18.01
N VAL A 635 36.92 -37.50 18.57
CA VAL A 635 36.60 -36.34 19.41
C VAL A 635 36.09 -35.19 18.57
N LYS A 636 36.69 -34.96 17.39
CA LYS A 636 36.24 -33.89 16.52
C LYS A 636 34.85 -34.16 15.96
N ASP A 637 34.52 -35.43 15.71
CA ASP A 637 33.19 -35.76 15.21
C ASP A 637 32.12 -35.48 16.26
N LEU A 638 32.38 -35.87 17.51
CA LEU A 638 31.41 -35.60 18.58
C LEU A 638 31.36 -34.12 18.92
N THR A 639 32.44 -33.39 18.69
CA THR A 639 32.44 -31.95 18.96
C THR A 639 31.51 -31.22 18.00
N ASN A 640 31.65 -31.48 16.70
CA ASN A 640 30.75 -30.87 15.72
C ASN A 640 29.33 -31.38 15.89
N LEU A 641 29.16 -32.63 16.34
CA LEU A 641 27.83 -33.15 16.56
C LEU A 641 27.16 -32.48 17.75
N LEU A 642 27.89 -32.31 18.86
CA LEU A 642 27.32 -31.66 20.04
C LEU A 642 27.08 -30.18 19.79
N PHE A 643 27.91 -29.53 18.98
CA PHE A 643 27.72 -28.12 18.69
C PHE A 643 26.46 -27.90 17.86
N GLU A 644 26.28 -28.66 16.78
CA GLU A 644 25.10 -28.53 15.96
C GLU A 644 23.84 -29.01 16.67
N THR A 645 23.98 -29.91 17.65
CA THR A 645 22.83 -30.32 18.44
C THR A 645 22.36 -29.19 19.35
N ALA A 646 23.31 -28.43 19.92
CA ALA A 646 22.96 -27.30 20.77
C ALA A 646 22.29 -26.19 19.97
N LEU A 647 22.61 -26.07 18.68
CA LEU A 647 21.98 -25.06 17.84
C LEU A 647 20.50 -25.34 17.66
N LEU A 648 20.10 -26.62 17.63
CA LEU A 648 18.69 -26.95 17.51
C LEU A 648 17.92 -26.62 18.78
N THR A 649 18.59 -26.68 19.93
CA THR A 649 17.94 -26.36 21.19
C THR A 649 17.93 -24.88 21.50
N SER A 650 18.98 -24.15 21.10
CA SER A 650 19.05 -22.72 21.34
C SER A 650 18.23 -21.91 20.34
N GLY A 651 17.73 -22.53 19.28
CA GLY A 651 16.93 -21.85 18.28
C GLY A 651 17.65 -21.44 17.02
N PHE A 652 18.83 -21.98 16.77
CA PHE A 652 19.58 -21.66 15.56
C PHE A 652 19.27 -22.64 14.44
N SER A 653 19.51 -22.20 13.21
CA SER A 653 19.30 -23.02 12.03
C SER A 653 20.62 -23.65 11.59
N LEU A 654 20.57 -24.94 11.27
CA LEU A 654 21.77 -25.68 10.89
C LEU A 654 22.11 -25.42 9.43
N GLU A 655 23.37 -25.05 9.18
CA GLU A 655 23.84 -24.86 7.81
C GLU A 655 24.19 -26.22 7.20
N GLU A 656 23.74 -26.43 5.96
CA GLU A 656 23.91 -27.70 5.26
C GLU A 656 23.39 -28.85 6.12
N PRO A 657 22.06 -28.98 6.28
CA PRO A 657 21.52 -30.03 7.16
C PRO A 657 21.79 -31.44 6.67
N THR A 658 22.39 -31.63 5.49
CA THR A 658 22.70 -32.96 5.01
C THR A 658 23.90 -33.56 5.76
N SER A 659 24.89 -32.73 6.07
CA SER A 659 26.05 -33.21 6.82
C SER A 659 25.65 -33.62 8.23
N PHE A 660 24.71 -32.89 8.85
CA PHE A 660 24.24 -33.26 10.17
C PHE A 660 23.48 -34.58 10.15
N ALA A 661 22.73 -34.84 9.08
CA ALA A 661 22.02 -36.12 8.97
C ALA A 661 22.98 -37.28 8.77
N SER A 662 24.11 -37.04 8.09
CA SER A 662 25.08 -38.11 7.88
C SER A 662 25.71 -38.56 9.19
N ARG A 663 25.87 -37.64 10.15
CA ARG A 663 26.40 -38.03 11.46
C ARG A 663 25.40 -38.89 12.23
N ILE A 664 24.11 -38.58 12.10
CA ILE A 664 23.08 -39.37 12.77
C ILE A 664 22.97 -40.76 12.14
N ASN A 665 23.07 -40.82 10.81
CA ASN A 665 22.99 -42.11 10.13
C ASN A 665 24.13 -43.04 10.52
N ARG A 666 25.33 -42.48 10.77
CA ARG A 666 26.45 -43.31 11.20
C ARG A 666 26.29 -43.77 12.64
N LEU A 667 25.56 -43.00 13.46
CA LEU A 667 25.30 -43.44 14.83
C LEU A 667 24.27 -44.56 14.86
N ILE A 668 23.27 -44.49 13.98
CA ILE A 668 22.28 -45.56 13.91
C ILE A 668 22.92 -46.85 13.43
N SER A 669 23.83 -46.76 12.45
CA SER A 669 24.55 -47.94 11.99
C SER A 669 25.41 -48.52 13.10
N LEU A 670 26.00 -47.67 13.93
CA LEU A 670 26.78 -48.15 15.07
C LEU A 670 25.89 -48.88 16.07
N GLY A 671 24.66 -48.39 16.27
CA GLY A 671 23.75 -49.06 17.17
C GLY A 671 23.13 -50.32 16.63
N LEU A 672 23.11 -50.48 15.31
CA LEU A 672 22.57 -51.68 14.66
C LEU A 672 23.64 -52.70 14.32
N ASN A 673 24.84 -52.56 14.91
CA ASN A 673 25.95 -53.49 14.70
C ASN A 673 26.31 -53.59 13.21
N ILE A 674 26.40 -52.44 12.55
CA ILE A 674 26.78 -52.36 11.15
C ILE A 674 28.25 -52.00 11.08
N ASP A 675 29.03 -52.82 10.38
CA ASP A 675 30.46 -52.58 10.25
C ASP A 675 30.76 -51.71 9.02
N GLY B 3 -40.90 33.54 -18.07
CA GLY B 3 -41.47 34.72 -17.44
C GLY B 3 -40.46 35.82 -17.18
N GLU B 4 -39.57 35.59 -16.23
CA GLU B 4 -38.53 36.54 -15.87
C GLU B 4 -37.18 35.87 -15.96
N THR B 5 -36.27 36.46 -16.75
CA THR B 5 -34.93 35.93 -16.96
C THR B 5 -33.92 36.86 -16.29
N PHE B 6 -33.12 36.30 -15.39
CA PHE B 6 -32.11 37.06 -14.66
C PHE B 6 -30.72 36.53 -15.00
N GLU B 7 -29.70 37.21 -14.46
CA GLU B 7 -28.31 36.85 -14.68
C GLU B 7 -27.68 36.41 -13.36
N PHE B 8 -26.74 35.47 -13.46
CA PHE B 8 -26.04 34.98 -12.28
C PHE B 8 -25.12 36.07 -11.72
N GLN B 9 -25.26 36.35 -10.44
CA GLN B 9 -24.46 37.33 -9.73
C GLN B 9 -23.47 36.62 -8.81
N ALA B 10 -22.67 37.42 -8.10
CA ALA B 10 -21.67 36.88 -7.18
C ALA B 10 -21.59 37.78 -5.95
N GLU B 11 -21.48 37.16 -4.78
CA GLU B 11 -21.35 37.87 -3.52
C GLU B 11 -19.87 38.13 -3.27
N ILE B 12 -19.44 39.37 -3.55
CA ILE B 12 -18.02 39.69 -3.47
C ILE B 12 -17.52 39.62 -2.04
N THR B 13 -18.33 40.06 -1.08
CA THR B 13 -17.92 40.04 0.31
C THR B 13 -17.74 38.63 0.86
N GLN B 14 -18.34 37.63 0.22
CA GLN B 14 -18.21 36.24 0.65
C GLN B 14 -17.37 35.40 -0.29
N LEU B 15 -17.34 35.73 -1.59
CA LEU B 15 -16.52 34.97 -2.53
C LEU B 15 -15.03 35.11 -2.21
N MET B 16 -14.60 36.28 -1.74
CA MET B 16 -13.20 36.48 -1.42
C MET B 16 -12.74 35.56 -0.30
N SER B 17 -13.60 35.34 0.70
CA SER B 17 -13.25 34.45 1.80
C SER B 17 -13.19 33.00 1.35
N LEU B 18 -14.03 32.61 0.39
CA LEU B 18 -14.05 31.22 -0.06
C LEU B 18 -12.86 30.91 -0.95
N ILE B 19 -12.48 31.84 -1.83
CA ILE B 19 -11.37 31.59 -2.74
C ILE B 19 -10.05 31.53 -1.99
N ILE B 20 -9.90 32.35 -0.95
CA ILE B 20 -8.63 32.44 -0.25
C ILE B 20 -8.51 31.34 0.79
N ASN B 21 -9.49 31.23 1.69
CA ASN B 21 -9.38 30.37 2.86
C ASN B 21 -9.75 28.92 2.60
N THR B 22 -10.77 28.66 1.78
CA THR B 22 -11.34 27.33 1.62
C THR B 22 -11.13 26.80 0.21
N VAL B 23 -9.92 26.99 -0.33
CA VAL B 23 -9.53 26.42 -1.62
C VAL B 23 -8.24 25.61 -1.51
N TYR B 24 -7.18 26.22 -0.98
CA TYR B 24 -5.89 25.57 -0.88
C TYR B 24 -5.74 24.88 0.47
N SER B 25 -5.15 23.68 0.45
CA SER B 25 -4.98 22.91 1.68
C SER B 25 -3.92 23.51 2.57
N ASN B 26 -2.76 23.84 2.00
CA ASN B 26 -1.66 24.41 2.75
C ASN B 26 -1.57 25.92 2.52
N LYS B 27 -0.89 26.60 3.45
CA LYS B 27 -0.68 28.03 3.35
C LYS B 27 0.59 28.39 2.57
N GLU B 28 1.49 27.43 2.37
CA GLU B 28 2.68 27.65 1.58
C GLU B 28 2.42 27.65 0.08
N ILE B 29 1.18 27.37 -0.33
CA ILE B 29 0.84 27.35 -1.75
C ILE B 29 0.90 28.74 -2.36
N PHE B 30 0.79 29.79 -1.54
CA PHE B 30 0.80 31.16 -2.06
C PHE B 30 2.10 31.47 -2.80
N LEU B 31 3.22 30.91 -2.35
CA LEU B 31 4.49 31.17 -3.01
C LEU B 31 4.55 30.50 -4.38
N ARG B 32 3.88 29.37 -4.55
CA ARG B 32 3.91 28.68 -5.83
C ARG B 32 3.20 29.47 -6.91
N GLU B 33 2.06 30.09 -6.58
CA GLU B 33 1.32 30.85 -7.57
C GLU B 33 1.99 32.18 -7.89
N LEU B 34 2.63 32.81 -6.91
CA LEU B 34 3.31 34.07 -7.18
C LEU B 34 4.55 33.87 -8.04
N ILE B 35 5.24 32.74 -7.86
CA ILE B 35 6.36 32.43 -8.75
C ILE B 35 5.86 32.02 -10.12
N SER B 36 4.74 31.29 -10.17
CA SER B 36 4.16 30.91 -11.45
C SER B 36 3.68 32.14 -12.23
N ASN B 37 3.06 33.10 -11.53
CA ASN B 37 2.67 34.34 -12.19
C ASN B 37 3.88 35.14 -12.63
N ALA B 38 4.99 35.03 -11.91
CA ALA B 38 6.22 35.70 -12.32
C ALA B 38 6.82 35.04 -13.55
N SER B 39 6.76 33.70 -13.62
CA SER B 39 7.24 33.00 -14.80
C SER B 39 6.36 33.28 -16.01
N ASP B 40 5.06 33.47 -15.81
CA ASP B 40 4.16 33.79 -16.92
C ASP B 40 4.44 35.18 -17.47
N ALA B 41 4.66 36.16 -16.58
CA ALA B 41 4.98 37.51 -17.02
C ALA B 41 6.31 37.54 -17.77
N LEU B 42 7.26 36.70 -17.36
CA LEU B 42 8.53 36.62 -18.07
C LEU B 42 8.36 35.96 -19.43
N ASP B 43 7.40 35.04 -19.56
CA ASP B 43 7.13 34.44 -20.87
C ASP B 43 6.43 35.43 -21.81
N LYS B 44 5.63 36.34 -21.25
CA LYS B 44 4.96 37.32 -22.10
C LYS B 44 5.95 38.30 -22.70
N ILE B 45 6.89 38.80 -21.89
CA ILE B 45 7.88 39.75 -22.40
C ILE B 45 8.90 39.04 -23.28
N ARG B 46 9.16 37.76 -23.03
CA ARG B 46 10.07 37.01 -23.90
C ARG B 46 9.43 36.74 -25.25
N TYR B 47 8.12 36.52 -25.29
CA TYR B 47 7.42 36.30 -26.55
C TYR B 47 7.38 37.59 -27.38
N GLN B 48 7.38 38.75 -26.73
CA GLN B 48 7.40 40.02 -27.44
C GLN B 48 8.81 40.45 -27.81
N ALA B 49 9.83 39.95 -27.12
CA ALA B 49 11.21 40.29 -27.45
C ALA B 49 11.62 39.70 -28.79
N LEU B 50 11.01 38.58 -29.20
CA LEU B 50 11.32 37.98 -30.49
C LEU B 50 10.80 38.82 -31.65
N SER B 51 9.76 39.63 -31.43
CA SER B 51 9.22 40.48 -32.48
C SER B 51 9.59 41.94 -32.32
N ASP B 52 9.95 42.37 -31.11
CA ASP B 52 10.35 43.76 -30.85
C ASP B 52 11.43 43.76 -29.78
N PRO B 53 12.70 43.90 -30.17
CA PRO B 53 13.78 43.92 -29.17
C PRO B 53 13.74 45.13 -28.26
N LYS B 54 13.04 46.21 -28.65
CA LYS B 54 12.98 47.40 -27.80
C LYS B 54 12.15 47.17 -26.54
N GLN B 55 11.34 46.11 -26.51
CA GLN B 55 10.57 45.80 -25.31
C GLN B 55 11.41 45.17 -24.20
N LEU B 56 12.65 44.76 -24.50
CA LEU B 56 13.51 44.12 -23.52
C LEU B 56 14.75 44.96 -23.22
N GLU B 57 14.72 46.26 -23.52
CA GLU B 57 15.86 47.12 -23.28
C GLU B 57 15.82 47.80 -21.92
N THR B 58 14.63 47.92 -21.31
CA THR B 58 14.52 48.51 -19.99
C THR B 58 14.96 47.57 -18.88
N GLU B 59 14.92 46.26 -19.13
CA GLU B 59 15.36 45.26 -18.16
C GLU B 59 15.73 43.98 -18.90
N PRO B 60 16.96 43.86 -19.39
CA PRO B 60 17.32 42.67 -20.18
C PRO B 60 17.43 41.40 -19.35
N ASP B 61 17.66 41.50 -18.05
CA ASP B 61 17.80 40.33 -17.19
C ASP B 61 16.43 39.81 -16.81
N LEU B 62 16.15 38.55 -17.14
CA LEU B 62 14.89 37.90 -16.80
C LEU B 62 15.12 37.04 -15.57
N PHE B 63 14.83 37.60 -14.40
CA PHE B 63 15.07 36.94 -13.13
C PHE B 63 13.84 37.07 -12.23
N ILE B 64 13.87 36.32 -11.14
CA ILE B 64 12.82 36.36 -10.11
C ILE B 64 13.53 36.52 -8.78
N ARG B 65 13.39 37.70 -8.16
CA ARG B 65 14.10 38.02 -6.93
C ARG B 65 13.13 38.04 -5.76
N ILE B 66 13.53 37.42 -4.65
CA ILE B 66 12.75 37.38 -3.42
C ILE B 66 13.60 37.96 -2.31
N THR B 67 13.09 39.01 -1.66
CA THR B 67 13.82 39.70 -0.60
C THR B 67 13.00 39.71 0.68
N PRO B 68 13.31 38.86 1.65
CA PRO B 68 12.58 38.89 2.92
C PRO B 68 13.13 39.96 3.86
N LYS B 69 12.23 40.58 4.60
CA LYS B 69 12.58 41.62 5.56
C LYS B 69 11.97 41.27 6.91
N PRO B 70 12.76 40.71 7.84
CA PRO B 70 12.19 40.34 9.15
C PRO B 70 11.91 41.54 10.03
N GLU B 71 12.68 42.62 9.89
CA GLU B 71 12.46 43.80 10.73
C GLU B 71 11.14 44.49 10.38
N GLU B 72 10.83 44.57 9.08
CA GLU B 72 9.60 45.22 8.62
C GLU B 72 8.47 44.23 8.39
N LYS B 73 8.72 42.93 8.55
CA LYS B 73 7.72 41.89 8.31
C LYS B 73 7.15 41.99 6.89
N VAL B 74 8.05 42.14 5.92
CA VAL B 74 7.69 42.33 4.52
C VAL B 74 8.45 41.30 3.68
N LEU B 75 7.72 40.55 2.86
CA LEU B 75 8.31 39.58 1.95
C LEU B 75 8.10 40.09 0.54
N GLU B 76 9.14 40.66 -0.05
CA GLU B 76 9.07 41.23 -1.39
C GLU B 76 9.43 40.19 -2.43
N ILE B 77 8.62 40.11 -3.49
CA ILE B 77 8.85 39.20 -4.60
C ILE B 77 8.85 40.05 -5.87
N ARG B 78 10.03 40.32 -6.40
CA ARG B 78 10.19 41.17 -7.58
C ARG B 78 10.47 40.32 -8.81
N ASP B 79 9.78 40.61 -9.90
CA ASP B 79 10.00 39.94 -11.17
C ASP B 79 10.24 40.99 -12.25
N SER B 80 10.90 40.56 -13.33
CA SER B 80 11.20 41.42 -14.46
C SER B 80 10.36 41.07 -15.69
N GLY B 81 9.11 40.70 -15.46
CA GLY B 81 8.23 40.29 -16.53
C GLY B 81 7.73 41.44 -17.38
N ILE B 82 6.60 41.24 -18.05
CA ILE B 82 6.05 42.28 -18.91
C ILE B 82 5.45 43.41 -18.09
N GLY B 83 4.96 43.11 -16.89
CA GLY B 83 4.34 44.11 -16.05
C GLY B 83 2.87 44.29 -16.39
N MET B 84 2.22 45.15 -15.60
CA MET B 84 0.80 45.44 -15.75
C MET B 84 0.60 46.94 -15.81
N THR B 85 -0.28 47.38 -16.72
CA THR B 85 -0.58 48.79 -16.87
C THR B 85 -1.61 49.21 -15.82
N LYS B 86 -2.11 50.44 -15.92
CA LYS B 86 -3.11 50.90 -14.98
C LYS B 86 -4.43 50.17 -15.19
N ALA B 87 -4.78 49.87 -16.43
CA ALA B 87 -6.03 49.15 -16.71
C ALA B 87 -5.92 47.68 -16.34
N GLU B 88 -4.72 47.09 -16.47
CA GLU B 88 -4.56 45.68 -16.14
C GLU B 88 -4.64 45.43 -14.64
N LEU B 89 -4.23 46.41 -13.83
CA LEU B 89 -4.35 46.28 -12.39
C LEU B 89 -5.80 46.28 -11.92
N ILE B 90 -6.70 46.84 -12.71
CA ILE B 90 -8.12 46.92 -12.36
C ILE B 90 -8.91 45.79 -13.00
N ASN B 91 -8.63 45.47 -14.26
CA ASN B 91 -9.38 44.43 -14.96
C ASN B 91 -8.87 43.04 -14.63
N ASN B 92 -7.59 42.78 -14.90
CA ASN B 92 -7.03 41.45 -14.66
C ASN B 92 -6.89 41.17 -13.17
N LEU B 93 -6.13 42.01 -12.46
CA LEU B 93 -5.84 41.77 -11.07
C LEU B 93 -7.01 42.10 -10.14
N GLY B 94 -7.90 42.98 -10.56
CA GLY B 94 -9.00 43.42 -9.70
C GLY B 94 -10.21 42.53 -9.72
N THR B 95 -10.44 41.83 -10.84
CA THR B 95 -11.61 40.99 -11.02
C THR B 95 -11.26 39.54 -10.70
N ILE B 96 -12.09 38.90 -9.87
CA ILE B 96 -11.88 37.50 -9.53
C ILE B 96 -12.19 36.63 -10.75
N ALA B 97 -11.42 35.55 -10.91
CA ALA B 97 -11.53 34.58 -11.99
C ALA B 97 -11.22 35.15 -13.37
N LYS B 98 -10.71 36.38 -13.45
CA LYS B 98 -10.31 36.98 -14.71
C LYS B 98 -8.85 36.68 -14.94
N SER B 99 -8.55 35.90 -15.98
CA SER B 99 -7.20 35.47 -16.29
C SER B 99 -6.75 36.17 -17.57
N GLY B 100 -5.94 37.22 -17.43
CA GLY B 100 -5.35 37.86 -18.58
C GLY B 100 -4.26 37.04 -19.23
N THR B 101 -3.57 36.19 -18.47
CA THR B 101 -2.60 35.29 -19.05
C THR B 101 -3.26 34.28 -19.98
N LYS B 102 -4.41 33.75 -19.58
CA LYS B 102 -5.17 32.87 -20.46
C LYS B 102 -5.67 33.63 -21.68
N ALA B 103 -6.08 34.90 -21.51
CA ALA B 103 -6.50 35.70 -22.65
C ALA B 103 -5.35 35.98 -23.60
N PHE B 104 -4.12 36.11 -23.07
CA PHE B 104 -2.96 36.29 -23.94
C PHE B 104 -2.65 35.02 -24.72
N MET B 105 -2.91 33.85 -24.13
CA MET B 105 -2.73 32.60 -24.84
C MET B 105 -3.76 32.42 -25.94
N GLU B 106 -4.96 33.00 -25.78
CA GLU B 106 -6.01 32.89 -26.78
C GLU B 106 -5.84 33.89 -27.91
N ALA B 107 -5.01 34.93 -27.73
CA ALA B 107 -4.83 35.93 -28.77
C ALA B 107 -3.88 35.45 -29.87
N LEU B 108 -2.92 34.60 -29.53
CA LEU B 108 -1.97 34.10 -30.52
C LEU B 108 -2.56 32.92 -31.28
N SER B 109 -1.85 32.49 -32.32
CA SER B 109 -2.32 31.42 -33.18
C SER B 109 -1.96 30.06 -32.60
N ALA B 110 -2.67 29.03 -33.08
CA ALA B 110 -2.43 27.67 -32.61
C ALA B 110 -1.10 27.15 -33.13
N GLY B 111 -0.25 26.70 -32.22
CA GLY B 111 1.06 26.18 -32.55
C GLY B 111 2.24 27.00 -32.09
N ALA B 112 2.07 27.88 -31.11
CA ALA B 112 3.16 28.70 -30.62
C ALA B 112 4.02 27.90 -29.62
N ASP B 113 5.11 28.53 -29.19
CA ASP B 113 6.05 27.92 -28.24
C ASP B 113 5.89 28.49 -26.84
N VAL B 114 4.66 28.80 -26.44
CA VAL B 114 4.35 29.36 -25.13
C VAL B 114 3.75 28.27 -24.26
N SER B 115 4.27 28.14 -23.04
CA SER B 115 3.82 27.15 -22.07
C SER B 115 3.47 27.82 -20.75
N MET B 116 2.70 28.90 -20.83
CA MET B 116 2.35 29.66 -19.64
C MET B 116 1.52 28.83 -18.67
N ILE B 117 1.49 29.27 -17.42
CA ILE B 117 0.91 28.51 -16.33
C ILE B 117 -0.48 29.02 -15.97
N GLY B 118 -0.66 30.34 -15.91
CA GLY B 118 -1.91 30.91 -15.44
C GLY B 118 -3.06 30.62 -16.39
N GLN B 119 -4.07 29.92 -15.90
CA GLN B 119 -5.27 29.63 -16.69
C GLN B 119 -6.58 29.85 -15.97
N PHE B 120 -6.60 29.85 -14.63
CA PHE B 120 -7.83 29.97 -13.88
C PHE B 120 -8.19 31.43 -13.59
N GLY B 121 -7.30 32.14 -12.89
CA GLY B 121 -7.52 33.53 -12.56
C GLY B 121 -7.78 33.83 -11.10
N VAL B 122 -7.59 32.86 -10.21
CA VAL B 122 -7.85 33.05 -8.79
C VAL B 122 -6.61 32.68 -7.99
N GLY B 123 -5.47 32.54 -8.68
CA GLY B 123 -4.23 32.17 -8.01
C GLY B 123 -3.54 33.30 -7.29
N PHE B 124 -3.83 34.55 -7.67
CA PHE B 124 -3.17 35.69 -7.02
C PHE B 124 -3.66 35.89 -5.60
N TYR B 125 -4.94 35.61 -5.33
CA TYR B 125 -5.53 35.85 -4.02
C TYR B 125 -5.01 34.89 -2.94
N SER B 126 -4.16 33.94 -3.29
CA SER B 126 -3.65 32.99 -2.30
C SER B 126 -2.69 33.63 -1.31
N LEU B 127 -2.11 34.79 -1.66
CA LEU B 127 -1.14 35.43 -0.78
C LEU B 127 -1.77 35.98 0.50
N PHE B 128 -3.08 36.20 0.50
CA PHE B 128 -3.75 36.72 1.68
C PHE B 128 -3.85 35.72 2.82
N LEU B 129 -3.56 34.43 2.56
CA LEU B 129 -3.54 33.45 3.64
C LEU B 129 -2.40 33.71 4.61
N VAL B 130 -1.33 34.36 4.17
CA VAL B 130 -0.20 34.67 5.02
C VAL B 130 0.06 36.16 5.15
N ALA B 131 -0.44 36.99 4.25
CA ALA B 131 -0.22 38.43 4.27
C ALA B 131 -1.50 39.15 4.65
N ASP B 132 -1.38 40.13 5.55
CA ASP B 132 -2.55 40.90 5.97
C ASP B 132 -2.97 41.89 4.89
N ARG B 133 -2.03 42.64 4.34
CA ARG B 133 -2.30 43.59 3.27
C ARG B 133 -1.19 43.50 2.24
N VAL B 134 -1.54 43.76 0.98
CA VAL B 134 -0.60 43.65 -0.13
C VAL B 134 -0.39 45.03 -0.74
N GLN B 135 0.81 45.23 -1.26
CA GLN B 135 1.21 46.51 -1.87
C GLN B 135 1.91 46.25 -3.20
N VAL B 136 1.29 45.41 -4.03
CA VAL B 136 1.89 45.03 -5.31
C VAL B 136 2.17 46.27 -6.15
N ILE B 137 3.41 46.40 -6.60
CA ILE B 137 3.84 47.52 -7.43
C ILE B 137 4.18 46.97 -8.81
N SER B 138 3.62 47.60 -9.85
CA SER B 138 3.80 47.15 -11.22
C SER B 138 4.39 48.27 -12.06
N LYS B 139 4.98 47.88 -13.20
CA LYS B 139 5.59 48.84 -14.11
C LYS B 139 5.61 48.21 -15.51
N ASN B 140 4.95 48.87 -16.46
CA ASN B 140 4.89 48.39 -17.84
C ASN B 140 5.64 49.35 -18.76
N ASN B 141 5.96 48.86 -19.95
CA ASN B 141 6.70 49.68 -20.91
C ASN B 141 5.81 50.78 -21.49
N GLU B 142 4.53 50.47 -21.75
CA GLU B 142 3.60 51.42 -22.33
C GLU B 142 2.75 52.13 -21.28
N ASP B 143 3.26 52.24 -20.06
CA ASP B 143 2.53 52.89 -18.98
C ASP B 143 3.52 53.31 -17.91
N GLU B 144 3.01 54.01 -16.90
CA GLU B 144 3.84 54.48 -15.79
C GLU B 144 3.89 53.41 -14.71
N GLN B 145 4.50 53.73 -13.57
CA GLN B 145 4.62 52.82 -12.44
C GLN B 145 3.50 53.10 -11.44
N TYR B 146 2.72 52.08 -11.13
CA TYR B 146 1.58 52.21 -10.23
C TYR B 146 1.74 51.25 -9.04
N ILE B 147 0.89 51.47 -8.04
CA ILE B 147 0.87 50.67 -6.82
C ILE B 147 -0.52 50.08 -6.66
N TRP B 148 -0.60 48.77 -6.41
CA TRP B 148 -1.86 48.07 -6.22
C TRP B 148 -1.93 47.63 -4.76
N GLU B 149 -2.69 48.38 -3.96
CA GLU B 149 -2.82 48.11 -2.54
C GLU B 149 -4.17 47.47 -2.25
N SER B 150 -4.16 46.44 -1.39
CA SER B 150 -5.39 45.74 -1.02
C SER B 150 -5.12 44.95 0.26
N ASN B 151 -6.20 44.65 0.98
CA ASN B 151 -6.11 43.87 2.21
C ASN B 151 -7.24 42.85 2.31
N ALA B 152 -7.75 42.40 1.17
CA ALA B 152 -8.86 41.43 1.11
C ALA B 152 -10.07 41.92 1.91
N GLY B 153 -10.39 43.20 1.76
CA GLY B 153 -11.52 43.78 2.45
C GLY B 153 -12.65 44.19 1.52
N GLY B 154 -12.64 43.65 0.30
CA GLY B 154 -13.65 43.96 -0.68
C GLY B 154 -13.36 45.17 -1.54
N SER B 155 -12.15 45.72 -1.47
CA SER B 155 -11.79 46.89 -2.27
C SER B 155 -10.28 46.98 -2.35
N PHE B 156 -9.81 47.63 -3.42
CA PHE B 156 -8.37 47.84 -3.62
C PHE B 156 -8.15 49.27 -4.09
N THR B 157 -6.89 49.70 -4.01
CA THR B 157 -6.51 51.06 -4.37
C THR B 157 -5.39 51.02 -5.40
N VAL B 158 -5.51 51.85 -6.42
CA VAL B 158 -4.52 51.97 -7.48
C VAL B 158 -4.02 53.41 -7.49
N THR B 159 -2.80 53.63 -7.02
CA THR B 159 -2.21 54.95 -6.89
C THR B 159 -0.90 55.02 -7.66
N LEU B 160 -0.64 56.18 -8.26
CA LEU B 160 0.61 56.37 -8.99
C LEU B 160 1.79 56.32 -8.02
N ASP B 161 2.84 55.62 -8.43
CA ASP B 161 3.99 55.37 -7.57
C ASP B 161 4.92 56.58 -7.59
N GLU B 162 5.12 57.19 -6.41
CA GLU B 162 6.07 58.29 -6.27
C GLU B 162 6.91 58.19 -5.01
N VAL B 163 6.79 57.13 -4.22
CA VAL B 163 7.51 57.02 -2.95
C VAL B 163 8.28 55.70 -2.91
N ASN B 164 8.60 55.15 -4.08
CA ASN B 164 9.32 53.89 -4.17
C ASN B 164 10.42 54.01 -5.22
N GLU B 165 11.34 53.03 -5.20
CA GLU B 165 12.45 53.03 -6.13
C GLU B 165 11.95 52.77 -7.55
N ARG B 166 12.45 53.55 -8.51
CA ARG B 166 12.05 53.39 -9.89
C ARG B 166 12.58 52.08 -10.46
N ILE B 167 11.72 51.32 -11.13
CA ILE B 167 12.10 50.06 -11.75
C ILE B 167 11.87 50.16 -13.26
N GLY B 168 12.69 49.45 -14.01
CA GLY B 168 12.59 49.46 -15.46
C GLY B 168 11.34 48.80 -15.99
N ARG B 169 11.15 47.51 -15.67
CA ARG B 169 10.01 46.76 -16.15
C ARG B 169 9.83 45.53 -15.26
N GLY B 170 8.58 45.21 -14.96
CA GLY B 170 8.25 44.05 -14.17
C GLY B 170 7.17 44.38 -13.15
N THR B 171 7.11 43.59 -12.09
CA THR B 171 6.13 43.76 -11.04
C THR B 171 6.73 43.38 -9.71
N VAL B 172 6.60 44.26 -8.72
CA VAL B 172 7.09 44.03 -7.37
C VAL B 172 5.90 43.74 -6.47
N LEU B 173 5.96 42.61 -5.76
CA LEU B 173 4.88 42.17 -4.89
C LEU B 173 5.32 42.35 -3.45
N ARG B 174 4.74 43.34 -2.78
CA ARG B 174 5.06 43.65 -1.39
C ARG B 174 4.02 42.97 -0.49
N LEU B 175 4.48 41.99 0.29
CA LEU B 175 3.60 41.17 1.12
C LEU B 175 3.86 41.50 2.59
N PHE B 176 2.88 42.15 3.23
CA PHE B 176 2.92 42.40 4.67
C PHE B 176 2.37 41.19 5.38
N LEU B 177 3.27 40.30 5.79
CA LEU B 177 2.86 39.05 6.41
C LEU B 177 2.20 39.30 7.77
N LYS B 178 1.34 38.37 8.17
CA LYS B 178 0.62 38.47 9.43
C LYS B 178 1.54 38.16 10.61
N ASP B 179 1.01 38.37 11.81
CA ASP B 179 1.80 38.12 13.02
C ASP B 179 2.06 36.63 13.24
N ASP B 180 1.14 35.77 12.81
CA ASP B 180 1.29 34.34 12.98
C ASP B 180 1.96 33.66 11.78
N GLN B 181 2.09 34.35 10.65
CA GLN B 181 2.68 33.79 9.44
C GLN B 181 4.07 34.37 9.18
N LEU B 182 4.80 34.72 10.23
CA LEU B 182 6.15 35.25 10.10
C LEU B 182 7.19 34.19 9.78
N GLU B 183 6.78 32.92 9.66
CA GLU B 183 7.75 31.86 9.35
C GLU B 183 8.30 31.96 7.94
N TYR B 184 7.60 32.65 7.03
CA TYR B 184 8.03 32.79 5.65
C TYR B 184 9.05 33.91 5.46
N LEU B 185 9.64 34.42 6.54
CA LEU B 185 10.67 35.45 6.45
C LEU B 185 12.07 34.90 6.65
N GLU B 186 12.21 33.62 7.00
CA GLU B 186 13.51 33.02 7.23
C GLU B 186 14.03 32.37 5.96
N GLU B 187 15.25 31.84 6.01
CA GLU B 187 15.86 31.21 4.85
C GLU B 187 15.41 29.76 4.69
N LYS B 188 15.11 29.08 5.80
CA LYS B 188 14.75 27.66 5.73
C LYS B 188 13.38 27.47 5.06
N ARG B 189 12.40 28.28 5.45
CA ARG B 189 11.05 28.09 4.94
C ARG B 189 10.94 28.48 3.47
N ILE B 190 11.66 29.53 3.07
CA ILE B 190 11.59 29.97 1.68
C ILE B 190 12.18 28.91 0.75
N LYS B 191 13.36 28.40 1.09
CA LYS B 191 13.99 27.37 0.27
C LYS B 191 13.22 26.05 0.32
N GLU B 192 12.46 25.80 1.38
CA GLU B 192 11.70 24.56 1.46
C GLU B 192 10.53 24.56 0.48
N VAL B 193 9.84 25.70 0.35
CA VAL B 193 8.71 25.77 -0.57
C VAL B 193 9.19 25.76 -2.01
N ILE B 194 10.31 26.42 -2.30
CA ILE B 194 10.83 26.46 -3.65
C ILE B 194 11.32 25.07 -4.07
N LYS B 195 11.96 24.34 -3.16
CA LYS B 195 12.41 22.98 -3.43
C LYS B 195 11.24 21.97 -3.44
N ARG B 196 10.01 22.44 -3.37
CA ARG B 196 8.83 21.59 -3.34
C ARG B 196 7.81 21.91 -4.43
N HIS B 197 7.66 23.18 -4.80
CA HIS B 197 6.65 23.58 -5.77
C HIS B 197 7.20 24.33 -6.98
N SER B 198 8.24 25.15 -6.79
CA SER B 198 8.80 25.97 -7.86
C SER B 198 10.28 25.69 -8.02
N GLU B 199 10.64 24.40 -8.08
CA GLU B 199 12.04 24.02 -8.22
C GLU B 199 12.51 24.05 -9.67
N PHE B 200 11.65 23.67 -10.61
CA PHE B 200 12.01 23.53 -12.01
C PHE B 200 11.49 24.69 -12.85
N VAL B 201 11.52 25.90 -12.29
CA VAL B 201 11.17 27.08 -13.05
C VAL B 201 12.28 27.39 -14.05
N ALA B 202 11.89 27.68 -15.29
CA ALA B 202 12.87 27.94 -16.33
C ALA B 202 13.70 29.19 -16.03
N TYR B 203 13.13 30.16 -15.35
CA TYR B 203 13.87 31.38 -15.04
C TYR B 203 14.52 31.27 -13.66
N PRO B 204 15.69 31.90 -13.48
CA PRO B 204 16.39 31.80 -12.20
C PRO B 204 15.62 32.51 -11.09
N ILE B 205 15.51 31.83 -9.94
CA ILE B 205 14.82 32.37 -8.78
C ILE B 205 15.89 32.83 -7.79
N GLN B 206 16.01 34.14 -7.63
CA GLN B 206 17.00 34.73 -6.74
C GLN B 206 16.41 34.94 -5.35
N LEU B 207 17.21 34.66 -4.32
CA LEU B 207 16.81 34.83 -2.94
C LEU B 207 17.85 35.67 -2.21
N LEU B 208 17.39 36.74 -1.54
CA LEU B 208 18.28 37.62 -0.81
C LEU B 208 18.46 37.06 0.60
N VAL B 209 19.61 36.45 0.84
CA VAL B 209 19.92 35.87 2.15
C VAL B 209 20.93 36.76 2.85
N THR B 210 20.82 36.82 4.17
CA THR B 210 21.71 37.62 5.00
C THR B 210 22.82 36.73 5.56
N LYS B 211 24.07 37.07 5.24
CA LYS B 211 25.22 36.31 5.72
C LYS B 211 25.57 36.67 7.16
N VAL B 260 26.28 41.56 5.69
CA VAL B 260 26.31 41.52 4.23
C VAL B 260 25.23 40.58 3.70
N GLN B 261 24.50 41.05 2.70
CA GLN B 261 23.42 40.28 2.08
C GLN B 261 23.77 40.02 0.62
N GLU B 262 23.56 38.79 0.19
CA GLU B 262 23.88 38.35 -1.16
C GLU B 262 22.64 37.76 -1.82
N LEU B 263 22.80 37.29 -3.07
CA LEU B 263 21.74 36.70 -3.85
C LEU B 263 22.16 35.30 -4.26
N GLU B 264 21.33 34.31 -3.92
CA GLU B 264 21.60 32.91 -4.24
C GLU B 264 20.50 32.39 -5.15
N GLU B 265 20.89 31.68 -6.21
CA GLU B 265 19.94 31.09 -7.13
C GLU B 265 19.40 29.79 -6.54
N LEU B 266 18.09 29.76 -6.28
CA LEU B 266 17.49 28.58 -5.67
C LEU B 266 17.34 27.44 -6.66
N ASN B 267 16.94 27.72 -7.90
CA ASN B 267 16.76 26.70 -8.93
C ASN B 267 18.07 26.55 -9.67
N LYS B 268 18.95 25.69 -9.15
CA LYS B 268 20.25 25.46 -9.75
C LYS B 268 20.22 24.39 -10.83
N THR B 269 19.28 23.45 -10.75
CA THR B 269 19.18 22.35 -11.70
C THR B 269 18.06 22.65 -12.68
N LYS B 270 18.43 22.94 -13.92
CA LYS B 270 17.43 23.22 -14.95
C LYS B 270 16.70 21.94 -15.35
N PRO B 271 15.45 22.05 -15.78
CA PRO B 271 14.72 20.84 -16.20
C PRO B 271 15.35 20.20 -17.42
N LEU B 272 15.42 18.86 -17.39
CA LEU B 272 15.99 18.10 -18.49
C LEU B 272 14.93 17.55 -19.44
N TRP B 273 13.66 17.54 -19.06
CA TRP B 273 12.62 17.04 -19.96
C TRP B 273 12.37 17.98 -21.13
N THR B 274 12.72 19.26 -21.00
CA THR B 274 12.61 20.20 -22.11
C THR B 274 13.72 20.04 -23.14
N ARG B 275 14.59 19.05 -22.97
CA ARG B 275 15.68 18.78 -23.89
C ARG B 275 15.58 17.36 -24.43
N ASN B 276 16.23 17.14 -25.57
CA ASN B 276 16.22 15.81 -26.17
C ASN B 276 17.08 14.86 -25.33
N PRO B 277 16.68 13.59 -25.19
CA PRO B 277 17.48 12.65 -24.39
C PRO B 277 18.82 12.30 -25.00
N SER B 278 19.02 12.58 -26.30
CA SER B 278 20.30 12.29 -26.93
C SER B 278 21.36 13.34 -26.58
N ASP B 279 20.95 14.59 -26.39
CA ASP B 279 21.89 15.65 -26.07
C ASP B 279 22.27 15.70 -24.60
N ILE B 280 21.54 14.99 -23.74
CA ILE B 280 21.83 14.98 -22.31
C ILE B 280 22.93 13.96 -22.03
N THR B 281 23.92 14.36 -21.24
CA THR B 281 25.02 13.48 -20.88
C THR B 281 24.67 12.68 -19.63
N GLN B 282 25.63 11.88 -19.16
CA GLN B 282 25.41 11.07 -17.97
C GLN B 282 25.54 11.89 -16.70
N GLU B 283 26.43 12.88 -16.67
CA GLU B 283 26.59 13.71 -15.49
C GLU B 283 25.35 14.56 -15.21
N GLU B 284 24.65 14.98 -16.27
CA GLU B 284 23.44 15.77 -16.08
C GLU B 284 22.32 14.94 -15.47
N TYR B 285 22.23 13.66 -15.84
CA TYR B 285 21.22 12.79 -15.24
C TYR B 285 21.53 12.52 -13.77
N ASN B 286 22.80 12.48 -13.39
CA ASN B 286 23.16 12.25 -11.99
C ASN B 286 22.78 13.45 -11.13
N ALA B 287 23.08 14.66 -11.59
CA ALA B 287 22.70 15.85 -10.85
C ALA B 287 21.19 16.04 -10.82
N PHE B 288 20.50 15.63 -11.90
CA PHE B 288 19.05 15.73 -11.92
C PHE B 288 18.40 14.76 -10.94
N TYR B 289 18.98 13.57 -10.78
CA TYR B 289 18.45 12.61 -9.82
C TYR B 289 18.64 13.10 -8.39
N LYS B 290 19.76 13.79 -8.11
CA LYS B 290 20.01 14.34 -6.79
C LYS B 290 19.14 15.55 -6.49
N SER B 291 18.44 16.08 -7.49
CA SER B 291 17.54 17.22 -7.29
C SER B 291 16.09 16.80 -7.11
N ILE B 292 15.64 15.78 -7.84
CA ILE B 292 14.26 15.31 -7.69
C ILE B 292 14.09 14.55 -6.39
N SER B 293 15.13 13.87 -5.93
CA SER B 293 15.11 13.11 -4.69
C SER B 293 16.25 13.57 -3.79
N ASN B 294 16.20 13.16 -2.52
CA ASN B 294 17.20 13.51 -1.53
C ASN B 294 18.31 12.46 -1.43
N ASP B 295 18.45 11.60 -2.44
CA ASP B 295 19.46 10.55 -2.40
C ASP B 295 20.85 11.13 -2.63
N TRP B 296 21.85 10.43 -2.11
CA TRP B 296 23.25 10.84 -2.26
C TRP B 296 23.97 10.14 -3.40
N GLU B 297 23.60 8.90 -3.71
CA GLU B 297 24.27 8.15 -4.75
C GLU B 297 23.72 8.49 -6.12
N ASP B 298 24.47 8.10 -7.15
CA ASP B 298 24.07 8.33 -8.53
C ASP B 298 23.03 7.29 -8.96
N PRO B 299 22.16 7.64 -9.92
CA PRO B 299 21.18 6.66 -10.40
C PRO B 299 21.84 5.54 -11.18
N LEU B 300 21.34 4.32 -10.99
CA LEU B 300 21.91 3.17 -11.67
C LEU B 300 21.54 3.16 -13.15
N TYR B 301 20.31 3.54 -13.48
CA TYR B 301 19.86 3.57 -14.86
C TYR B 301 18.87 4.71 -15.03
N VAL B 302 18.88 5.30 -16.22
CA VAL B 302 18.02 6.44 -16.56
C VAL B 302 17.16 6.03 -17.75
N LYS B 303 15.86 6.32 -17.65
CA LYS B 303 14.90 6.02 -18.71
C LYS B 303 14.14 7.31 -19.03
N HIS B 304 14.56 8.00 -20.08
CA HIS B 304 13.96 9.25 -20.50
C HIS B 304 13.23 9.02 -21.83
N PHE B 305 11.91 9.11 -21.79
CA PHE B 305 11.07 8.95 -22.96
C PHE B 305 10.09 10.10 -23.04
N SER B 306 9.42 10.22 -24.20
CA SER B 306 8.46 11.28 -24.43
C SER B 306 7.41 10.80 -25.40
N VAL B 307 6.14 10.86 -24.99
CA VAL B 307 5.02 10.45 -25.82
C VAL B 307 4.43 11.70 -26.46
N GLU B 308 4.40 11.73 -27.79
CA GLU B 308 3.87 12.86 -28.54
C GLU B 308 2.71 12.37 -29.41
N GLY B 309 1.54 12.97 -29.20
CA GLY B 309 0.35 12.58 -29.94
C GLY B 309 -0.92 13.10 -29.31
N GLN B 310 -1.90 12.22 -29.12
CA GLN B 310 -3.14 12.64 -28.46
C GLN B 310 -2.88 13.01 -27.01
N LEU B 311 -2.00 12.27 -26.33
CA LEU B 311 -1.59 12.56 -24.96
C LEU B 311 -0.11 12.92 -24.97
N GLU B 312 0.19 14.20 -24.74
CA GLU B 312 1.55 14.71 -24.77
C GLU B 312 2.07 14.83 -23.35
N PHE B 313 2.99 13.93 -22.96
CA PHE B 313 3.58 13.95 -21.63
C PHE B 313 4.99 13.39 -21.72
N ARG B 314 5.90 13.96 -20.94
CA ARG B 314 7.28 13.52 -20.87
C ARG B 314 7.58 13.00 -19.47
N ALA B 315 8.53 12.07 -19.39
CA ALA B 315 8.87 11.45 -18.12
C ALA B 315 10.34 11.06 -18.11
N ILE B 316 11.03 11.37 -17.02
CA ILE B 316 12.43 10.99 -16.82
C ILE B 316 12.45 10.11 -15.58
N LEU B 317 12.57 8.79 -15.78
CA LEU B 317 12.51 7.82 -14.71
C LEU B 317 13.91 7.31 -14.38
N PHE B 318 14.26 7.35 -13.10
CA PHE B 318 15.57 6.92 -12.62
C PHE B 318 15.45 5.66 -11.80
N ILE B 319 16.36 4.71 -12.03
CA ILE B 319 16.45 3.49 -11.24
C ILE B 319 17.63 3.66 -10.28
N PRO B 320 17.39 3.71 -8.97
CA PRO B 320 18.50 3.91 -8.03
C PRO B 320 19.36 2.67 -7.89
N LYS B 321 20.44 2.82 -7.13
CA LYS B 321 21.35 1.72 -6.86
C LYS B 321 20.95 0.90 -5.64
N ARG B 322 20.19 1.49 -4.72
CA ARG B 322 19.73 0.80 -3.52
C ARG B 322 18.24 1.04 -3.34
N ALA B 323 17.57 0.05 -2.74
CA ALA B 323 16.14 0.16 -2.49
C ALA B 323 15.86 1.23 -1.44
N PRO B 324 14.85 2.08 -1.66
CA PRO B 324 14.54 3.12 -0.66
C PRO B 324 13.89 2.59 0.60
N PHE B 325 13.56 1.30 0.66
CA PHE B 325 12.92 0.72 1.83
C PHE B 325 13.93 0.55 2.96
N ASN B 335 4.76 10.06 -2.98
CA ASN B 335 5.49 8.83 -3.25
C ASN B 335 6.87 9.12 -3.82
N ASN B 336 7.26 8.36 -4.84
CA ASN B 336 8.56 8.52 -5.48
C ASN B 336 8.50 9.19 -6.84
N ILE B 337 7.41 9.00 -7.58
CA ILE B 337 7.24 9.58 -8.92
C ILE B 337 6.37 10.83 -8.78
N LYS B 338 6.98 11.99 -8.99
CA LYS B 338 6.26 13.25 -8.93
C LYS B 338 5.65 13.60 -10.28
N LEU B 339 4.56 14.35 -10.25
CA LEU B 339 3.87 14.79 -11.45
C LEU B 339 3.98 16.30 -11.57
N TYR B 340 4.30 16.78 -12.76
CA TYR B 340 4.49 18.20 -13.03
C TYR B 340 3.61 18.64 -14.18
N VAL B 341 2.93 19.77 -13.99
CA VAL B 341 2.07 20.37 -15.02
C VAL B 341 2.53 21.81 -15.21
N ARG B 342 2.84 22.18 -16.46
CA ARG B 342 3.40 23.48 -16.79
C ARG B 342 4.70 23.72 -16.01
N ARG B 343 5.48 22.66 -15.84
CA ARG B 343 6.75 22.71 -15.09
C ARG B 343 6.54 23.16 -13.65
N VAL B 344 5.39 22.82 -13.07
CA VAL B 344 5.05 23.15 -11.69
C VAL B 344 4.61 21.87 -10.98
N PHE B 345 5.11 21.67 -9.77
CA PHE B 345 4.75 20.49 -9.00
C PHE B 345 3.28 20.52 -8.60
N ILE B 346 2.56 19.45 -8.93
CA ILE B 346 1.14 19.34 -8.60
C ILE B 346 0.98 18.47 -7.36
N THR B 347 1.40 17.22 -7.45
CA THR B 347 1.29 16.28 -6.34
C THR B 347 2.21 15.10 -6.59
N ASP B 348 2.52 14.38 -5.51
CA ASP B 348 3.37 13.19 -5.59
C ASP B 348 2.73 11.98 -4.93
N GLU B 349 1.48 12.08 -4.49
CA GLU B 349 0.78 10.98 -3.83
C GLU B 349 -0.20 10.27 -4.78
N ALA B 350 0.13 10.20 -6.06
CA ALA B 350 -0.74 9.55 -7.02
C ALA B 350 -0.65 8.04 -6.89
N GLU B 351 -1.80 7.39 -6.75
CA GLU B 351 -1.86 5.94 -6.60
C GLU B 351 -2.12 5.22 -7.92
N ASP B 352 -2.80 5.88 -8.87
CA ASP B 352 -3.08 5.29 -10.17
C ASP B 352 -2.02 5.63 -11.21
N LEU B 353 -0.88 6.16 -10.79
CA LEU B 353 0.19 6.53 -11.72
C LEU B 353 1.23 5.43 -11.87
N ILE B 354 1.68 4.85 -10.75
CA ILE B 354 2.71 3.83 -10.77
C ILE B 354 2.32 2.71 -9.80
N PRO B 355 2.49 1.44 -10.18
CA PRO B 355 2.11 0.35 -9.28
C PRO B 355 2.94 0.35 -8.00
N GLU B 356 2.47 -0.42 -7.02
CA GLU B 356 3.16 -0.50 -5.74
C GLU B 356 4.45 -1.29 -5.83
N TRP B 357 4.43 -2.43 -6.54
CA TRP B 357 5.63 -3.23 -6.72
C TRP B 357 6.67 -2.52 -7.58
N LEU B 358 6.27 -1.53 -8.35
CA LEU B 358 7.17 -0.78 -9.23
C LEU B 358 7.51 0.60 -8.67
N SER B 359 6.99 0.96 -7.49
CA SER B 359 7.18 2.29 -6.92
C SER B 359 8.63 2.56 -6.53
N PHE B 360 9.53 1.58 -6.62
CA PHE B 360 10.93 1.81 -6.30
C PHE B 360 11.61 2.73 -7.30
N VAL B 361 11.04 2.89 -8.49
CA VAL B 361 11.65 3.73 -9.52
C VAL B 361 11.47 5.20 -9.15
N LYS B 362 12.56 5.96 -9.21
CA LYS B 362 12.53 7.39 -8.94
C LYS B 362 12.40 8.18 -10.24
N GLY B 363 12.13 9.46 -10.10
CA GLY B 363 12.00 10.37 -11.22
C GLY B 363 10.73 11.17 -11.16
N VAL B 364 10.50 11.96 -12.21
CA VAL B 364 9.34 12.82 -12.33
C VAL B 364 8.71 12.63 -13.70
N VAL B 365 7.48 13.10 -13.84
CA VAL B 365 6.73 13.00 -15.09
C VAL B 365 6.16 14.38 -15.41
N ASP B 366 6.53 14.91 -16.57
CA ASP B 366 5.98 16.17 -17.05
C ASP B 366 4.71 15.90 -17.83
N SER B 367 3.60 16.48 -17.38
CA SER B 367 2.27 16.25 -17.93
C SER B 367 1.58 17.58 -18.20
N GLU B 368 2.27 18.46 -18.93
CA GLU B 368 1.91 19.85 -19.16
C GLU B 368 0.42 20.11 -19.32
N ASP B 369 -0.28 19.27 -20.07
CA ASP B 369 -1.72 19.41 -20.30
C ASP B 369 -2.46 18.33 -19.53
N LEU B 370 -3.17 18.74 -18.48
CA LEU B 370 -3.93 17.83 -17.64
C LEU B 370 -5.09 18.60 -17.00
N PRO B 371 -6.18 17.91 -16.66
CA PRO B 371 -7.26 18.58 -15.92
C PRO B 371 -6.86 18.85 -14.48
N LEU B 372 -6.64 20.12 -14.14
CA LEU B 372 -6.20 20.52 -12.81
C LEU B 372 -7.39 20.94 -11.95
N ASN B 373 -7.18 20.91 -10.63
CA ASN B 373 -8.19 21.34 -9.69
C ASN B 373 -8.09 22.84 -9.46
N LEU B 374 -9.09 23.40 -8.75
CA LEU B 374 -9.08 24.82 -8.46
C LEU B 374 -7.87 25.22 -7.65
N SER B 375 -7.46 24.36 -6.70
CA SER B 375 -6.24 24.59 -5.94
C SER B 375 -4.99 24.23 -6.73
N ARG B 376 -5.14 23.58 -7.88
CA ARG B 376 -4.01 23.21 -8.75
C ARG B 376 -3.02 22.32 -8.02
N GLU B 377 -3.54 21.43 -7.17
CA GLU B 377 -2.70 20.45 -6.49
C GLU B 377 -3.34 19.06 -6.48
N MET B 378 -4.29 18.82 -7.37
CA MET B 378 -4.98 17.53 -7.45
C MET B 378 -5.58 17.40 -8.85
N LEU B 379 -5.65 16.16 -9.33
CA LEU B 379 -6.17 15.88 -10.65
C LEU B 379 -7.62 15.39 -10.56
N GLN B 380 -8.39 15.69 -11.60
CA GLN B 380 -9.79 15.28 -11.67
C GLN B 380 -9.87 13.78 -11.91
N GLN B 381 -11.10 13.27 -11.98
CA GLN B 381 -11.36 11.86 -12.26
C GLN B 381 -11.23 11.50 -13.73
N ASN B 382 -10.64 12.38 -14.55
CA ASN B 382 -10.44 12.09 -15.97
C ASN B 382 -9.54 10.87 -16.12
N LYS B 383 -9.96 9.93 -16.99
CA LYS B 383 -9.24 8.68 -17.20
C LYS B 383 -8.02 8.95 -18.07
N ILE B 384 -7.01 9.57 -17.46
CA ILE B 384 -5.75 9.86 -18.13
C ILE B 384 -4.63 9.22 -17.34
N MET B 385 -4.86 9.02 -16.05
CA MET B 385 -3.86 8.35 -15.21
C MET B 385 -3.60 6.93 -15.66
N LYS B 386 -4.65 6.20 -16.06
CA LYS B 386 -4.47 4.84 -16.52
C LYS B 386 -3.68 4.77 -17.81
N VAL B 387 -3.83 5.78 -18.68
CA VAL B 387 -3.08 5.81 -19.92
C VAL B 387 -1.60 6.07 -19.65
N ILE B 388 -1.31 6.95 -18.70
CA ILE B 388 0.09 7.19 -18.32
C ILE B 388 0.64 6.00 -17.54
N ARG B 389 -0.22 5.29 -16.80
CA ARG B 389 0.23 4.15 -16.02
C ARG B 389 0.77 3.04 -16.92
N LYS B 390 0.04 2.71 -17.99
CA LYS B 390 0.47 1.64 -18.86
C LYS B 390 1.70 2.05 -19.68
N ASN B 391 1.84 3.34 -19.98
CA ASN B 391 3.02 3.80 -20.73
C ASN B 391 4.27 3.79 -19.87
N ILE B 392 4.14 4.11 -18.57
CA ILE B 392 5.30 4.09 -17.69
C ILE B 392 5.79 2.67 -17.47
N VAL B 393 4.87 1.73 -17.26
CA VAL B 393 5.25 0.33 -17.07
C VAL B 393 5.85 -0.23 -18.35
N LYS B 394 5.30 0.14 -19.51
CA LYS B 394 5.82 -0.36 -20.77
C LYS B 394 7.25 0.13 -21.01
N LYS B 395 7.52 1.40 -20.70
CA LYS B 395 8.86 1.94 -20.88
C LYS B 395 9.84 1.38 -19.85
N LEU B 396 9.37 1.12 -18.63
CA LEU B 396 10.25 0.58 -17.61
C LEU B 396 10.59 -0.88 -17.88
N ILE B 397 9.60 -1.66 -18.36
CA ILE B 397 9.89 -3.04 -18.74
C ILE B 397 10.85 -3.07 -19.93
N GLU B 398 10.65 -2.15 -20.89
CA GLU B 398 11.61 -2.01 -21.98
C GLU B 398 12.97 -1.58 -21.45
N ALA B 399 12.98 -0.69 -20.46
CA ALA B 399 14.24 -0.28 -19.83
C ALA B 399 14.89 -1.44 -19.10
N PHE B 400 14.09 -2.28 -18.44
CA PHE B 400 14.65 -3.44 -17.75
C PHE B 400 15.26 -4.44 -18.74
N ASN B 401 14.68 -4.54 -19.94
CA ASN B 401 15.26 -5.41 -20.95
C ASN B 401 16.58 -4.86 -21.47
N GLU B 402 16.70 -3.54 -21.58
CA GLU B 402 17.97 -2.94 -21.98
C GLU B 402 19.05 -3.17 -20.93
N ILE B 403 18.66 -3.17 -19.65
CA ILE B 403 19.61 -3.50 -18.60
C ILE B 403 20.01 -4.97 -18.68
N ALA B 404 19.06 -5.84 -19.04
CA ALA B 404 19.36 -7.25 -19.18
C ALA B 404 20.32 -7.54 -20.32
N GLU B 405 20.42 -6.64 -21.31
CA GLU B 405 21.37 -6.83 -22.40
C GLU B 405 22.81 -6.78 -21.89
N ASP B 406 23.06 -5.99 -20.84
CA ASP B 406 24.39 -5.91 -20.25
C ASP B 406 24.55 -6.99 -19.19
N SER B 407 25.79 -7.17 -18.73
CA SER B 407 26.12 -8.18 -17.74
C SER B 407 26.57 -7.59 -16.41
N GLU B 408 27.39 -6.54 -16.43
CA GLU B 408 27.86 -5.92 -15.20
C GLU B 408 26.81 -5.01 -14.57
N GLN B 409 25.97 -4.38 -15.40
CA GLN B 409 24.97 -3.46 -14.87
C GLN B 409 23.75 -4.21 -14.34
N PHE B 410 23.34 -5.28 -15.01
CA PHE B 410 22.16 -6.03 -14.56
C PHE B 410 22.44 -6.77 -13.25
N ASP B 411 23.70 -7.08 -12.96
CA ASP B 411 24.03 -7.72 -11.69
C ASP B 411 23.72 -6.81 -10.52
N LYS B 412 24.03 -5.52 -10.64
CA LYS B 412 23.72 -4.57 -9.58
C LYS B 412 22.23 -4.30 -9.49
N PHE B 413 21.53 -4.32 -10.62
CA PHE B 413 20.09 -4.06 -10.61
C PHE B 413 19.32 -5.21 -9.98
N TYR B 414 19.65 -6.46 -10.34
CA TYR B 414 18.91 -7.60 -9.82
C TYR B 414 19.22 -7.83 -8.34
N SER B 415 20.48 -7.64 -7.94
CA SER B 415 20.85 -7.85 -6.55
C SER B 415 20.24 -6.81 -5.62
N ALA B 416 19.88 -5.64 -6.14
CA ALA B 416 19.30 -4.58 -5.33
C ALA B 416 17.78 -4.56 -5.35
N PHE B 417 17.16 -5.05 -6.42
CA PHE B 417 15.71 -5.04 -6.57
C PHE B 417 15.21 -6.44 -6.94
N ALA B 418 15.72 -7.46 -6.23
CA ALA B 418 15.25 -8.82 -6.47
C ALA B 418 13.82 -9.00 -6.00
N LYS B 419 13.44 -8.37 -4.89
CA LYS B 419 12.08 -8.51 -4.38
C LYS B 419 11.08 -7.79 -5.27
N ASN B 420 11.44 -6.61 -5.79
CA ASN B 420 10.50 -5.81 -6.55
C ASN B 420 10.12 -6.48 -7.87
N ILE B 421 11.09 -7.10 -8.53
CA ILE B 421 10.81 -7.78 -9.80
C ILE B 421 9.90 -8.99 -9.57
N LYS B 422 10.15 -9.74 -8.50
CA LYS B 422 9.34 -10.93 -8.23
C LYS B 422 7.96 -10.56 -7.71
N LEU B 423 7.82 -9.39 -7.09
CA LEU B 423 6.50 -8.94 -6.65
C LEU B 423 5.60 -8.64 -7.84
N GLY B 424 6.17 -8.23 -8.97
CA GLY B 424 5.37 -7.98 -10.15
C GLY B 424 4.78 -9.26 -10.73
N VAL B 425 5.55 -10.36 -10.68
CA VAL B 425 5.02 -11.64 -11.15
C VAL B 425 3.88 -12.11 -10.26
N HIS B 426 3.95 -11.79 -8.96
CA HIS B 426 2.89 -12.21 -8.03
C HIS B 426 1.66 -11.32 -8.14
N GLU B 427 1.86 -10.01 -8.31
CA GLU B 427 0.75 -9.06 -8.33
C GLU B 427 0.25 -8.79 -9.74
N ASP B 428 1.11 -8.31 -10.62
CA ASP B 428 0.70 -7.97 -11.98
C ASP B 428 0.46 -9.23 -12.80
N THR B 429 -0.57 -9.20 -13.64
CA THR B 429 -0.96 -10.32 -14.48
C THR B 429 -0.81 -10.02 -15.97
N GLN B 430 -1.09 -8.80 -16.39
CA GLN B 430 -0.99 -8.46 -17.81
C GLN B 430 0.46 -8.51 -18.29
N ASN B 431 1.41 -8.11 -17.43
CA ASN B 431 2.83 -8.13 -17.76
C ASN B 431 3.58 -9.18 -16.94
N ARG B 432 2.92 -10.30 -16.64
CA ARG B 432 3.57 -11.35 -15.85
C ARG B 432 4.58 -12.12 -16.69
N ALA B 433 4.30 -12.33 -17.98
CA ALA B 433 5.24 -13.06 -18.83
C ALA B 433 6.48 -12.25 -19.11
N ALA B 434 6.36 -10.92 -19.23
CA ALA B 434 7.52 -10.09 -19.50
C ALA B 434 8.46 -10.04 -18.30
N LEU B 435 7.90 -10.03 -17.08
CA LEU B 435 8.72 -10.00 -15.88
C LEU B 435 9.28 -11.37 -15.52
N ALA B 436 8.66 -12.46 -16.01
CA ALA B 436 9.18 -13.79 -15.72
C ALA B 436 10.52 -14.04 -16.39
N LYS B 437 10.76 -13.42 -17.55
CA LYS B 437 12.02 -13.58 -18.25
C LYS B 437 13.17 -12.85 -17.56
N LEU B 438 12.88 -11.97 -16.59
CA LEU B 438 13.91 -11.24 -15.88
C LEU B 438 14.33 -11.93 -14.59
N LEU B 439 13.64 -12.99 -14.18
CA LEU B 439 14.00 -13.70 -12.96
C LEU B 439 15.33 -14.43 -13.13
N ARG B 440 16.21 -14.29 -12.16
CA ARG B 440 17.54 -14.89 -12.19
C ARG B 440 17.76 -15.66 -10.90
N TYR B 441 17.97 -16.97 -11.01
CA TYR B 441 18.22 -17.82 -9.86
C TYR B 441 19.46 -18.67 -10.10
N ASN B 442 19.84 -19.42 -9.07
CA ASN B 442 20.93 -20.38 -9.16
C ASN B 442 20.38 -21.78 -9.41
N SER B 443 21.26 -22.66 -9.87
CA SER B 443 20.88 -24.04 -10.17
C SER B 443 22.08 -24.94 -9.98
N THR B 444 21.88 -26.24 -10.25
CA THR B 444 22.96 -27.20 -10.12
C THR B 444 24.04 -27.01 -11.18
N LYS B 445 23.70 -26.43 -12.33
CA LYS B 445 24.66 -26.17 -13.39
C LYS B 445 25.09 -24.71 -13.44
N SER B 446 24.53 -23.85 -12.59
CA SER B 446 24.82 -22.42 -12.56
C SER B 446 25.12 -21.98 -11.13
N VAL B 447 25.97 -22.75 -10.44
CA VAL B 447 26.32 -22.41 -9.07
C VAL B 447 27.17 -21.15 -8.99
N ASP B 448 27.80 -20.75 -10.10
CA ASP B 448 28.66 -19.57 -10.09
C ASP B 448 27.86 -18.29 -10.22
N GLU B 449 27.13 -18.14 -11.32
CA GLU B 449 26.35 -16.93 -11.60
C GLU B 449 24.88 -17.29 -11.72
N LEU B 450 24.06 -16.24 -11.78
CA LEU B 450 22.61 -16.41 -11.89
C LEU B 450 22.22 -16.70 -13.34
N THR B 451 21.28 -17.62 -13.51
CA THR B 451 20.77 -17.99 -14.83
C THR B 451 19.31 -17.61 -14.95
N SER B 452 18.89 -17.34 -16.18
CA SER B 452 17.51 -16.94 -16.45
C SER B 452 16.66 -18.16 -16.78
N LEU B 453 15.34 -17.92 -16.85
CA LEU B 453 14.42 -18.99 -17.21
C LEU B 453 14.54 -19.36 -18.69
N THR B 454 14.90 -18.40 -19.54
CA THR B 454 15.08 -18.69 -20.95
C THR B 454 16.29 -19.61 -21.17
N ASP B 455 17.41 -19.30 -20.50
CA ASP B 455 18.57 -20.16 -20.58
C ASP B 455 18.33 -21.53 -19.96
N TYR B 456 17.38 -21.62 -19.02
CA TYR B 456 17.05 -22.92 -18.43
C TYR B 456 16.42 -23.85 -19.45
N VAL B 457 15.45 -23.34 -20.23
CA VAL B 457 14.79 -24.17 -21.23
C VAL B 457 15.77 -24.58 -22.33
N THR B 458 16.76 -23.74 -22.61
CA THR B 458 17.74 -24.07 -23.64
C THR B 458 18.56 -25.29 -23.25
N ARG B 459 18.93 -25.40 -21.98
CA ARG B 459 19.71 -26.52 -21.49
C ARG B 459 18.86 -27.72 -21.09
N MET B 460 17.55 -27.65 -21.27
CA MET B 460 16.69 -28.77 -20.93
C MET B 460 16.86 -29.89 -21.96
N PRO B 461 17.03 -31.14 -21.53
CA PRO B 461 17.11 -32.24 -22.50
C PRO B 461 15.80 -32.44 -23.24
N GLU B 462 15.83 -33.35 -24.21
CA GLU B 462 14.66 -33.59 -25.05
C GLU B 462 13.57 -34.35 -24.30
N HIS B 463 13.90 -35.10 -23.27
CA HIS B 463 12.93 -35.90 -22.53
C HIS B 463 12.44 -35.22 -21.25
N GLN B 464 12.78 -33.96 -21.04
CA GLN B 464 12.29 -33.20 -19.90
C GLN B 464 11.13 -32.32 -20.33
N LYS B 465 10.06 -32.31 -19.53
CA LYS B 465 8.86 -31.55 -19.86
C LYS B 465 8.43 -30.58 -18.77
N ASN B 466 9.18 -30.46 -17.68
CA ASN B 466 8.79 -29.60 -16.57
C ASN B 466 10.02 -28.88 -16.03
N ILE B 467 9.79 -27.69 -15.47
CA ILE B 467 10.84 -26.89 -14.85
C ILE B 467 10.89 -27.26 -13.37
N TYR B 468 11.99 -27.89 -12.95
CA TYR B 468 12.15 -28.31 -11.57
C TYR B 468 12.89 -27.24 -10.77
N TYR B 469 12.38 -26.95 -9.58
CA TYR B 469 12.98 -25.98 -8.68
C TYR B 469 12.82 -26.45 -7.24
N ILE B 470 13.52 -25.77 -6.34
CA ILE B 470 13.46 -26.09 -4.92
C ILE B 470 13.68 -24.81 -4.13
N THR B 471 12.88 -24.64 -3.07
CA THR B 471 12.98 -23.49 -2.18
C THR B 471 13.51 -23.92 -0.82
N GLY B 472 14.03 -22.96 -0.08
CA GLY B 472 14.58 -23.25 1.22
C GLY B 472 14.97 -21.99 1.95
N GLU B 473 15.76 -22.17 3.01
CA GLU B 473 16.19 -21.05 3.83
C GLU B 473 17.35 -20.29 3.19
N SER B 474 18.41 -21.01 2.81
CA SER B 474 19.59 -20.40 2.22
C SER B 474 20.04 -21.24 1.03
N LEU B 475 21.12 -20.79 0.39
CA LEU B 475 21.64 -21.51 -0.78
C LEU B 475 22.37 -22.78 -0.37
N LYS B 476 23.05 -22.76 0.77
CA LYS B 476 23.78 -23.94 1.22
C LYS B 476 22.84 -25.09 1.59
N ALA B 477 21.61 -24.77 1.99
CA ALA B 477 20.67 -25.81 2.37
C ALA B 477 20.02 -26.47 1.16
N VAL B 478 19.77 -25.70 0.10
CA VAL B 478 19.11 -26.25 -1.07
C VAL B 478 20.08 -26.95 -2.02
N GLU B 479 21.37 -26.65 -1.95
CA GLU B 479 22.34 -27.28 -2.83
C GLU B 479 22.71 -28.69 -2.37
N LYS B 480 22.59 -28.98 -1.07
CA LYS B 480 22.88 -30.30 -0.54
C LYS B 480 21.62 -31.06 -0.15
N SER B 481 20.45 -30.61 -0.62
CA SER B 481 19.21 -31.27 -0.29
C SER B 481 19.16 -32.66 -0.94
N PRO B 482 18.60 -33.66 -0.26
CA PRO B 482 18.53 -35.01 -0.84
C PRO B 482 17.56 -35.14 -2.00
N PHE B 483 16.84 -34.08 -2.37
CA PHE B 483 15.92 -34.13 -3.49
C PHE B 483 16.61 -33.94 -4.84
N LEU B 484 17.88 -33.53 -4.84
CA LEU B 484 18.60 -33.31 -6.08
C LEU B 484 19.23 -34.58 -6.65
N ASP B 485 19.34 -35.64 -5.86
CA ASP B 485 19.99 -36.86 -6.33
C ASP B 485 19.20 -37.53 -7.45
N ALA B 486 17.86 -37.39 -7.44
CA ALA B 486 17.06 -38.01 -8.48
C ALA B 486 17.19 -37.26 -9.80
N LEU B 487 17.16 -35.92 -9.75
CA LEU B 487 17.21 -35.13 -10.98
C LEU B 487 18.61 -35.09 -11.58
N LYS B 488 19.65 -35.17 -10.74
CA LYS B 488 21.02 -35.18 -11.27
C LYS B 488 21.32 -36.49 -11.99
N ALA B 489 20.66 -37.58 -11.61
CA ALA B 489 20.85 -38.84 -12.31
C ALA B 489 20.25 -38.79 -13.70
N LYS B 490 19.12 -38.11 -13.87
CA LYS B 490 18.47 -37.94 -15.16
C LYS B 490 18.96 -36.71 -15.91
N ASN B 491 20.02 -36.06 -15.41
CA ASN B 491 20.59 -34.86 -16.04
C ASN B 491 19.54 -33.75 -16.14
N PHE B 492 18.82 -33.53 -15.06
CA PHE B 492 17.78 -32.50 -14.98
C PHE B 492 18.28 -31.35 -14.12
N GLU B 493 18.24 -30.14 -14.66
CA GLU B 493 18.64 -28.95 -13.92
C GLU B 493 17.53 -28.50 -12.99
N VAL B 494 17.90 -28.16 -11.76
CA VAL B 494 16.95 -27.75 -10.73
C VAL B 494 17.33 -26.36 -10.25
N LEU B 495 16.38 -25.43 -10.31
CA LEU B 495 16.62 -24.07 -9.85
C LEU B 495 16.65 -24.01 -8.33
N PHE B 496 17.35 -23.00 -7.81
CA PHE B 496 17.49 -22.79 -6.37
C PHE B 496 16.78 -21.50 -5.98
N LEU B 497 15.86 -21.60 -5.03
CA LEU B 497 15.10 -20.45 -4.53
C LEU B 497 15.54 -20.17 -3.10
N THR B 498 16.18 -19.02 -2.90
CA THR B 498 16.68 -18.63 -1.59
C THR B 498 15.87 -17.51 -0.94
N ASP B 499 15.16 -16.70 -1.72
CA ASP B 499 14.38 -15.61 -1.15
C ASP B 499 12.98 -16.10 -0.77
N PRO B 500 12.42 -15.54 0.31
CA PRO B 500 11.06 -15.97 0.72
C PRO B 500 10.00 -15.62 -0.30
N ILE B 501 10.20 -14.57 -1.10
CA ILE B 501 9.21 -14.18 -2.10
C ILE B 501 9.27 -15.03 -3.35
N ASP B 502 10.24 -15.94 -3.46
CA ASP B 502 10.36 -16.78 -4.65
C ASP B 502 9.15 -17.68 -4.82
N GLU B 503 8.69 -18.32 -3.73
CA GLU B 503 7.55 -19.21 -3.82
C GLU B 503 6.28 -18.47 -4.20
N TYR B 504 6.13 -17.22 -3.76
CA TYR B 504 4.94 -16.44 -4.12
C TYR B 504 4.89 -16.15 -5.61
N ALA B 505 6.03 -16.08 -6.29
CA ALA B 505 6.05 -15.81 -7.72
C ALA B 505 5.81 -17.08 -8.53
N PHE B 506 6.38 -18.21 -8.10
CA PHE B 506 6.20 -19.46 -8.81
C PHE B 506 4.79 -20.02 -8.65
N THR B 507 4.07 -19.64 -7.59
CA THR B 507 2.70 -20.08 -7.40
C THR B 507 1.70 -19.27 -8.22
N GLN B 508 2.16 -18.26 -8.96
CA GLN B 508 1.30 -17.47 -9.83
C GLN B 508 1.62 -17.63 -11.31
N LEU B 509 2.87 -17.89 -11.66
CA LEU B 509 3.23 -18.07 -13.06
C LEU B 509 2.71 -19.40 -13.59
N LYS B 510 3.14 -20.50 -12.96
CA LYS B 510 2.63 -21.84 -13.21
C LYS B 510 3.00 -22.38 -14.59
N GLU B 511 3.65 -21.57 -15.41
CA GLU B 511 3.99 -21.98 -16.77
C GLU B 511 4.97 -20.98 -17.37
N PHE B 512 6.02 -21.49 -18.01
CA PHE B 512 6.98 -20.66 -18.71
C PHE B 512 7.30 -21.33 -20.04
N GLU B 513 6.81 -20.73 -21.13
CA GLU B 513 7.01 -21.25 -22.49
C GLU B 513 6.52 -22.69 -22.62
N GLY B 514 5.35 -22.97 -22.04
CA GLY B 514 4.76 -24.29 -22.09
C GLY B 514 5.27 -25.27 -21.06
N LYS B 515 6.32 -24.92 -20.31
CA LYS B 515 6.88 -25.80 -19.31
C LYS B 515 6.24 -25.53 -17.95
N THR B 516 5.70 -26.59 -17.34
CA THR B 516 5.02 -26.45 -16.06
C THR B 516 6.03 -26.38 -14.92
N LEU B 517 5.84 -25.41 -14.03
CA LEU B 517 6.72 -25.25 -12.88
C LEU B 517 6.37 -26.30 -11.83
N VAL B 518 7.32 -27.18 -11.53
CA VAL B 518 7.12 -28.28 -10.59
C VAL B 518 8.16 -28.16 -9.49
N ASP B 519 7.71 -28.13 -8.25
CA ASP B 519 8.59 -28.07 -7.08
C ASP B 519 8.95 -29.49 -6.67
N ILE B 520 10.25 -29.77 -6.61
CA ILE B 520 10.69 -31.11 -6.24
C ILE B 520 10.46 -31.40 -4.76
N THR B 521 10.20 -30.37 -3.96
CA THR B 521 9.90 -30.59 -2.55
C THR B 521 8.54 -31.28 -2.39
N LYS B 522 7.57 -30.91 -3.23
CA LYS B 522 6.26 -31.53 -3.19
C LYS B 522 6.31 -32.91 -3.86
N ASP B 523 5.24 -33.67 -3.66
CA ASP B 523 5.14 -35.01 -4.23
C ASP B 523 4.94 -34.91 -5.75
N PHE B 524 5.88 -35.50 -6.50
CA PHE B 524 5.81 -35.49 -7.95
C PHE B 524 6.21 -36.86 -8.47
N GLU B 525 5.95 -37.09 -9.75
CA GLU B 525 6.21 -38.38 -10.39
C GLU B 525 7.15 -38.18 -11.57
N LEU B 526 8.16 -39.05 -11.65
CA LEU B 526 9.11 -39.06 -12.76
C LEU B 526 8.74 -40.14 -13.76
N GLU B 527 9.27 -39.99 -14.98
CA GLU B 527 9.01 -40.92 -16.06
C GLU B 527 10.17 -41.90 -16.18
N GLU B 528 9.86 -43.19 -16.06
CA GLU B 528 10.85 -44.26 -16.21
C GLU B 528 10.30 -45.29 -17.19
N THR B 529 11.12 -46.29 -17.50
CA THR B 529 10.71 -47.33 -18.42
C THR B 529 9.70 -48.27 -17.77
N ASP B 530 9.05 -49.08 -18.61
CA ASP B 530 8.07 -50.03 -18.09
C ASP B 530 8.73 -51.18 -17.36
N GLU B 531 9.98 -51.51 -17.70
CA GLU B 531 10.69 -52.57 -17.00
C GLU B 531 11.02 -52.18 -15.57
N GLU B 532 11.32 -50.90 -15.33
CA GLU B 532 11.61 -50.45 -13.97
C GLU B 532 10.34 -50.39 -13.13
N LYS B 533 9.20 -50.05 -13.73
CA LYS B 533 7.95 -50.02 -12.98
C LYS B 533 7.56 -51.41 -12.49
N ALA B 534 7.97 -52.45 -13.21
CA ALA B 534 7.65 -53.81 -12.78
C ALA B 534 8.47 -54.21 -11.56
N GLU B 535 9.77 -53.94 -11.58
CA GLU B 535 10.62 -54.32 -10.46
C GLU B 535 10.42 -53.41 -9.25
N ARG B 536 10.00 -52.16 -9.47
CA ARG B 536 9.73 -51.27 -8.35
C ARG B 536 8.43 -51.64 -7.65
N GLU B 537 7.42 -52.10 -8.40
CA GLU B 537 6.17 -52.52 -7.78
C GLU B 537 6.37 -53.74 -6.89
N LYS B 538 7.29 -54.64 -7.27
CA LYS B 538 7.59 -55.80 -6.43
C LYS B 538 8.29 -55.39 -5.15
N GLU B 539 9.22 -54.44 -5.23
CA GLU B 539 9.94 -54.01 -4.04
C GLU B 539 9.05 -53.20 -3.11
N ILE B 540 8.11 -52.43 -3.66
CA ILE B 540 7.16 -51.70 -2.81
C ILE B 540 6.21 -52.69 -2.14
N LYS B 541 5.75 -53.69 -2.88
CA LYS B 541 4.90 -54.72 -2.29
C LYS B 541 5.65 -55.54 -1.24
N GLU B 542 6.95 -55.74 -1.43
CA GLU B 542 7.74 -56.47 -0.44
C GLU B 542 7.93 -55.63 0.82
N TYR B 543 8.10 -54.32 0.67
CA TYR B 543 8.25 -53.41 1.80
C TYR B 543 6.91 -52.87 2.30
N GLU B 544 5.80 -53.55 1.98
CA GLU B 544 4.50 -53.09 2.46
C GLU B 544 4.38 -53.16 3.98
N PRO B 545 4.75 -54.26 4.65
CA PRO B 545 4.68 -54.26 6.12
C PRO B 545 5.66 -53.29 6.76
N LEU B 546 6.75 -52.94 6.09
CA LEU B 546 7.66 -51.94 6.63
C LEU B 546 7.02 -50.56 6.66
N THR B 547 6.30 -50.20 5.59
CA THR B 547 5.62 -48.90 5.55
C THR B 547 4.46 -48.86 6.55
N LYS B 548 3.75 -49.98 6.72
CA LYS B 548 2.66 -50.02 7.68
C LYS B 548 3.18 -49.92 9.11
N ALA B 549 4.40 -50.42 9.37
CA ALA B 549 4.97 -50.31 10.71
C ALA B 549 5.36 -48.87 11.03
N LEU B 550 5.97 -48.17 10.07
CA LEU B 550 6.36 -46.79 10.31
C LEU B 550 5.15 -45.88 10.45
N LYS B 551 4.03 -46.22 9.79
CA LYS B 551 2.83 -45.39 9.90
C LYS B 551 2.21 -45.50 11.29
N ASP B 552 2.20 -46.70 11.87
CA ASP B 552 1.59 -46.87 13.19
C ASP B 552 2.43 -46.24 14.28
N ILE B 553 3.74 -46.15 14.10
CA ILE B 553 4.61 -45.57 15.12
C ILE B 553 4.46 -44.05 15.13
N LEU B 554 4.47 -43.43 13.95
CA LEU B 554 4.36 -41.98 13.89
C LEU B 554 2.93 -41.51 14.17
N GLY B 555 1.93 -42.30 13.79
CA GLY B 555 0.55 -41.91 14.03
C GLY B 555 0.12 -40.85 13.04
N ASP B 556 -0.42 -39.74 13.57
CA ASP B 556 -0.92 -38.65 12.74
C ASP B 556 0.16 -37.66 12.34
N GLN B 557 1.44 -37.97 12.61
CA GLN B 557 2.51 -37.07 12.24
C GLN B 557 2.69 -36.99 10.73
N VAL B 558 2.41 -38.08 10.02
CA VAL B 558 2.53 -38.13 8.57
C VAL B 558 1.20 -38.58 7.97
N GLU B 559 1.00 -38.23 6.70
CA GLU B 559 -0.21 -38.63 6.00
C GLU B 559 -0.13 -40.10 5.57
N LYS B 560 1.00 -40.50 5.00
CA LYS B 560 1.17 -41.88 4.54
C LYS B 560 2.67 -42.16 4.40
N VAL B 561 3.02 -43.43 4.50
CA VAL B 561 4.39 -43.88 4.36
C VAL B 561 4.48 -44.73 3.10
N VAL B 562 5.23 -44.25 2.12
CA VAL B 562 5.40 -44.94 0.84
C VAL B 562 6.89 -45.05 0.53
N VAL B 563 7.24 -46.04 -0.27
CA VAL B 563 8.62 -46.25 -0.70
C VAL B 563 8.86 -45.44 -1.96
N SER B 564 9.77 -44.48 -1.87
CA SER B 564 10.10 -43.60 -3.00
C SER B 564 11.49 -43.95 -3.51
N TYR B 565 11.68 -43.84 -4.82
CA TYR B 565 12.95 -44.13 -5.47
C TYR B 565 13.70 -42.88 -5.88
N LYS B 566 13.21 -41.70 -5.47
CA LYS B 566 13.87 -40.44 -5.78
C LYS B 566 14.97 -40.10 -4.79
N LEU B 567 15.32 -41.02 -3.89
CA LEU B 567 16.39 -40.82 -2.91
C LEU B 567 17.47 -41.87 -3.14
N LEU B 568 18.72 -41.42 -3.19
CA LEU B 568 19.85 -42.29 -3.44
C LEU B 568 20.74 -42.49 -2.23
N ASP B 569 21.21 -41.41 -1.61
CA ASP B 569 22.10 -41.49 -0.47
C ASP B 569 21.39 -41.31 0.86
N ALA B 570 20.37 -40.45 0.91
CA ALA B 570 19.65 -40.23 2.16
C ALA B 570 18.77 -41.43 2.49
N PRO B 571 18.65 -41.79 3.78
CA PRO B 571 17.78 -42.93 4.11
C PRO B 571 16.31 -42.64 3.93
N ALA B 572 15.87 -41.41 4.25
CA ALA B 572 14.47 -41.06 4.12
C ALA B 572 14.36 -39.54 4.03
N ALA B 573 13.16 -39.08 3.66
CA ALA B 573 12.89 -37.66 3.53
C ALA B 573 11.39 -37.43 3.74
N ILE B 574 10.99 -36.16 3.73
CA ILE B 574 9.61 -35.77 3.95
C ILE B 574 9.17 -34.86 2.80
N ARG B 575 8.00 -35.14 2.24
CA ARG B 575 7.41 -34.33 1.19
C ARG B 575 5.98 -33.96 1.55
N THR B 576 5.50 -32.88 0.95
CA THR B 576 4.13 -32.43 1.16
C THR B 576 3.16 -33.27 0.31
N GLY B 577 1.86 -33.01 0.52
CA GLY B 577 0.83 -33.75 -0.17
C GLY B 577 0.35 -33.09 -1.44
N GLN B 578 1.21 -32.26 -2.04
CA GLN B 578 0.96 -31.60 -3.33
C GLN B 578 -0.06 -30.48 -3.18
N PHE B 579 -0.64 -30.32 -2.00
CA PHE B 579 -1.56 -29.22 -1.72
C PHE B 579 -1.26 -28.68 -0.33
N GLY B 580 -1.27 -27.35 -0.20
CA GLY B 580 -0.98 -26.71 1.06
C GLY B 580 0.29 -25.89 1.02
N TRP B 581 0.87 -25.64 2.19
CA TRP B 581 2.12 -24.88 2.29
C TRP B 581 3.31 -25.82 2.27
N SER B 582 4.33 -25.44 1.50
CA SER B 582 5.52 -26.26 1.38
C SER B 582 6.33 -26.23 2.68
N ALA B 583 7.46 -26.94 2.68
CA ALA B 583 8.32 -26.96 3.85
C ALA B 583 8.89 -25.59 4.16
N ASN B 584 9.30 -24.85 3.12
CA ASN B 584 9.81 -23.51 3.32
C ASN B 584 8.68 -22.51 3.53
N MET B 585 7.58 -22.66 2.80
CA MET B 585 6.46 -21.72 2.92
C MET B 585 5.86 -21.75 4.31
N GLU B 586 5.71 -22.94 4.89
CA GLU B 586 5.15 -23.04 6.24
C GLU B 586 6.07 -22.38 7.27
N ARG B 587 7.38 -22.49 7.08
CA ARG B 587 8.32 -21.83 7.97
C ARG B 587 8.27 -20.31 7.80
N ILE B 588 8.03 -19.84 6.57
CA ILE B 588 7.98 -18.40 6.31
C ILE B 588 6.76 -17.78 6.98
N MET B 589 5.59 -18.41 6.81
CA MET B 589 4.37 -17.86 7.37
C MET B 589 4.39 -17.84 8.89
N LYS B 590 5.02 -18.83 9.52
CA LYS B 590 5.09 -18.90 10.97
C LYS B 590 6.21 -18.03 11.55
N ALA B 591 6.87 -17.20 10.74
CA ALA B 591 7.93 -16.34 11.21
C ALA B 591 7.73 -14.88 10.83
N GLN B 592 6.58 -14.53 10.28
CA GLN B 592 6.32 -13.14 9.90
C GLN B 592 5.89 -12.33 11.12
N ALA B 593 6.44 -11.11 11.23
CA ALA B 593 6.11 -10.25 12.35
C ALA B 593 4.77 -9.56 12.16
N LEU B 594 4.50 -9.06 10.95
CA LEU B 594 3.27 -8.33 10.66
C LEU B 594 2.13 -9.25 10.24
N ARG B 595 2.23 -10.55 10.51
CA ARG B 595 1.18 -11.49 10.17
C ARG B 595 0.67 -12.23 11.40
N SER B 605 -0.02 -28.33 6.81
CA SER B 605 0.10 -29.21 5.66
C SER B 605 0.53 -30.62 6.09
N LYS B 606 -0.11 -31.63 5.50
CA LYS B 606 0.22 -33.01 5.82
C LYS B 606 1.58 -33.39 5.26
N LYS B 607 2.24 -34.33 5.94
CA LYS B 607 3.58 -34.77 5.57
C LYS B 607 3.53 -36.20 5.05
N THR B 608 4.46 -36.51 4.14
CA THR B 608 4.58 -37.84 3.55
C THR B 608 5.96 -38.40 3.89
N PHE B 609 5.98 -39.58 4.50
CA PHE B 609 7.22 -40.23 4.90
C PHE B 609 7.69 -41.12 3.77
N GLU B 610 8.69 -40.67 3.02
CA GLU B 610 9.25 -41.43 1.91
C GLU B 610 10.62 -41.95 2.32
N ILE B 611 10.80 -43.27 2.23
CA ILE B 611 12.04 -43.93 2.60
C ILE B 611 12.74 -44.41 1.34
N SER B 612 14.05 -44.60 1.44
CA SER B 612 14.86 -45.07 0.32
C SER B 612 15.05 -46.57 0.43
N PRO B 613 14.65 -47.36 -0.56
CA PRO B 613 14.80 -48.82 -0.46
C PRO B 613 16.22 -49.32 -0.65
N LYS B 614 17.15 -48.47 -1.07
CA LYS B 614 18.53 -48.86 -1.29
C LYS B 614 19.45 -48.47 -0.15
N SER B 615 18.95 -47.79 0.88
CA SER B 615 19.78 -47.39 2.00
C SER B 615 20.00 -48.58 2.94
N PRO B 616 21.19 -48.71 3.53
CA PRO B 616 21.44 -49.83 4.43
C PRO B 616 20.64 -49.75 5.72
N ILE B 617 20.33 -48.55 6.21
CA ILE B 617 19.56 -48.42 7.43
C ILE B 617 18.13 -48.91 7.22
N ILE B 618 17.53 -48.59 6.07
CA ILE B 618 16.17 -49.03 5.79
C ILE B 618 16.11 -50.54 5.65
N LYS B 619 17.15 -51.14 5.05
CA LYS B 619 17.18 -52.59 4.91
C LYS B 619 17.31 -53.28 6.27
N GLU B 620 18.05 -52.68 7.20
CA GLU B 620 18.16 -53.25 8.53
C GLU B 620 16.84 -53.16 9.29
N LEU B 621 16.13 -52.04 9.13
CA LEU B 621 14.81 -51.92 9.74
C LEU B 621 13.81 -52.91 9.13
N LYS B 622 13.98 -53.22 7.85
CA LYS B 622 13.11 -54.22 7.21
C LYS B 622 13.34 -55.60 7.82
N LYS B 623 14.59 -55.92 8.16
CA LYS B 623 14.87 -57.21 8.79
C LYS B 623 14.25 -57.31 10.18
N ARG B 624 14.12 -56.18 10.89
CA ARG B 624 13.52 -56.21 12.21
C ARG B 624 12.01 -56.44 12.14
N VAL B 625 11.36 -55.98 11.07
CA VAL B 625 9.92 -56.16 10.95
C VAL B 625 9.58 -57.63 10.69
N ASP B 626 10.37 -58.30 9.85
CA ASP B 626 10.12 -59.71 9.57
C ASP B 626 10.38 -60.60 10.78
N GLU B 627 11.15 -60.13 11.76
CA GLU B 627 11.43 -60.89 12.96
C GLU B 627 10.48 -60.53 14.11
N GLY B 628 9.38 -59.83 13.82
CA GLY B 628 8.44 -59.47 14.86
C GLY B 628 8.82 -58.25 15.67
N GLY B 629 9.60 -57.34 15.09
CA GLY B 629 10.01 -56.15 15.80
C GLY B 629 9.19 -54.93 15.45
N ALA B 630 7.89 -55.13 15.18
CA ALA B 630 7.02 -54.01 14.86
C ALA B 630 6.70 -53.16 16.09
N GLN B 631 6.76 -53.77 17.28
CA GLN B 631 6.48 -53.06 18.53
C GLN B 631 7.71 -53.03 19.43
N ASP B 632 8.90 -53.21 18.87
CA ASP B 632 10.12 -53.20 19.68
C ASP B 632 10.44 -51.78 20.13
N LYS B 633 11.06 -51.68 21.32
CA LYS B 633 11.41 -50.37 21.85
C LYS B 633 12.52 -49.72 21.05
N THR B 634 13.52 -50.48 20.64
CA THR B 634 14.62 -49.92 19.88
C THR B 634 14.19 -49.49 18.47
N VAL B 635 13.23 -50.21 17.88
CA VAL B 635 12.77 -49.86 16.54
C VAL B 635 11.99 -48.55 16.57
N LYS B 636 11.13 -48.37 17.58
CA LYS B 636 10.35 -47.15 17.68
C LYS B 636 11.23 -45.94 17.97
N ASP B 637 12.33 -46.13 18.68
CA ASP B 637 13.26 -45.02 18.94
C ASP B 637 13.93 -44.56 17.66
N LEU B 638 14.43 -45.51 16.86
CA LEU B 638 15.06 -45.16 15.60
C LEU B 638 14.04 -44.70 14.55
N THR B 639 12.78 -45.08 14.69
CA THR B 639 11.75 -44.63 13.77
C THR B 639 11.49 -43.13 13.95
N ASN B 640 11.27 -42.70 15.18
CA ASN B 640 11.10 -41.28 15.45
C ASN B 640 12.39 -40.50 15.21
N LEU B 641 13.54 -41.16 15.34
CA LEU B 641 14.82 -40.49 15.08
C LEU B 641 14.99 -40.18 13.61
N LEU B 642 14.68 -41.15 12.73
CA LEU B 642 14.79 -40.89 11.30
C LEU B 642 13.74 -39.90 10.82
N PHE B 643 12.55 -39.90 11.43
CA PHE B 643 11.51 -38.95 11.04
C PHE B 643 11.90 -37.52 11.40
N GLU B 644 12.32 -37.30 12.65
CA GLU B 644 12.70 -35.97 13.07
C GLU B 644 13.98 -35.50 12.41
N THR B 645 14.83 -36.43 11.98
CA THR B 645 16.03 -36.04 11.22
C THR B 645 15.66 -35.63 9.81
N ALA B 646 14.71 -36.32 9.18
CA ALA B 646 14.29 -35.97 7.84
C ALA B 646 13.60 -34.61 7.80
N LEU B 647 12.96 -34.21 8.89
CA LEU B 647 12.35 -32.88 8.94
C LEU B 647 13.39 -31.78 8.87
N LEU B 648 14.57 -32.00 9.43
CA LEU B 648 15.62 -30.99 9.38
C LEU B 648 16.21 -30.87 7.98
N THR B 649 16.27 -31.98 7.24
CA THR B 649 16.83 -31.95 5.88
C THR B 649 15.80 -31.43 4.87
N SER B 650 14.53 -31.76 5.07
CA SER B 650 13.49 -31.32 4.15
C SER B 650 13.10 -29.85 4.34
N GLY B 651 13.52 -29.23 5.44
CA GLY B 651 13.21 -27.85 5.70
C GLY B 651 12.07 -27.59 6.65
N PHE B 652 11.62 -28.61 7.38
CA PHE B 652 10.53 -28.44 8.34
C PHE B 652 11.06 -28.03 9.71
N SER B 653 10.20 -27.37 10.47
CA SER B 653 10.55 -26.98 11.83
C SER B 653 10.33 -28.14 12.79
N LEU B 654 11.34 -28.43 13.61
CA LEU B 654 11.29 -29.55 14.52
C LEU B 654 10.53 -29.19 15.78
N GLU B 655 9.60 -30.04 16.19
CA GLU B 655 8.83 -29.84 17.40
C GLU B 655 9.57 -30.42 18.60
N GLU B 656 9.50 -29.69 19.73
CA GLU B 656 10.14 -30.01 21.00
C GLU B 656 11.55 -30.56 20.79
N PRO B 657 12.50 -29.74 20.34
CA PRO B 657 13.85 -30.26 20.06
C PRO B 657 14.56 -30.83 21.27
N THR B 658 14.06 -30.58 22.49
CA THR B 658 14.68 -31.16 23.67
C THR B 658 14.60 -32.68 23.65
N SER B 659 13.45 -33.23 23.20
CA SER B 659 13.33 -34.67 23.07
C SER B 659 14.24 -35.22 21.98
N PHE B 660 14.44 -34.45 20.90
CA PHE B 660 15.37 -34.88 19.86
C PHE B 660 16.81 -34.82 20.33
N ALA B 661 17.14 -33.80 21.14
CA ALA B 661 18.49 -33.71 21.70
C ALA B 661 18.76 -34.81 22.71
N SER B 662 17.73 -35.27 23.42
CA SER B 662 17.91 -36.37 24.36
C SER B 662 18.25 -37.67 23.63
N ARG B 663 17.73 -37.86 22.42
CA ARG B 663 18.08 -39.05 21.65
C ARG B 663 19.53 -39.00 21.18
N ILE B 664 20.02 -37.81 20.83
CA ILE B 664 21.40 -37.67 20.40
C ILE B 664 22.35 -37.90 21.57
N ASN B 665 22.02 -37.34 22.75
CA ASN B 665 22.85 -37.52 23.92
C ASN B 665 22.95 -38.99 24.33
N ARG B 666 21.88 -39.75 24.13
CA ARG B 666 21.94 -41.18 24.43
C ARG B 666 22.75 -41.93 23.39
N LEU B 667 22.79 -41.45 22.15
CA LEU B 667 23.63 -42.07 21.13
C LEU B 667 25.11 -41.76 21.38
N ILE B 668 25.41 -40.53 21.80
CA ILE B 668 26.79 -40.17 22.13
C ILE B 668 27.26 -40.97 23.34
N SER B 669 26.40 -41.13 24.35
CA SER B 669 26.74 -41.95 25.51
C SER B 669 26.97 -43.40 25.12
N LEU B 670 26.18 -43.90 24.15
CA LEU B 670 26.37 -45.26 23.67
C LEU B 670 27.72 -45.41 22.97
N GLY B 671 28.13 -44.39 22.20
CA GLY B 671 29.42 -44.43 21.54
C GLY B 671 30.60 -44.26 22.47
N LEU B 672 30.37 -43.67 23.65
CA LEU B 672 31.42 -43.48 24.65
C LEU B 672 31.43 -44.57 25.70
N ASN B 673 30.75 -45.70 25.45
CA ASN B 673 30.72 -46.84 26.35
C ASN B 673 30.16 -46.44 27.73
N ILE B 674 29.10 -45.66 27.73
CA ILE B 674 28.44 -45.22 28.95
C ILE B 674 27.22 -46.10 29.18
N ASP B 675 27.19 -46.78 30.31
CA ASP B 675 26.08 -47.67 30.65
C ASP B 675 24.93 -46.89 31.27
N MET C 1 -24.88 17.79 -25.62
CA MET C 1 -25.24 18.30 -24.30
C MET C 1 -24.80 19.74 -24.13
N VAL C 2 -25.33 20.41 -23.11
CA VAL C 2 -24.98 21.81 -22.83
C VAL C 2 -23.65 21.83 -22.10
N VAL C 3 -22.65 22.44 -22.71
CA VAL C 3 -21.31 22.55 -22.14
C VAL C 3 -20.97 24.02 -21.98
N ASN C 4 -20.79 24.46 -20.74
CA ASN C 4 -20.49 25.86 -20.45
C ASN C 4 -18.97 26.04 -20.32
N ASN C 5 -18.30 26.00 -21.47
CA ASN C 5 -16.85 26.19 -21.54
C ASN C 5 -16.55 27.33 -22.50
N PRO C 6 -16.29 28.53 -22.00
CA PRO C 6 -15.96 29.65 -22.91
C PRO C 6 -14.62 29.41 -23.60
N ASN C 7 -14.64 29.50 -24.92
CA ASN C 7 -13.47 29.30 -25.80
C ASN C 7 -12.91 27.89 -25.72
N ASN C 8 -13.63 26.96 -25.07
CA ASN C 8 -13.22 25.56 -24.96
C ASN C 8 -11.82 25.43 -24.36
N TRP C 9 -11.63 26.05 -23.20
CA TRP C 9 -10.33 26.06 -22.53
C TRP C 9 -10.21 25.04 -21.42
N HIS C 10 -11.30 24.71 -20.73
CA HIS C 10 -11.26 23.77 -19.64
C HIS C 10 -11.46 22.34 -20.14
N TRP C 11 -10.99 21.38 -19.34
CA TRP C 11 -11.12 19.96 -19.67
C TRP C 11 -12.55 19.52 -19.41
N VAL C 12 -13.26 19.16 -20.47
CA VAL C 12 -14.63 18.64 -20.37
C VAL C 12 -14.60 17.19 -20.83
N ASP C 13 -15.04 16.29 -19.97
CA ASP C 13 -15.01 14.86 -20.23
C ASP C 13 -16.40 14.35 -20.59
N LYS C 14 -16.44 13.35 -21.46
CA LYS C 14 -17.70 12.72 -21.89
C LYS C 14 -17.45 11.23 -22.04
N ASN C 15 -18.01 10.43 -21.13
CA ASN C 15 -17.84 8.99 -21.20
C ASN C 15 -18.66 8.42 -22.34
N CYS C 16 -18.06 7.48 -23.08
CA CYS C 16 -18.70 6.87 -24.24
C CYS C 16 -18.58 5.35 -24.20
N ILE C 17 -18.59 4.76 -23.01
CA ILE C 17 -18.51 3.31 -22.90
C ILE C 17 -19.82 2.67 -23.36
N GLY C 18 -20.94 3.38 -23.21
CA GLY C 18 -22.22 2.83 -23.65
C GLY C 18 -22.35 2.81 -25.15
N TRP C 19 -21.98 3.92 -25.82
CA TRP C 19 -22.03 3.97 -27.27
C TRP C 19 -20.99 3.06 -27.90
N ALA C 20 -19.87 2.83 -27.22
CA ALA C 20 -18.85 1.94 -27.76
C ALA C 20 -19.35 0.50 -27.84
N LYS C 21 -20.08 0.04 -26.82
CA LYS C 21 -20.64 -1.30 -26.86
C LYS C 21 -21.67 -1.43 -27.98
N GLU C 22 -22.53 -0.43 -28.14
CA GLU C 22 -23.52 -0.47 -29.21
C GLU C 22 -22.86 -0.37 -30.58
N TYR C 23 -21.68 0.25 -30.67
CA TYR C 23 -21.01 0.38 -31.96
C TYR C 23 -20.46 -0.97 -32.42
N PHE C 24 -19.78 -1.70 -31.52
CA PHE C 24 -19.20 -2.97 -31.90
C PHE C 24 -20.27 -4.05 -32.09
N LYS C 25 -21.40 -3.93 -31.38
CA LYS C 25 -22.50 -4.86 -31.58
C LYS C 25 -23.19 -4.68 -32.94
N GLN C 26 -22.90 -3.59 -33.64
CA GLN C 26 -23.42 -3.37 -34.99
C GLN C 26 -22.36 -3.45 -36.06
N LYS C 27 -21.09 -3.62 -35.68
CA LYS C 27 -19.98 -3.69 -36.63
C LYS C 27 -19.26 -5.02 -36.61
N LEU C 28 -19.07 -5.62 -35.43
CA LEU C 28 -18.35 -6.88 -35.34
C LEU C 28 -19.20 -8.05 -35.82
N VAL C 29 -20.50 -8.01 -35.54
CA VAL C 29 -21.38 -9.10 -35.97
C VAL C 29 -21.58 -9.03 -37.48
N GLY C 30 -21.90 -10.18 -38.07
CA GLY C 30 -22.09 -10.28 -39.50
C GLY C 30 -20.83 -10.33 -40.33
N VAL C 31 -19.67 -10.09 -39.72
CA VAL C 31 -18.40 -10.14 -40.44
C VAL C 31 -18.04 -11.61 -40.68
N GLU C 32 -18.01 -12.02 -41.95
CA GLU C 32 -17.71 -13.38 -42.33
C GLU C 32 -16.40 -13.45 -43.10
N ALA C 33 -15.79 -14.64 -43.09
CA ALA C 33 -14.56 -14.90 -43.80
C ALA C 33 -14.78 -16.09 -44.72
N GLY C 34 -14.72 -15.86 -46.02
CA GLY C 34 -14.94 -16.91 -47.00
C GLY C 34 -16.36 -16.93 -47.53
N SER C 35 -16.94 -18.11 -47.71
CA SER C 35 -18.29 -18.24 -48.20
C SER C 35 -18.89 -19.54 -47.67
N VAL C 36 -20.23 -19.61 -47.71
CA VAL C 36 -20.92 -20.80 -47.23
C VAL C 36 -20.67 -21.98 -48.18
N LYS C 37 -20.61 -21.71 -49.47
CA LYS C 37 -20.36 -22.77 -50.45
C LYS C 37 -18.95 -23.33 -50.36
N ASP C 38 -18.01 -22.55 -49.82
CA ASP C 38 -16.63 -23.01 -49.71
C ASP C 38 -16.52 -24.07 -48.60
N LYS C 39 -15.40 -24.80 -48.61
CA LYS C 39 -15.17 -25.85 -47.64
C LYS C 39 -14.86 -25.32 -46.25
N LYS C 40 -14.30 -24.11 -46.15
CA LYS C 40 -14.00 -23.49 -44.87
C LYS C 40 -14.73 -22.15 -44.78
N TYR C 41 -15.24 -21.85 -43.60
CA TYR C 41 -16.04 -20.64 -43.40
C TYR C 41 -16.00 -20.26 -41.93
N ALA C 42 -16.08 -18.95 -41.67
CA ALA C 42 -16.09 -18.42 -40.32
C ALA C 42 -16.86 -17.11 -40.31
N LYS C 43 -17.53 -16.85 -39.19
CA LYS C 43 -18.32 -15.63 -39.04
C LYS C 43 -18.55 -15.36 -37.57
N ILE C 44 -18.50 -14.09 -37.19
CA ILE C 44 -18.76 -13.67 -35.81
C ILE C 44 -20.26 -13.60 -35.60
N LYS C 45 -20.74 -14.18 -34.50
CA LYS C 45 -22.16 -14.18 -34.19
C LYS C 45 -22.55 -13.19 -33.10
N SER C 46 -21.70 -12.97 -32.10
CA SER C 46 -22.02 -12.05 -31.02
C SER C 46 -20.74 -11.70 -30.28
N VAL C 47 -20.80 -10.60 -29.53
CA VAL C 47 -19.68 -10.11 -28.74
C VAL C 47 -19.83 -10.65 -27.32
N SER C 48 -18.75 -11.21 -26.79
CA SER C 48 -18.80 -11.80 -25.45
C SER C 48 -18.82 -10.72 -24.38
N SER C 49 -17.80 -9.86 -24.36
CA SER C 49 -17.71 -8.81 -23.35
C SER C 49 -16.83 -7.69 -23.87
N ILE C 50 -17.17 -6.46 -23.48
CA ILE C 50 -16.42 -5.26 -23.83
C ILE C 50 -16.14 -4.53 -22.54
N GLU C 51 -14.90 -4.65 -22.04
CA GLU C 51 -14.49 -4.01 -20.80
C GLU C 51 -13.28 -3.13 -21.05
N GLY C 52 -13.22 -2.01 -20.34
CA GLY C 52 -12.12 -1.08 -20.44
C GLY C 52 -12.62 0.35 -20.23
N ASP C 53 -12.01 1.26 -20.98
CA ASP C 53 -12.36 2.68 -20.91
C ASP C 53 -12.54 3.23 -22.31
N CYS C 54 -13.54 4.10 -22.48
CA CYS C 54 -13.80 4.75 -23.77
C CYS C 54 -14.39 6.13 -23.46
N GLU C 55 -13.54 7.16 -23.50
CA GLU C 55 -13.94 8.50 -23.14
C GLU C 55 -13.27 9.50 -24.07
N VAL C 56 -14.01 10.55 -24.43
CA VAL C 56 -13.50 11.61 -25.28
C VAL C 56 -13.29 12.86 -24.43
N ASN C 57 -12.18 13.55 -24.66
CA ASN C 57 -11.82 14.73 -23.88
C ASN C 57 -11.32 15.82 -24.81
N GLN C 58 -11.46 17.06 -24.36
CA GLN C 58 -10.97 18.23 -25.10
C GLN C 58 -10.24 19.16 -24.13
N ARG C 59 -9.13 19.72 -24.60
CA ARG C 59 -8.33 20.63 -23.78
C ARG C 59 -8.31 22.04 -24.33
N LYS C 60 -7.92 22.22 -25.59
CA LYS C 60 -7.84 23.55 -26.21
C LYS C 60 -8.49 23.55 -27.59
N GLY C 61 -9.54 22.76 -27.76
CA GLY C 61 -10.22 22.63 -29.04
C GLY C 61 -9.94 21.35 -29.79
N LYS C 62 -8.96 20.56 -29.33
CA LYS C 62 -8.65 19.28 -29.97
C LYS C 62 -9.46 18.17 -29.32
N VAL C 63 -10.13 17.38 -30.15
CA VAL C 63 -10.90 16.24 -29.65
C VAL C 63 -9.94 15.08 -29.41
N ILE C 64 -9.69 14.78 -28.13
CA ILE C 64 -8.72 13.77 -27.74
C ILE C 64 -9.48 12.59 -27.15
N SER C 65 -9.12 11.38 -27.59
CA SER C 65 -9.71 10.15 -27.09
C SER C 65 -8.59 9.20 -26.70
N LEU C 66 -8.65 8.70 -25.46
CA LEU C 66 -7.66 7.78 -24.92
C LEU C 66 -8.30 6.45 -24.55
N PHE C 67 -9.15 5.93 -25.42
CA PHE C 67 -9.88 4.71 -25.14
C PHE C 67 -8.94 3.51 -25.09
N ASP C 68 -9.33 2.50 -24.31
CA ASP C 68 -8.57 1.26 -24.19
C ASP C 68 -9.56 0.17 -23.79
N LEU C 69 -9.94 -0.67 -24.75
CA LEU C 69 -10.96 -1.68 -24.56
C LEU C 69 -10.42 -3.06 -24.85
N LYS C 70 -10.84 -4.04 -24.06
CA LYS C 70 -10.52 -5.45 -24.27
C LYS C 70 -11.76 -6.12 -24.83
N ILE C 71 -11.72 -6.47 -26.12
CA ILE C 71 -12.88 -6.98 -26.83
C ILE C 71 -12.76 -8.50 -26.97
N THR C 72 -13.84 -9.21 -26.65
CA THR C 72 -13.92 -10.66 -26.81
C THR C 72 -15.20 -10.99 -27.55
N VAL C 73 -15.08 -11.81 -28.61
CA VAL C 73 -16.22 -12.16 -29.45
C VAL C 73 -16.26 -13.67 -29.62
N LEU C 74 -17.42 -14.16 -30.04
CA LEU C 74 -17.64 -15.57 -30.32
C LEU C 74 -17.83 -15.75 -31.82
N ILE C 75 -17.25 -16.82 -32.36
CA ILE C 75 -17.28 -17.09 -33.79
C ILE C 75 -17.81 -18.49 -34.05
N GLU C 76 -18.37 -18.69 -35.24
CA GLU C 76 -18.83 -20.01 -35.67
C GLU C 76 -18.28 -20.31 -37.06
N GLY C 77 -18.75 -21.39 -37.67
CA GLY C 77 -18.33 -21.76 -39.00
C GLY C 77 -18.14 -23.26 -39.09
N HIS C 78 -17.46 -23.68 -40.16
CA HIS C 78 -17.20 -25.10 -40.39
C HIS C 78 -15.87 -25.24 -41.12
N VAL C 79 -15.29 -26.44 -41.03
CA VAL C 79 -14.02 -26.75 -41.66
C VAL C 79 -14.21 -27.98 -42.55
N ASP C 80 -13.17 -28.30 -43.31
CA ASP C 80 -13.21 -29.45 -44.19
C ASP C 80 -13.12 -30.74 -43.39
N SER C 81 -13.82 -31.78 -43.85
CA SER C 81 -13.83 -33.08 -43.20
C SER C 81 -13.44 -34.15 -44.21
N LYS C 82 -12.76 -35.19 -43.72
CA LYS C 82 -12.34 -36.28 -44.59
C LYS C 82 -13.51 -37.15 -45.02
N ASP C 83 -14.39 -37.49 -44.08
CA ASP C 83 -15.54 -38.34 -44.34
C ASP C 83 -16.82 -37.55 -44.08
N GLY C 84 -17.70 -37.51 -45.08
CA GLY C 84 -18.95 -36.81 -44.94
C GLY C 84 -18.85 -35.34 -45.29
N SER C 85 -19.90 -34.61 -44.92
CA SER C 85 -19.97 -33.18 -45.16
C SER C 85 -19.07 -32.43 -44.18
N ALA C 86 -19.10 -31.10 -44.27
CA ALA C 86 -18.30 -30.27 -43.39
C ALA C 86 -18.76 -30.40 -41.94
N LEU C 87 -17.81 -30.23 -41.02
CA LEU C 87 -18.08 -30.34 -39.59
C LEU C 87 -18.08 -28.95 -38.97
N PRO C 88 -19.19 -28.50 -38.39
CA PRO C 88 -19.21 -27.19 -37.74
C PRO C 88 -18.34 -27.16 -36.50
N PHE C 89 -18.03 -25.95 -36.04
CA PHE C 89 -17.22 -25.76 -34.85
C PHE C 89 -17.52 -24.39 -34.26
N GLU C 90 -17.12 -24.22 -33.00
CA GLU C 90 -17.29 -22.95 -32.29
C GLU C 90 -15.96 -22.51 -31.73
N GLY C 91 -15.80 -21.19 -31.59
CA GLY C 91 -14.56 -20.64 -31.07
C GLY C 91 -14.78 -19.26 -30.52
N SER C 92 -13.68 -18.63 -30.10
CA SER C 92 -13.72 -17.29 -29.54
C SER C 92 -12.41 -16.58 -29.86
N ILE C 93 -12.51 -15.27 -30.07
CA ILE C 93 -11.35 -14.43 -30.38
C ILE C 93 -11.16 -13.45 -29.22
N ASN C 94 -9.94 -13.40 -28.71
CA ASN C 94 -9.59 -12.54 -27.58
C ASN C 94 -8.58 -11.49 -28.04
N VAL C 95 -8.91 -10.23 -27.83
CA VAL C 95 -8.03 -9.11 -28.16
C VAL C 95 -7.49 -8.54 -26.85
N PRO C 96 -6.17 -8.41 -26.69
CA PRO C 96 -5.63 -7.90 -25.41
C PRO C 96 -6.09 -6.48 -25.10
N GLU C 97 -5.88 -5.55 -26.01
CA GLU C 97 -6.26 -4.16 -25.78
C GLU C 97 -6.37 -3.44 -27.10
N VAL C 98 -7.32 -2.52 -27.18
CA VAL C 98 -7.53 -1.69 -28.38
C VAL C 98 -7.31 -0.25 -27.94
N ALA C 99 -6.09 0.25 -28.14
CA ALA C 99 -5.74 1.60 -27.73
C ALA C 99 -6.03 2.59 -28.86
N PHE C 100 -5.76 3.87 -28.60
CA PHE C 100 -6.01 4.91 -29.60
C PHE C 100 -4.88 5.03 -30.61
N ASP C 101 -3.64 4.77 -30.18
CA ASP C 101 -2.47 4.88 -31.05
C ASP C 101 -2.02 3.52 -31.59
N SER C 102 -2.90 2.53 -31.56
CA SER C 102 -2.54 1.21 -32.05
C SER C 102 -2.49 1.19 -33.58
N GLU C 103 -1.49 0.52 -34.13
CA GLU C 103 -1.33 0.39 -35.57
C GLU C 103 -1.99 -0.90 -36.05
N ALA C 104 -1.95 -1.13 -37.37
CA ALA C 104 -2.55 -2.33 -37.92
C ALA C 104 -1.85 -3.59 -37.46
N SER C 105 -0.52 -3.54 -37.32
CA SER C 105 0.25 -4.67 -36.85
C SER C 105 0.32 -4.75 -35.32
N SER C 106 -0.25 -3.78 -34.61
CA SER C 106 -0.19 -3.79 -33.16
C SER C 106 -1.29 -4.62 -32.53
N TYR C 107 -2.40 -4.81 -33.24
CA TYR C 107 -3.52 -5.57 -32.69
C TYR C 107 -3.18 -7.05 -32.64
N GLN C 108 -3.31 -7.65 -31.45
CA GLN C 108 -3.10 -9.07 -31.26
C GLN C 108 -4.44 -9.80 -31.19
N PHE C 109 -4.41 -11.09 -31.54
CA PHE C 109 -5.62 -11.91 -31.55
C PHE C 109 -5.29 -13.27 -30.93
N ASP C 110 -5.87 -13.55 -29.78
CA ASP C 110 -5.69 -14.83 -29.09
C ASP C 110 -6.74 -15.80 -29.62
N ILE C 111 -6.30 -16.81 -30.37
CA ILE C 111 -7.20 -17.78 -30.96
C ILE C 111 -7.60 -18.80 -29.90
N SER C 112 -8.90 -18.94 -29.67
CA SER C 112 -9.46 -19.87 -28.69
C SER C 112 -10.54 -20.69 -29.38
N ILE C 113 -10.17 -21.86 -29.88
CA ILE C 113 -11.07 -22.76 -30.58
C ILE C 113 -11.57 -23.80 -29.61
N PHE C 114 -12.88 -24.04 -29.61
CA PHE C 114 -13.48 -25.05 -28.74
C PHE C 114 -13.36 -26.43 -29.38
N LYS C 115 -13.13 -27.44 -28.54
CA LYS C 115 -12.98 -28.83 -28.98
C LYS C 115 -11.85 -28.95 -30.01
N GLU C 116 -10.63 -28.64 -29.56
CA GLU C 116 -9.47 -28.68 -30.43
C GLU C 116 -9.15 -30.11 -30.85
N THR C 117 -8.75 -30.27 -32.11
CA THR C 117 -8.37 -31.58 -32.64
C THR C 117 -7.43 -31.35 -33.81
N SER C 118 -6.86 -32.46 -34.31
CA SER C 118 -5.92 -32.38 -35.42
C SER C 118 -6.60 -32.03 -36.73
N GLU C 119 -7.91 -32.33 -36.87
CA GLU C 119 -8.61 -32.05 -38.11
C GLU C 119 -8.92 -30.56 -38.29
N LEU C 120 -8.92 -29.78 -37.21
CA LEU C 120 -9.19 -28.35 -37.26
C LEU C 120 -7.92 -27.51 -37.38
N SER C 121 -6.87 -28.06 -38.00
CA SER C 121 -5.63 -27.30 -38.14
C SER C 121 -5.80 -26.12 -39.08
N GLU C 122 -6.72 -26.21 -40.03
CA GLU C 122 -6.98 -25.13 -40.98
C GLU C 122 -7.92 -24.07 -40.42
N ALA C 123 -8.25 -24.12 -39.14
CA ALA C 123 -9.14 -23.12 -38.55
C ALA C 123 -8.40 -21.82 -38.26
N LYS C 124 -7.13 -21.93 -37.83
CA LYS C 124 -6.36 -20.71 -37.54
C LYS C 124 -5.98 -19.96 -38.81
N PRO C 125 -5.46 -20.60 -39.87
CA PRO C 125 -5.17 -19.83 -41.10
C PRO C 125 -6.42 -19.28 -41.77
N LEU C 126 -7.59 -19.82 -41.46
CA LEU C 126 -8.82 -19.31 -42.07
C LEU C 126 -9.16 -17.91 -41.55
N ILE C 127 -9.13 -17.73 -40.22
CA ILE C 127 -9.47 -16.44 -39.65
C ILE C 127 -8.34 -15.44 -39.88
N ARG C 128 -7.10 -15.91 -40.01
CA ARG C 128 -5.97 -15.03 -40.26
C ARG C 128 -5.88 -14.56 -41.71
N SER C 129 -6.72 -15.09 -42.59
CA SER C 129 -6.66 -14.74 -44.01
C SER C 129 -7.61 -13.59 -44.35
N GLU C 130 -8.85 -13.67 -43.89
CA GLU C 130 -9.86 -12.67 -44.26
C GLU C 130 -10.49 -12.04 -43.03
N LEU C 131 -10.65 -12.81 -41.95
CA LEU C 131 -11.35 -12.30 -40.78
C LEU C 131 -10.50 -11.28 -40.02
N LEU C 132 -9.19 -11.54 -39.89
CA LEU C 132 -8.34 -10.62 -39.15
C LEU C 132 -8.17 -9.28 -39.87
N PRO C 133 -7.89 -9.24 -41.18
CA PRO C 133 -7.78 -7.91 -41.84
C PRO C 133 -9.08 -7.12 -41.79
N LYS C 134 -10.23 -7.79 -41.71
CA LYS C 134 -11.48 -7.07 -41.56
C LYS C 134 -11.63 -6.48 -40.16
N LEU C 135 -11.08 -7.15 -39.14
CA LEU C 135 -11.14 -6.62 -37.79
C LEU C 135 -10.17 -5.46 -37.60
N ARG C 136 -9.06 -5.45 -38.34
CA ARG C 136 -8.08 -4.36 -38.20
C ARG C 136 -8.64 -3.05 -38.73
N GLN C 137 -9.32 -3.08 -39.88
CA GLN C 137 -9.86 -1.84 -40.44
C GLN C 137 -11.02 -1.31 -39.62
N ILE C 138 -11.73 -2.19 -38.91
CA ILE C 138 -12.82 -1.73 -38.05
C ILE C 138 -12.27 -1.04 -36.81
N PHE C 139 -11.22 -1.60 -36.21
CA PHE C 139 -10.61 -0.99 -35.04
C PHE C 139 -9.97 0.35 -35.39
N GLN C 140 -9.35 0.44 -36.57
CA GLN C 140 -8.78 1.72 -37.00
C GLN C 140 -9.86 2.75 -37.31
N GLN C 141 -11.01 2.29 -37.81
CA GLN C 141 -12.12 3.20 -38.10
C GLN C 141 -12.92 3.53 -36.85
N PHE C 142 -12.80 2.73 -35.79
CA PHE C 142 -13.52 3.04 -34.55
C PHE C 142 -13.06 4.36 -33.96
N GLY C 143 -11.76 4.65 -34.05
CA GLY C 143 -11.26 5.91 -33.53
C GLY C 143 -11.70 7.11 -34.34
N LYS C 144 -11.93 6.93 -35.64
CA LYS C 144 -12.36 8.05 -36.47
C LYS C 144 -13.83 8.38 -36.25
N ASP C 145 -14.68 7.36 -36.18
CA ASP C 145 -16.10 7.60 -35.94
C ASP C 145 -16.37 8.10 -34.53
N LEU C 146 -15.52 7.73 -33.56
CA LEU C 146 -15.70 8.20 -32.20
C LEU C 146 -15.44 9.70 -32.10
N LEU C 147 -14.40 10.19 -32.77
CA LEU C 147 -14.11 11.62 -32.75
C LEU C 147 -15.09 12.43 -33.59
N ALA C 148 -15.75 11.79 -34.56
CA ALA C 148 -16.68 12.49 -35.43
C ALA C 148 -18.10 12.51 -34.90
N THR C 149 -18.48 11.55 -34.04
CA THR C 149 -19.83 11.47 -33.51
C THR C 149 -19.95 12.26 -32.20
N HIS C 150 -19.13 11.90 -31.20
CA HIS C 150 -19.17 12.56 -29.91
C HIS C 150 -18.26 13.78 -29.84
N GLY C 151 -17.47 14.05 -30.88
CA GLY C 151 -16.63 15.23 -30.87
C GLY C 151 -17.42 16.52 -30.97
N ASN C 152 -18.53 16.49 -31.72
CA ASN C 152 -19.37 17.67 -31.87
C ASN C 152 -20.26 17.92 -30.67
N ASP C 153 -20.43 16.92 -29.79
CA ASP C 153 -21.20 17.12 -28.57
C ASP C 153 -20.49 18.07 -27.60
N ILE C 154 -19.17 18.19 -27.72
CA ILE C 154 -18.39 19.14 -26.93
C ILE C 154 -17.78 20.13 -27.93
N GLN C 155 -17.03 21.11 -27.43
CA GLN C 155 -16.39 22.12 -28.27
C GLN C 155 -17.43 22.88 -29.11
N VAL C 156 -18.19 23.71 -28.39
CA VAL C 156 -19.26 24.54 -28.95
C VAL C 156 -18.80 25.21 -30.25
N PRO C 157 -19.70 25.44 -31.20
CA PRO C 157 -19.27 25.90 -32.54
C PRO C 157 -18.47 27.19 -32.48
N GLU C 158 -17.63 27.38 -33.50
CA GLU C 158 -16.73 28.53 -33.54
C GLU C 158 -17.47 29.85 -33.67
N SER C 159 -18.75 29.83 -34.05
CA SER C 159 -19.52 31.06 -34.15
C SER C 159 -19.71 31.74 -32.80
N GLN C 160 -19.56 31.00 -31.70
CA GLN C 160 -19.68 31.55 -30.36
C GLN C 160 -18.34 31.61 -29.64
N VAL C 161 -17.25 31.27 -30.31
CA VAL C 161 -15.91 31.26 -29.73
C VAL C 161 -15.13 32.42 -30.33
N LYS C 162 -14.66 33.33 -29.47
CA LYS C 162 -13.85 34.47 -29.88
C LYS C 162 -12.37 34.25 -29.62
N SER C 163 -11.90 33.02 -29.74
CA SER C 163 -10.50 32.67 -29.50
C SER C 163 -9.94 32.02 -30.76
N ASN C 164 -9.03 32.73 -31.44
CA ASN C 164 -8.41 32.19 -32.64
C ASN C 164 -7.41 31.08 -32.34
N TYR C 165 -6.95 30.99 -31.08
CA TYR C 165 -6.04 29.92 -30.71
C TYR C 165 -6.76 28.57 -30.68
N THR C 166 -7.83 28.47 -29.89
CA THR C 166 -8.57 27.22 -29.81
C THR C 166 -9.32 26.92 -31.10
N ARG C 167 -9.67 27.95 -31.87
CA ARG C 167 -10.36 27.73 -33.14
C ARG C 167 -9.47 26.99 -34.13
N GLY C 168 -8.17 27.31 -34.13
CA GLY C 168 -7.24 26.63 -35.02
C GLY C 168 -6.96 25.20 -34.63
N ASN C 169 -7.31 24.80 -33.41
CA ASN C 169 -7.13 23.43 -32.95
C ASN C 169 -8.33 22.54 -33.23
N GLN C 170 -9.49 23.11 -33.55
CA GLN C 170 -10.68 22.32 -33.84
C GLN C 170 -10.66 21.84 -35.28
N LYS C 171 -11.23 20.65 -35.49
CA LYS C 171 -11.28 20.06 -36.82
C LYS C 171 -12.69 20.16 -37.41
N PRO C 206 -47.13 6.05 -4.56
CA PRO C 206 -46.45 4.84 -4.08
C PRO C 206 -46.38 4.78 -2.56
N GLN C 207 -46.40 3.57 -2.01
CA GLN C 207 -46.33 3.37 -0.57
C GLN C 207 -44.92 2.97 -0.15
N ASN C 208 -44.72 2.88 1.16
CA ASN C 208 -43.42 2.51 1.69
C ASN C 208 -43.16 1.03 1.48
N GLY C 209 -41.94 0.71 1.04
CA GLY C 209 -41.57 -0.67 0.79
C GLY C 209 -40.06 -0.89 0.78
N SER C 210 -39.59 -1.73 -0.13
CA SER C 210 -38.17 -2.03 -0.25
C SER C 210 -37.81 -2.15 -1.73
N GLY C 211 -36.51 -2.28 -1.99
CA GLY C 211 -36.00 -2.38 -3.33
C GLY C 211 -35.96 -3.81 -3.85
N ASN C 212 -35.32 -3.97 -5.01
CA ASN C 212 -35.18 -5.26 -5.65
C ASN C 212 -33.86 -5.90 -5.21
N SER C 213 -33.47 -6.98 -5.88
CA SER C 213 -32.24 -7.70 -5.60
C SER C 213 -31.30 -7.62 -6.80
N THR C 214 -30.13 -8.25 -6.67
CA THR C 214 -29.15 -8.28 -7.74
C THR C 214 -28.38 -9.59 -7.64
N SER C 215 -27.28 -9.69 -8.38
CA SER C 215 -26.47 -10.89 -8.40
C SER C 215 -25.03 -10.53 -8.73
N ILE C 216 -24.09 -11.27 -8.13
CA ILE C 216 -22.67 -11.07 -8.34
C ILE C 216 -22.05 -12.40 -8.76
N TYR C 217 -20.83 -12.31 -9.29
CA TYR C 217 -20.11 -13.50 -9.75
C TYR C 217 -18.62 -13.30 -9.54
N LEU C 218 -17.99 -14.24 -8.84
CA LEU C 218 -16.57 -14.19 -8.58
C LEU C 218 -15.99 -15.60 -8.67
N GLU C 219 -14.69 -15.68 -8.97
CA GLU C 219 -13.99 -16.94 -9.14
C GLU C 219 -12.69 -16.91 -8.34
N PRO C 220 -12.75 -17.17 -7.03
CA PRO C 220 -11.52 -17.24 -6.25
C PRO C 220 -10.76 -18.54 -6.53
N THR C 221 -9.43 -18.42 -6.59
CA THR C 221 -8.57 -19.55 -6.90
C THR C 221 -8.01 -20.14 -5.61
N PHE C 222 -8.09 -21.46 -5.48
CA PHE C 222 -7.59 -22.17 -4.31
C PHE C 222 -6.63 -23.26 -4.75
N ASN C 223 -5.57 -23.45 -3.96
CA ASN C 223 -4.60 -24.51 -4.22
C ASN C 223 -4.91 -25.73 -3.35
N VAL C 224 -5.96 -26.43 -3.75
CA VAL C 224 -6.45 -27.60 -3.02
C VAL C 224 -7.39 -28.38 -3.92
N PRO C 225 -7.27 -29.71 -3.99
CA PRO C 225 -8.20 -30.49 -4.82
C PRO C 225 -9.63 -30.37 -4.31
N SER C 226 -10.57 -30.69 -5.20
CA SER C 226 -11.99 -30.58 -4.88
C SER C 226 -12.43 -31.58 -3.82
N SER C 227 -11.61 -32.60 -3.53
CA SER C 227 -11.96 -33.56 -2.49
C SER C 227 -11.92 -32.92 -1.12
N GLU C 228 -10.83 -32.21 -0.81
CA GLU C 228 -10.71 -31.56 0.49
C GLU C 228 -11.47 -30.24 0.53
N LEU C 229 -11.61 -29.55 -0.60
CA LEU C 229 -12.34 -28.29 -0.61
C LEU C 229 -13.84 -28.49 -0.43
N TYR C 230 -14.37 -29.63 -0.88
CA TYR C 230 -15.78 -29.91 -0.70
C TYR C 230 -16.12 -30.15 0.76
N GLU C 231 -15.30 -30.95 1.44
CA GLU C 231 -15.52 -31.23 2.86
C GLU C 231 -15.24 -30.04 3.75
N THR C 232 -14.59 -28.99 3.23
CA THR C 232 -14.33 -27.79 4.03
C THR C 232 -15.62 -27.07 4.37
N PHE C 233 -16.56 -27.02 3.42
CA PHE C 233 -17.83 -26.34 3.62
C PHE C 233 -18.90 -27.22 4.23
N LEU C 234 -18.59 -28.49 4.52
CA LEU C 234 -19.57 -29.41 5.09
C LEU C 234 -19.19 -29.94 6.46
N ASP C 235 -17.93 -30.30 6.67
CA ASP C 235 -17.51 -30.85 7.95
C ASP C 235 -17.57 -29.76 9.02
N LYS C 236 -18.42 -29.99 10.03
CA LYS C 236 -18.61 -28.97 11.07
C LYS C 236 -17.33 -28.73 11.86
N GLN C 237 -16.48 -29.74 12.00
CA GLN C 237 -15.22 -29.54 12.69
C GLN C 237 -14.27 -28.64 11.90
N ARG C 238 -14.30 -28.76 10.57
CA ARG C 238 -13.46 -27.91 9.73
C ARG C 238 -14.08 -26.53 9.51
N ILE C 239 -15.41 -26.42 9.55
CA ILE C 239 -16.06 -25.14 9.37
C ILE C 239 -15.71 -24.20 10.53
N LEU C 240 -15.72 -24.73 11.75
CA LEU C 240 -15.39 -23.92 12.93
C LEU C 240 -13.96 -23.41 12.90
N ALA C 241 -13.09 -24.04 12.09
CA ALA C 241 -11.70 -23.61 12.03
C ALA C 241 -11.56 -22.27 11.33
N TRP C 242 -12.03 -22.17 10.09
CA TRP C 242 -11.89 -20.95 9.31
C TRP C 242 -12.96 -19.91 9.62
N THR C 243 -13.92 -20.23 10.49
CA THR C 243 -14.96 -19.28 10.88
C THR C 243 -14.83 -18.82 12.33
N ARG C 244 -14.40 -19.69 13.23
CA ARG C 244 -14.23 -19.42 14.66
C ARG C 244 -15.54 -19.01 15.33
N SER C 245 -16.67 -19.17 14.66
CA SER C 245 -17.98 -18.87 15.24
C SER C 245 -19.03 -19.61 14.44
N ALA C 246 -19.71 -20.56 15.07
CA ALA C 246 -20.70 -21.38 14.38
C ALA C 246 -21.68 -21.95 15.40
N GLN C 247 -22.93 -22.11 14.97
CA GLN C 247 -23.98 -22.67 15.81
C GLN C 247 -24.80 -23.64 14.95
N PHE C 248 -24.50 -24.93 15.07
CA PHE C 248 -25.20 -25.96 14.32
C PHE C 248 -26.37 -26.48 15.14
N PHE C 249 -27.54 -26.56 14.51
CA PHE C 249 -28.75 -27.00 15.20
C PHE C 249 -28.92 -28.51 15.21
N ASN C 250 -28.24 -29.22 14.32
CA ASN C 250 -28.32 -30.68 14.25
C ASN C 250 -27.05 -31.31 14.78
N SER C 251 -27.18 -32.55 15.25
CA SER C 251 -26.06 -33.29 15.82
C SER C 251 -25.32 -34.12 14.77
N GLY C 252 -25.53 -33.84 13.49
CA GLY C 252 -24.87 -34.56 12.42
C GLY C 252 -23.40 -34.25 12.34
N PRO C 253 -22.61 -35.19 11.79
CA PRO C 253 -21.17 -34.95 11.65
C PRO C 253 -20.85 -33.83 10.69
N LYS C 254 -21.48 -33.85 9.52
CA LYS C 254 -21.27 -32.83 8.48
C LYS C 254 -22.61 -32.26 8.06
N LEU C 255 -22.55 -31.24 7.21
CA LEU C 255 -23.77 -30.58 6.75
C LEU C 255 -24.52 -31.46 5.76
N GLU C 256 -25.84 -31.49 5.90
CA GLU C 256 -26.72 -32.26 5.04
C GLU C 256 -27.70 -31.31 4.33
N THR C 257 -28.51 -31.89 3.45
CA THR C 257 -29.49 -31.09 2.71
C THR C 257 -30.61 -30.64 3.63
N LYS C 258 -31.12 -29.43 3.36
CA LYS C 258 -32.20 -28.83 4.15
C LYS C 258 -31.81 -28.73 5.62
N GLU C 259 -30.63 -28.17 5.88
CA GLU C 259 -30.11 -28.03 7.24
C GLU C 259 -29.67 -26.59 7.46
N LYS C 260 -30.16 -25.98 8.52
CA LYS C 260 -29.85 -24.59 8.84
C LYS C 260 -28.72 -24.52 9.86
N PHE C 261 -27.95 -23.43 9.78
CA PHE C 261 -26.84 -23.20 10.71
C PHE C 261 -26.48 -21.72 10.67
N GLU C 262 -26.16 -21.18 11.84
CA GLU C 262 -25.81 -19.77 11.97
C GLU C 262 -24.29 -19.62 12.11
N LEU C 263 -23.75 -18.58 11.47
CA LEU C 263 -22.32 -18.32 11.49
C LEU C 263 -22.08 -16.89 11.95
N PHE C 264 -20.88 -16.67 12.51
CA PHE C 264 -20.42 -15.35 12.95
C PHE C 264 -21.37 -14.77 14.00
N GLY C 265 -21.51 -15.50 15.11
CA GLY C 265 -22.35 -15.04 16.20
C GLY C 265 -23.83 -14.99 15.90
N GLY C 266 -24.29 -15.74 14.90
CA GLY C 266 -25.69 -15.75 14.54
C GLY C 266 -26.12 -14.67 13.59
N ASN C 267 -25.19 -13.94 12.98
CA ASN C 267 -25.54 -12.90 12.02
C ASN C 267 -25.66 -13.43 10.60
N VAL C 268 -24.95 -14.51 10.28
CA VAL C 268 -25.00 -15.11 8.95
C VAL C 268 -25.81 -16.40 9.05
N ILE C 269 -26.94 -16.44 8.35
CA ILE C 269 -27.84 -17.60 8.34
C ILE C 269 -27.76 -18.24 6.96
N SER C 270 -27.23 -19.45 6.90
CA SER C 270 -27.11 -20.19 5.65
C SER C 270 -27.78 -21.55 5.79
N GLU C 271 -28.29 -22.06 4.67
CA GLU C 271 -28.98 -23.35 4.64
C GLU C 271 -28.54 -24.12 3.40
N LEU C 272 -28.04 -25.33 3.61
CA LEU C 272 -27.63 -26.20 2.51
C LEU C 272 -28.87 -26.89 1.95
N VAL C 273 -29.22 -26.58 0.70
CA VAL C 273 -30.39 -27.15 0.07
C VAL C 273 -30.06 -28.11 -1.07
N SER C 274 -28.88 -27.99 -1.67
CA SER C 274 -28.50 -28.87 -2.76
C SER C 274 -26.98 -28.94 -2.82
N CYS C 275 -26.46 -30.13 -3.13
CA CYS C 275 -25.02 -30.34 -3.19
C CYS C 275 -24.73 -31.60 -3.97
N GLU C 276 -23.74 -31.53 -4.85
CA GLU C 276 -23.25 -32.67 -5.61
C GLU C 276 -21.87 -33.08 -5.09
N LYS C 277 -21.47 -34.30 -5.44
CA LYS C 277 -20.22 -34.87 -4.94
C LYS C 277 -19.05 -34.13 -5.55
N ASP C 278 -18.45 -33.22 -4.78
CA ASP C 278 -17.26 -32.47 -5.15
C ASP C 278 -17.44 -31.66 -6.43
N LYS C 279 -18.68 -31.38 -6.84
CA LYS C 279 -18.91 -30.66 -8.08
C LYS C 279 -19.81 -29.44 -7.91
N LYS C 280 -20.81 -29.51 -7.03
CA LYS C 280 -21.78 -28.43 -6.89
C LYS C 280 -22.09 -28.21 -5.42
N LEU C 281 -22.29 -26.96 -5.05
CA LEU C 281 -22.69 -26.57 -3.69
C LEU C 281 -23.68 -25.42 -3.78
N VAL C 282 -24.88 -25.63 -3.26
CA VAL C 282 -25.94 -24.64 -3.28
C VAL C 282 -26.33 -24.33 -1.84
N PHE C 283 -26.18 -23.06 -1.45
CA PHE C 283 -26.53 -22.60 -0.11
C PHE C 283 -27.51 -21.43 -0.20
N HIS C 284 -28.35 -21.32 0.82
CA HIS C 284 -29.30 -20.20 0.94
C HIS C 284 -28.72 -19.20 1.93
N TRP C 285 -27.86 -18.33 1.43
CA TRP C 285 -27.21 -17.34 2.28
C TRP C 285 -28.18 -16.23 2.65
N LYS C 286 -28.13 -15.80 3.92
CA LYS C 286 -29.03 -14.77 4.40
C LYS C 286 -28.37 -14.06 5.58
N LEU C 287 -28.36 -12.72 5.54
CA LEU C 287 -27.80 -11.92 6.60
C LEU C 287 -28.88 -11.50 7.59
N LYS C 288 -28.50 -11.38 8.86
CA LYS C 288 -29.46 -10.99 9.89
C LYS C 288 -29.94 -9.56 9.68
N ASP C 289 -29.11 -8.70 9.09
CA ASP C 289 -29.52 -7.32 8.83
C ASP C 289 -30.57 -7.23 7.72
N TRP C 290 -30.64 -8.23 6.85
CA TRP C 290 -31.61 -8.20 5.76
C TRP C 290 -33.02 -8.42 6.30
N SER C 291 -34.00 -8.04 5.49
CA SER C 291 -35.40 -8.17 5.86
C SER C 291 -35.89 -9.59 5.53
N ALA C 292 -37.20 -9.81 5.66
CA ALA C 292 -37.74 -11.14 5.40
C ALA C 292 -37.83 -11.46 3.92
N PRO C 293 -38.36 -10.58 3.04
CA PRO C 293 -38.50 -10.97 1.62
C PRO C 293 -37.18 -11.07 0.88
N PHE C 294 -36.05 -10.91 1.58
CA PHE C 294 -34.73 -11.00 0.98
C PHE C 294 -34.05 -12.27 1.47
N ASN C 295 -33.61 -13.11 0.52
CA ASN C 295 -32.89 -14.34 0.85
C ASN C 295 -32.04 -14.70 -0.37
N SER C 296 -30.73 -14.65 -0.21
CA SER C 296 -29.82 -14.90 -1.32
C SER C 296 -29.52 -16.39 -1.46
N THR C 297 -28.95 -16.75 -2.60
CA THR C 297 -28.61 -18.13 -2.92
C THR C 297 -27.21 -18.17 -3.51
N ILE C 298 -26.34 -18.99 -2.91
CA ILE C 298 -24.96 -19.16 -3.38
C ILE C 298 -24.86 -20.46 -4.16
N GLU C 299 -24.26 -20.40 -5.34
CA GLU C 299 -24.04 -21.56 -6.18
C GLU C 299 -22.54 -21.70 -6.42
N MET C 300 -21.94 -22.73 -5.85
CA MET C 300 -20.50 -22.99 -5.96
C MET C 300 -20.26 -24.15 -6.90
N THR C 301 -19.36 -23.94 -7.87
CA THR C 301 -19.00 -24.97 -8.84
C THR C 301 -17.49 -25.19 -8.78
N PHE C 302 -17.09 -26.47 -8.75
CA PHE C 302 -15.68 -26.83 -8.65
C PHE C 302 -15.11 -27.07 -10.04
N HIS C 303 -13.93 -26.49 -10.31
CA HIS C 303 -13.24 -26.61 -11.58
C HIS C 303 -11.78 -26.98 -11.37
N GLU C 304 -11.56 -28.02 -10.55
CA GLU C 304 -10.20 -28.48 -10.25
C GLU C 304 -9.48 -28.88 -11.52
N SER C 305 -8.24 -28.38 -11.68
CA SER C 305 -7.40 -28.69 -12.82
C SER C 305 -6.12 -29.33 -12.32
N GLN C 306 -5.88 -30.57 -12.71
CA GLN C 306 -4.71 -31.32 -12.27
C GLN C 306 -3.43 -30.89 -12.98
N GLU C 307 -3.52 -30.02 -13.99
CA GLU C 307 -2.32 -29.55 -14.68
C GLU C 307 -1.51 -28.63 -13.80
N PHE C 308 -2.15 -27.70 -13.11
CA PHE C 308 -1.48 -26.76 -12.22
C PHE C 308 -1.73 -27.07 -10.75
N HIS C 309 -2.48 -28.13 -10.45
CA HIS C 309 -2.80 -28.51 -9.07
C HIS C 309 -3.49 -27.38 -8.32
N GLU C 310 -4.64 -26.98 -8.83
CA GLU C 310 -5.43 -25.90 -8.24
C GLU C 310 -6.90 -26.18 -8.49
N THR C 311 -7.76 -25.29 -7.99
CA THR C 311 -9.20 -25.43 -8.16
C THR C 311 -9.82 -24.04 -8.21
N LYS C 312 -10.59 -23.77 -9.26
CA LYS C 312 -11.30 -22.51 -9.41
C LYS C 312 -12.75 -22.72 -8.97
N LEU C 313 -13.11 -22.10 -7.84
CA LEU C 313 -14.44 -22.26 -7.27
C LEU C 313 -15.31 -21.13 -7.80
N GLN C 314 -15.99 -21.38 -8.92
CA GLN C 314 -16.89 -20.40 -9.51
C GLN C 314 -18.12 -20.24 -8.63
N VAL C 315 -18.31 -19.06 -8.08
CA VAL C 315 -19.40 -18.77 -7.16
C VAL C 315 -20.41 -17.89 -7.88
N LYS C 316 -21.60 -18.43 -8.14
CA LYS C 316 -22.70 -17.68 -8.74
C LYS C 316 -23.65 -17.30 -7.61
N TRP C 317 -23.50 -16.07 -7.11
CA TRP C 317 -24.26 -15.60 -5.96
C TRP C 317 -25.37 -14.68 -6.44
N THR C 318 -26.61 -15.05 -6.17
CA THR C 318 -27.78 -14.28 -6.55
C THR C 318 -28.70 -14.10 -5.36
N GLY C 319 -29.61 -13.15 -5.46
CA GLY C 319 -30.53 -12.83 -4.40
C GLY C 319 -30.06 -11.77 -3.43
N ILE C 320 -28.89 -11.19 -3.64
CA ILE C 320 -28.38 -10.15 -2.75
C ILE C 320 -29.12 -8.85 -3.03
N PRO C 321 -29.47 -8.06 -2.00
CA PRO C 321 -30.06 -6.75 -2.26
C PRO C 321 -29.12 -5.87 -3.08
N VAL C 322 -29.72 -4.85 -3.70
CA VAL C 322 -28.96 -3.97 -4.59
C VAL C 322 -27.90 -3.21 -3.82
N GLY C 323 -28.28 -2.63 -2.67
CA GLY C 323 -27.35 -1.89 -1.86
C GLY C 323 -26.56 -2.75 -0.90
N GLU C 324 -26.43 -4.04 -1.21
CA GLU C 324 -25.70 -4.97 -0.36
C GLU C 324 -24.74 -5.88 -1.12
N GLU C 325 -24.64 -5.74 -2.45
CA GLU C 325 -23.79 -6.64 -3.21
C GLU C 325 -22.30 -6.34 -2.96
N ASP C 326 -21.95 -5.07 -2.80
CA ASP C 326 -20.56 -4.73 -2.54
C ASP C 326 -20.14 -5.09 -1.12
N ARG C 327 -21.08 -5.10 -0.18
CA ARG C 327 -20.75 -5.45 1.20
C ARG C 327 -20.48 -6.94 1.34
N VAL C 328 -21.34 -7.78 0.75
CA VAL C 328 -21.18 -9.22 0.88
C VAL C 328 -20.03 -9.74 0.04
N ARG C 329 -19.65 -9.02 -1.03
CA ARG C 329 -18.56 -9.48 -1.88
C ARG C 329 -17.20 -9.16 -1.26
N ALA C 330 -17.07 -7.97 -0.67
CA ALA C 330 -15.81 -7.62 -0.02
C ALA C 330 -15.57 -8.49 1.21
N ASN C 331 -16.64 -8.86 1.93
CA ASN C 331 -16.49 -9.71 3.09
C ASN C 331 -16.33 -11.18 2.71
N PHE C 332 -16.83 -11.58 1.55
CA PHE C 332 -16.64 -12.95 1.09
C PHE C 332 -15.16 -13.22 0.80
N GLU C 333 -14.44 -12.21 0.32
CA GLU C 333 -13.00 -12.33 0.10
C GLU C 333 -12.20 -12.19 1.38
N GLU C 334 -12.86 -12.00 2.52
CA GLU C 334 -12.21 -11.88 3.82
C GLU C 334 -12.60 -12.98 4.79
N TYR C 335 -13.88 -13.36 4.81
CA TYR C 335 -14.36 -14.39 5.73
C TYR C 335 -14.47 -15.77 5.09
N TYR C 336 -14.46 -15.86 3.75
CA TYR C 336 -14.57 -17.13 3.05
C TYR C 336 -13.35 -17.46 2.22
N VAL C 337 -12.80 -16.49 1.49
CA VAL C 337 -11.67 -16.77 0.60
C VAL C 337 -10.36 -16.80 1.38
N ARG C 338 -10.02 -15.70 2.04
CA ARG C 338 -8.75 -15.64 2.76
C ARG C 338 -8.78 -16.46 4.04
N SER C 339 -9.95 -16.58 4.67
CA SER C 339 -10.03 -17.32 5.93
C SER C 339 -9.70 -18.79 5.75
N ILE C 340 -10.10 -19.37 4.60
CA ILE C 340 -9.80 -20.77 4.35
C ILE C 340 -8.35 -20.94 3.92
N LYS C 341 -7.83 -20.03 3.08
CA LYS C 341 -6.47 -20.13 2.59
C LYS C 341 -5.43 -19.86 3.67
N LEU C 342 -5.82 -19.29 4.81
CA LEU C 342 -4.91 -19.04 5.92
C LEU C 342 -5.05 -20.04 7.06
N THR C 343 -6.24 -20.58 7.27
CA THR C 343 -6.43 -21.57 8.32
C THR C 343 -5.92 -22.94 7.90
N PHE C 344 -6.30 -23.39 6.70
CA PHE C 344 -5.86 -24.66 6.18
C PHE C 344 -4.67 -24.55 5.23
N GLY C 345 -4.30 -23.34 4.83
CA GLY C 345 -3.16 -23.16 3.94
C GLY C 345 -3.44 -23.52 2.50
N PHE C 346 -4.64 -23.25 2.01
CA PHE C 346 -5.01 -23.57 0.63
C PHE C 346 -4.61 -22.45 -0.33
N GLY C 347 -3.34 -22.06 -0.30
CA GLY C 347 -2.85 -21.00 -1.16
C GLY C 347 -2.15 -19.92 -0.36
N ALA C 348 -1.11 -19.35 -0.93
CA ALA C 348 -0.33 -18.29 -0.30
C ALA C 348 -0.82 -16.93 -0.80
N VAL C 349 -0.99 -16.00 0.12
CA VAL C 349 -1.45 -14.65 -0.20
C VAL C 349 -0.44 -13.65 0.35
N LEU C 350 -0.37 -12.49 -0.32
CA LEU C 350 0.54 -11.44 0.10
C LEU C 350 0.09 -10.09 -0.48
N PRO D 206 23.81 43.81 -3.66
CA PRO D 206 23.88 42.37 -3.41
C PRO D 206 24.51 41.60 -4.57
N GLN D 207 25.51 40.78 -4.26
CA GLN D 207 26.22 40.00 -5.26
C GLN D 207 25.77 38.54 -5.22
N ASN D 208 26.22 37.78 -6.21
CA ASN D 208 25.89 36.36 -6.30
C ASN D 208 26.82 35.56 -5.41
N GLY D 209 26.24 34.77 -4.50
CA GLY D 209 27.00 33.96 -3.57
C GLY D 209 26.23 32.75 -3.13
N SER D 210 26.35 32.40 -1.85
CA SER D 210 25.67 31.25 -1.27
C SER D 210 24.97 31.66 0.01
N GLY D 211 24.18 30.75 0.56
CA GLY D 211 23.43 31.00 1.76
C GLY D 211 24.23 30.74 3.02
N ASN D 212 23.51 30.59 4.13
CA ASN D 212 24.10 30.36 5.43
C ASN D 212 24.14 28.86 5.74
N SER D 213 24.48 28.52 6.98
CA SER D 213 24.54 27.15 7.43
C SER D 213 23.61 26.95 8.62
N THR D 214 23.40 25.69 8.98
CA THR D 214 22.55 25.32 10.10
C THR D 214 23.18 24.13 10.81
N SER D 215 22.45 23.57 11.77
CA SER D 215 22.93 22.43 12.55
C SER D 215 21.76 21.56 12.96
N ILE D 216 22.03 20.26 13.09
CA ILE D 216 21.04 19.28 13.48
C ILE D 216 21.60 18.47 14.65
N TYR D 217 20.72 17.69 15.28
CA TYR D 217 21.11 16.86 16.41
C TYR D 217 20.25 15.60 16.42
N LEU D 218 20.91 14.44 16.41
CA LEU D 218 20.22 13.16 16.40
C LEU D 218 20.81 12.27 17.49
N GLU D 219 20.02 11.29 17.93
CA GLU D 219 20.44 10.33 18.94
C GLU D 219 19.96 8.94 18.56
N PRO D 220 20.59 8.32 17.56
CA PRO D 220 20.22 6.93 17.20
C PRO D 220 20.76 5.95 18.23
N THR D 221 19.90 5.06 18.69
CA THR D 221 20.24 4.07 19.70
C THR D 221 20.63 2.76 19.03
N PHE D 222 21.84 2.29 19.31
CA PHE D 222 22.36 1.06 18.74
C PHE D 222 22.60 0.04 19.84
N ASN D 223 22.29 -1.22 19.54
CA ASN D 223 22.52 -2.33 20.48
C ASN D 223 23.89 -2.93 20.17
N VAL D 224 24.92 -2.25 20.64
CA VAL D 224 26.31 -2.67 20.40
C VAL D 224 27.20 -1.95 21.41
N PRO D 225 28.19 -2.63 21.99
CA PRO D 225 29.12 -1.94 22.90
C PRO D 225 29.87 -0.82 22.19
N SER D 226 30.30 0.17 22.97
CA SER D 226 31.02 1.30 22.40
C SER D 226 32.34 0.88 21.79
N SER D 227 32.93 -0.22 22.28
CA SER D 227 34.19 -0.68 21.72
C SER D 227 34.01 -1.21 20.29
N GLU D 228 32.93 -1.97 20.06
CA GLU D 228 32.70 -2.52 18.72
C GLU D 228 32.14 -1.46 17.78
N LEU D 229 31.29 -0.56 18.28
CA LEU D 229 30.73 0.48 17.43
C LEU D 229 31.78 1.50 17.02
N TYR D 230 32.77 1.74 17.88
CA TYR D 230 33.85 2.67 17.53
C TYR D 230 34.71 2.10 16.41
N GLU D 231 34.97 0.80 16.43
CA GLU D 231 35.74 0.18 15.35
C GLU D 231 34.95 0.09 14.06
N THR D 232 33.62 0.20 14.12
CA THR D 232 32.82 0.12 12.90
C THR D 232 33.07 1.31 11.99
N PHE D 233 33.22 2.51 12.56
CA PHE D 233 33.44 3.71 11.77
C PHE D 233 34.90 3.92 11.38
N LEU D 234 35.80 3.01 11.78
CA LEU D 234 37.21 3.15 11.46
C LEU D 234 37.78 1.99 10.67
N ASP D 235 37.37 0.76 10.97
CA ASP D 235 37.88 -0.41 10.26
C ASP D 235 37.40 -0.37 8.81
N LYS D 236 38.34 -0.23 7.88
CA LYS D 236 37.98 -0.12 6.47
C LYS D 236 37.29 -1.39 5.96
N GLN D 237 37.63 -2.54 6.53
CA GLN D 237 36.94 -3.77 6.16
C GLN D 237 35.50 -3.77 6.64
N ARG D 238 35.25 -3.14 7.80
CA ARG D 238 33.89 -3.06 8.31
C ARG D 238 33.11 -1.91 7.69
N ILE D 239 33.80 -0.84 7.30
CA ILE D 239 33.12 0.30 6.68
C ILE D 239 32.51 -0.10 5.34
N LEU D 240 33.25 -0.88 4.54
CA LEU D 240 32.75 -1.31 3.24
C LEU D 240 31.51 -2.18 3.36
N ALA D 241 31.26 -2.78 4.52
CA ALA D 241 30.11 -3.65 4.68
C ALA D 241 28.81 -2.85 4.74
N TRP D 242 28.72 -1.88 5.66
CA TRP D 242 27.50 -1.10 5.82
C TRP D 242 27.38 0.06 4.85
N THR D 243 28.44 0.37 4.10
CA THR D 243 28.39 1.42 3.10
C THR D 243 28.23 0.90 1.69
N ARG D 244 28.74 -0.29 1.39
CA ARG D 244 28.69 -0.97 0.11
C ARG D 244 29.50 -0.27 -0.97
N SER D 245 30.12 0.87 -0.68
CA SER D 245 30.97 1.56 -1.64
C SER D 245 31.89 2.49 -0.87
N ALA D 246 33.19 2.18 -0.87
CA ALA D 246 34.16 2.98 -0.13
C ALA D 246 35.47 3.02 -0.90
N GLN D 247 36.08 4.20 -0.96
CA GLN D 247 37.35 4.42 -1.65
C GLN D 247 38.32 5.06 -0.68
N PHE D 248 39.32 4.29 -0.25
CA PHE D 248 40.35 4.77 0.65
C PHE D 248 41.64 5.04 -0.12
N PHE D 249 42.32 6.12 0.25
CA PHE D 249 43.52 6.55 -0.47
C PHE D 249 44.82 6.08 0.17
N ASN D 250 44.79 5.71 1.46
CA ASN D 250 45.98 5.26 2.15
C ASN D 250 45.90 3.76 2.40
N SER D 251 47.08 3.13 2.53
CA SER D 251 47.18 1.70 2.73
C SER D 251 46.93 1.28 4.18
N GLY D 252 46.59 2.20 5.07
CA GLY D 252 46.34 1.89 6.45
C GLY D 252 45.17 0.96 6.63
N PRO D 253 45.22 0.12 7.66
CA PRO D 253 44.11 -0.82 7.90
C PRO D 253 42.88 -0.14 8.49
N LYS D 254 43.09 0.88 9.31
CA LYS D 254 42.01 1.62 9.95
C LYS D 254 42.18 3.11 9.67
N LEU D 255 41.14 3.87 9.97
CA LEU D 255 41.17 5.31 9.75
C LEU D 255 42.03 6.01 10.79
N GLU D 256 42.70 7.07 10.37
CA GLU D 256 43.55 7.88 11.24
C GLU D 256 43.14 9.34 11.11
N THR D 257 43.82 10.18 11.88
CA THR D 257 43.53 11.62 11.85
C THR D 257 44.03 12.25 10.56
N LYS D 258 43.26 13.21 10.05
CA LYS D 258 43.60 13.94 8.82
C LYS D 258 43.76 12.98 7.64
N GLU D 259 42.75 12.13 7.45
CA GLU D 259 42.75 11.15 6.37
C GLU D 259 41.42 11.24 5.63
N LYS D 260 41.47 11.58 4.35
CA LYS D 260 40.28 11.70 3.53
C LYS D 260 39.92 10.36 2.88
N PHE D 261 38.62 10.15 2.67
CA PHE D 261 38.13 8.94 2.04
C PHE D 261 36.75 9.20 1.48
N GLU D 262 36.47 8.65 0.31
CA GLU D 262 35.20 8.83 -0.38
C GLU D 262 34.28 7.65 -0.12
N LEU D 263 33.01 7.94 0.11
CA LEU D 263 32.00 6.93 0.39
C LEU D 263 30.85 7.04 -0.60
N PHE D 264 30.17 5.91 -0.82
CA PHE D 264 29.00 5.82 -1.69
C PHE D 264 29.32 6.30 -3.11
N GLY D 265 30.26 5.60 -3.74
CA GLY D 265 30.64 5.90 -5.11
C GLY D 265 31.42 7.17 -5.29
N GLY D 266 31.86 7.81 -4.22
CA GLY D 266 32.61 9.04 -4.31
C GLY D 266 31.80 10.31 -4.14
N ASN D 267 30.50 10.20 -3.88
CA ASN D 267 29.67 11.38 -3.68
C ASN D 267 29.79 11.96 -2.27
N VAL D 268 30.19 11.15 -1.30
CA VAL D 268 30.34 11.58 0.09
C VAL D 268 31.84 11.59 0.43
N ILE D 269 32.36 12.78 0.72
CA ILE D 269 33.76 12.96 1.08
C ILE D 269 33.82 13.23 2.57
N SER D 270 34.51 12.36 3.30
CA SER D 270 34.66 12.47 4.74
C SER D 270 36.13 12.48 5.11
N GLU D 271 36.42 12.96 6.33
CA GLU D 271 37.80 13.06 6.80
C GLU D 271 37.79 13.06 8.32
N LEU D 272 38.53 12.13 8.93
CA LEU D 272 38.64 12.04 10.37
C LEU D 272 39.67 13.06 10.86
N VAL D 273 39.23 14.00 11.70
CA VAL D 273 40.10 15.03 12.23
C VAL D 273 40.38 14.89 13.71
N SER D 274 39.49 14.25 14.48
CA SER D 274 39.69 14.08 15.91
C SER D 274 38.87 12.90 16.38
N CYS D 275 39.43 12.11 17.29
CA CYS D 275 38.76 10.93 17.80
C CYS D 275 39.41 10.51 19.11
N GLU D 276 38.57 10.06 20.04
CA GLU D 276 39.02 9.53 21.32
C GLU D 276 38.77 8.03 21.38
N LYS D 277 39.32 7.40 22.42
CA LYS D 277 39.20 5.95 22.58
C LYS D 277 37.78 5.60 22.97
N ASP D 278 36.99 5.18 21.98
CA ASP D 278 35.61 4.73 22.17
C ASP D 278 34.72 5.81 22.79
N LYS D 279 35.11 7.07 22.68
CA LYS D 279 34.35 8.16 23.29
C LYS D 279 33.94 9.24 22.31
N LYS D 280 34.81 9.62 21.37
CA LYS D 280 34.53 10.73 20.47
C LYS D 280 34.92 10.36 19.05
N LEU D 281 34.15 10.84 18.08
CA LEU D 281 34.43 10.67 16.67
C LEU D 281 33.98 11.92 15.94
N VAL D 282 34.94 12.70 15.45
CA VAL D 282 34.66 13.96 14.75
C VAL D 282 35.12 13.81 13.31
N PHE D 283 34.19 14.02 12.37
CA PHE D 283 34.47 13.90 10.95
C PHE D 283 34.06 15.18 10.24
N HIS D 284 34.78 15.50 9.17
CA HIS D 284 34.43 16.60 8.28
C HIS D 284 33.62 16.03 7.13
N TRP D 285 32.32 16.32 7.11
CA TRP D 285 31.40 15.75 6.14
C TRP D 285 31.05 16.78 5.08
N LYS D 286 31.15 16.38 3.82
CA LYS D 286 30.79 17.24 2.71
C LYS D 286 30.26 16.39 1.57
N LEU D 287 29.24 16.89 0.88
CA LEU D 287 28.63 16.21 -0.23
C LEU D 287 29.20 16.72 -1.55
N LYS D 288 29.07 15.90 -2.60
CA LYS D 288 29.68 16.22 -3.89
C LYS D 288 29.00 17.43 -4.52
N ASP D 289 27.68 17.54 -4.42
CA ASP D 289 26.96 18.65 -5.03
C ASP D 289 27.11 19.96 -4.26
N TRP D 290 27.65 19.92 -3.05
CA TRP D 290 27.86 21.13 -2.28
C TRP D 290 28.95 21.99 -2.91
N SER D 291 28.92 23.28 -2.59
CA SER D 291 29.92 24.21 -3.10
C SER D 291 31.22 24.08 -2.31
N ALA D 292 32.20 24.90 -2.69
CA ALA D 292 33.50 24.84 -2.03
C ALA D 292 33.46 25.39 -0.60
N PRO D 293 32.86 26.57 -0.33
CA PRO D 293 32.89 27.07 1.06
C PRO D 293 32.17 26.19 2.05
N PHE D 294 31.08 25.53 1.64
CA PHE D 294 30.33 24.70 2.57
C PHE D 294 31.10 23.44 2.92
N ASN D 295 31.28 23.18 4.22
CA ASN D 295 31.96 21.98 4.69
C ASN D 295 31.45 21.70 6.10
N SER D 296 30.64 20.66 6.25
CA SER D 296 30.04 20.36 7.54
C SER D 296 30.98 19.52 8.39
N THR D 297 30.77 19.59 9.70
CA THR D 297 31.54 18.83 10.68
C THR D 297 30.58 18.07 11.58
N ILE D 298 30.71 16.75 11.59
CA ILE D 298 29.84 15.87 12.37
C ILE D 298 30.62 15.28 13.53
N GLU D 299 30.06 15.35 14.73
CA GLU D 299 30.68 14.81 15.93
C GLU D 299 29.84 13.66 16.45
N MET D 300 30.51 12.57 16.84
CA MET D 300 29.86 11.38 17.35
C MET D 300 30.34 11.13 18.77
N THR D 301 29.41 11.18 19.72
CA THR D 301 29.69 10.93 21.13
C THR D 301 29.01 9.64 21.57
N PHE D 302 29.77 8.74 22.17
CA PHE D 302 29.26 7.44 22.60
C PHE D 302 28.84 7.48 24.06
N HIS D 303 27.76 6.75 24.38
CA HIS D 303 27.25 6.64 25.74
C HIS D 303 26.81 5.20 25.94
N GLU D 304 27.70 4.37 26.47
CA GLU D 304 27.41 2.96 26.69
C GLU D 304 26.65 2.78 28.00
N SER D 305 25.52 2.10 27.94
CA SER D 305 24.69 1.82 29.11
C SER D 305 24.79 0.33 29.43
N GLN D 306 25.33 0.02 30.61
CA GLN D 306 25.48 -1.37 31.03
C GLN D 306 24.19 -1.96 31.57
N GLU D 307 23.23 -1.12 31.97
CA GLU D 307 21.98 -1.64 32.51
C GLU D 307 21.09 -2.19 31.42
N PHE D 308 20.99 -1.49 30.29
CA PHE D 308 20.14 -1.90 29.17
C PHE D 308 20.91 -2.50 28.01
N HIS D 309 22.25 -2.56 28.12
CA HIS D 309 23.11 -3.09 27.05
C HIS D 309 22.86 -2.38 25.73
N GLU D 310 22.89 -1.04 25.79
CA GLU D 310 22.66 -0.20 24.62
C GLU D 310 23.71 0.90 24.58
N THR D 311 23.75 1.62 23.46
CA THR D 311 24.71 2.70 23.26
C THR D 311 24.02 3.81 22.48
N LYS D 312 23.76 4.94 23.14
CA LYS D 312 23.15 6.10 22.51
C LYS D 312 24.25 6.95 21.90
N LEU D 313 24.29 7.02 20.57
CA LEU D 313 25.32 7.76 19.85
C LEU D 313 24.80 9.17 19.59
N GLN D 314 25.10 10.08 20.52
CA GLN D 314 24.70 11.48 20.37
C GLN D 314 25.49 12.10 19.23
N VAL D 315 24.79 12.48 18.15
CA VAL D 315 25.41 13.02 16.95
C VAL D 315 25.14 14.52 16.92
N LYS D 316 26.20 15.32 17.07
CA LYS D 316 26.12 16.78 16.97
C LYS D 316 26.72 17.17 15.63
N TRP D 317 25.86 17.46 14.66
CA TRP D 317 26.27 17.76 13.29
C TRP D 317 26.08 19.24 13.02
N THR D 318 27.17 19.92 12.66
CA THR D 318 27.16 21.34 12.37
C THR D 318 27.73 21.59 10.98
N GLY D 319 27.46 22.77 10.45
CA GLY D 319 27.97 23.15 9.14
C GLY D 319 27.13 22.69 7.97
N ILE D 320 25.88 22.31 8.21
CA ILE D 320 24.99 21.84 7.15
C ILE D 320 24.37 23.05 6.46
N PRO D 321 24.30 23.07 5.13
CA PRO D 321 23.61 24.17 4.45
C PRO D 321 22.14 24.25 4.86
N VAL D 322 21.55 25.42 4.64
CA VAL D 322 20.17 25.64 5.03
C VAL D 322 19.23 24.76 4.20
N GLY D 323 19.43 24.76 2.88
CA GLY D 323 18.59 23.94 2.02
C GLY D 323 18.87 22.46 2.11
N GLU D 324 20.08 22.08 2.51
CA GLU D 324 20.48 20.68 2.62
C GLU D 324 20.27 20.12 4.02
N GLU D 325 19.41 20.73 4.83
CA GLU D 325 19.22 20.28 6.20
C GLU D 325 18.44 18.97 6.25
N ASP D 326 17.24 18.95 5.65
CA ASP D 326 16.41 17.75 5.69
C ASP D 326 16.96 16.62 4.83
N ARG D 327 17.79 16.93 3.83
CA ARG D 327 18.34 15.88 2.98
C ARG D 327 19.37 15.04 3.72
N VAL D 328 20.27 15.70 4.45
CA VAL D 328 21.32 14.97 5.18
C VAL D 328 20.81 14.31 6.45
N ARG D 329 19.57 14.60 6.86
CA ARG D 329 19.00 14.00 8.06
C ARG D 329 18.23 12.72 7.75
N ALA D 330 17.44 12.71 6.67
CA ALA D 330 16.70 11.51 6.30
C ALA D 330 17.64 10.43 5.78
N ASN D 331 18.61 10.80 4.95
CA ASN D 331 19.55 9.83 4.42
C ASN D 331 20.52 9.32 5.47
N PHE D 332 20.76 10.09 6.53
CA PHE D 332 21.63 9.62 7.61
C PHE D 332 21.00 8.43 8.33
N GLU D 333 19.68 8.43 8.49
CA GLU D 333 18.98 7.30 9.09
C GLU D 333 18.89 6.11 8.14
N GLU D 334 19.20 6.28 6.87
CA GLU D 334 19.16 5.21 5.88
C GLU D 334 20.54 4.65 5.55
N TYR D 335 21.53 5.51 5.39
CA TYR D 335 22.87 5.06 5.02
C TYR D 335 23.80 4.87 6.21
N TYR D 336 23.46 5.41 7.37
CA TYR D 336 24.30 5.29 8.56
C TYR D 336 23.62 4.56 9.70
N VAL D 337 22.38 4.91 10.02
CA VAL D 337 21.71 4.31 11.17
C VAL D 337 21.19 2.91 10.83
N ARG D 338 20.28 2.82 9.86
CA ARG D 338 19.68 1.53 9.53
C ARG D 338 20.63 0.63 8.76
N SER D 339 21.63 1.19 8.07
CA SER D 339 22.57 0.35 7.33
C SER D 339 23.43 -0.47 8.27
N ILE D 340 23.88 0.12 9.38
CA ILE D 340 24.70 -0.61 10.33
C ILE D 340 23.87 -1.62 11.11
N LYS D 341 22.63 -1.23 11.46
CA LYS D 341 21.76 -2.13 12.23
C LYS D 341 21.40 -3.38 11.43
N LEU D 342 21.32 -3.28 10.11
CA LEU D 342 20.95 -4.42 9.28
C LEU D 342 22.16 -5.22 8.80
N THR D 343 23.34 -4.62 8.75
CA THR D 343 24.53 -5.31 8.29
C THR D 343 25.21 -6.09 9.41
N PHE D 344 25.37 -5.49 10.59
CA PHE D 344 26.04 -6.12 11.71
C PHE D 344 25.07 -6.58 12.80
N GLY D 345 23.78 -6.31 12.65
CA GLY D 345 22.81 -6.72 13.65
C GLY D 345 22.88 -5.92 14.94
N PHE D 346 23.18 -4.63 14.85
CA PHE D 346 23.30 -3.77 16.02
C PHE D 346 21.99 -3.09 16.39
N GLY D 347 20.86 -3.58 15.88
CA GLY D 347 19.58 -2.98 16.19
C GLY D 347 18.43 -3.58 15.39
N ALA D 348 17.25 -3.64 16.00
CA ALA D 348 16.07 -4.20 15.34
C ALA D 348 15.37 -3.10 14.56
N VAL D 349 15.20 -3.32 13.25
CA VAL D 349 14.56 -2.37 12.36
C VAL D 349 13.28 -3.02 11.82
N LEU D 350 12.17 -2.29 11.94
CA LEU D 350 10.88 -2.79 11.45
C LEU D 350 10.22 -1.77 10.53
#